data_1YXN
# 
_entry.id   1YXN 
# 
_audit_conform.dict_name       mmcif_pdbx.dic 
_audit_conform.dict_version    5.387 
_audit_conform.dict_location   http://mmcif.pdb.org/dictionaries/ascii/mmcif_pdbx.dic 
# 
loop_
_database_2.database_id 
_database_2.database_code 
_database_2.pdbx_database_accession 
_database_2.pdbx_DOI 
PDB   1YXN         pdb_00001yxn 10.2210/pdb1yxn/pdb 
RCSB  RCSB032041   ?            ?                   
WWPDB D_1000032041 ?            ?                   
# 
loop_
_pdbx_audit_revision_history.ordinal 
_pdbx_audit_revision_history.data_content_type 
_pdbx_audit_revision_history.major_revision 
_pdbx_audit_revision_history.minor_revision 
_pdbx_audit_revision_history.revision_date 
1 'Structure model' 1 0 2005-04-26 
2 'Structure model' 1 1 2008-04-30 
3 'Structure model' 1 2 2011-07-13 
4 'Structure model' 1 3 2018-07-18 
5 'Structure model' 1 4 2019-11-06 
6 'Structure model' 1 5 2024-02-14 
# 
_pdbx_audit_revision_details.ordinal             1 
_pdbx_audit_revision_details.revision_ordinal    1 
_pdbx_audit_revision_details.data_content_type   'Structure model' 
_pdbx_audit_revision_details.provider            repository 
_pdbx_audit_revision_details.type                'Initial release' 
_pdbx_audit_revision_details.description         ? 
_pdbx_audit_revision_details.details             ? 
# 
loop_
_pdbx_audit_revision_group.ordinal 
_pdbx_audit_revision_group.revision_ordinal 
_pdbx_audit_revision_group.data_content_type 
_pdbx_audit_revision_group.group 
1 2 'Structure model' 'Version format compliance' 
2 3 'Structure model' 'Version format compliance' 
3 4 'Structure model' 'Data collection'           
4 5 'Structure model' 'Data collection'           
5 5 'Structure model' Other                       
6 6 'Structure model' 'Database references'       
7 6 'Structure model' 'Derived calculations'      
# 
loop_
_pdbx_audit_revision_category.ordinal 
_pdbx_audit_revision_category.revision_ordinal 
_pdbx_audit_revision_category.data_content_type 
_pdbx_audit_revision_category.category 
1 4 'Structure model' em_image_scans        
2 4 'Structure model' em_software           
3 5 'Structure model' atom_sites            
4 5 'Structure model' cell                  
5 6 'Structure model' database_2            
6 6 'Structure model' pdbx_struct_oper_list 
# 
loop_
_pdbx_audit_revision_item.ordinal 
_pdbx_audit_revision_item.revision_ordinal 
_pdbx_audit_revision_item.data_content_type 
_pdbx_audit_revision_item.item 
1  4 'Structure model' '_em_software.image_processing_id'          
2  4 'Structure model' '_em_software.name'                         
3  5 'Structure model' '_atom_sites.fract_transf_matrix[1][1]'     
4  5 'Structure model' '_atom_sites.fract_transf_matrix[2][2]'     
5  5 'Structure model' '_atom_sites.fract_transf_matrix[3][3]'     
6  5 'Structure model' '_cell.Z_PDB'                               
7  5 'Structure model' '_cell.length_a'                            
8  5 'Structure model' '_cell.length_b'                            
9  5 'Structure model' '_cell.length_c'                            
10 6 'Structure model' '_database_2.pdbx_DOI'                      
11 6 'Structure model' '_database_2.pdbx_database_accession'       
12 6 'Structure model' '_pdbx_struct_oper_list.name'               
13 6 'Structure model' '_pdbx_struct_oper_list.symmetry_operation' 
14 6 'Structure model' '_pdbx_struct_oper_list.type'               
# 
_pdbx_database_status.status_code                     REL 
_pdbx_database_status.entry_id                        1YXN 
_pdbx_database_status.recvd_initial_deposition_date   2005-02-22 
_pdbx_database_status.deposit_site                    RCSB 
_pdbx_database_status.process_site                    RCSB 
_pdbx_database_status.status_code_sf                  ? 
_pdbx_database_status.status_code_mr                  ? 
_pdbx_database_status.SG_entry                        ? 
_pdbx_database_status.pdb_format_compatible           Y 
_pdbx_database_status.status_code_cs                  ? 
_pdbx_database_status.methods_development_category    ? 
_pdbx_database_status.status_code_nmr_data            ? 
# 
loop_
_pdbx_database_related.db_name 
_pdbx_database_related.db_id 
_pdbx_database_related.details 
_pdbx_database_related.content_type 
PDB  1OHG     
;The atomic coordinates of the capsid protein of HK97, which were fitted into the phi29 cryo-EM density and constitute one domain of the pseudo-atomic model of the phi29 capsid protein gp8.
;
unspecified            
PDB  1F00     
;The atomic coordinates of of intimin. Residues 757-831, which comprise the BIG2 domain of intimin, were fitted into the phi29 cryo-EM density and constitute one domain of the pseudo-atomic model of the phi29 capsid protein gp8.
;
unspecified            
EMDB EMD-1116 . 'other EM volume'      
EMDB EMD-1120 . 'associated EM volume' 
# 
loop_
_audit_author.name 
_audit_author.pdbx_ordinal 
'Morais, M.C.'   1 
'Choi, K.H.'     2 
'Koti, J.S.'     3 
'Chipman, P.R.'  4 
'Anderson, D.L.' 5 
'Rossmann, M.G.' 6 
# 
_citation.id                        primary 
_citation.title                     
'Conservation of the Capsid Structure in Tailed dsDNA Bacteriophages: the Pseudoatomic Structure of phi29' 
_citation.journal_abbrev            Mol.Cell 
_citation.journal_volume            18 
_citation.page_first                149 
_citation.page_last                 159 
_citation.year                      2005 
_citation.journal_id_ASTM           MOCEFL 
_citation.country                   US 
_citation.journal_id_ISSN           1097-2765 
_citation.journal_id_CSD            2168 
_citation.book_publisher            ? 
_citation.pdbx_database_id_PubMed   15837419 
_citation.pdbx_database_id_DOI      10.1016/j.molcel.2005.03.013 
# 
loop_
_citation_author.citation_id 
_citation_author.name 
_citation_author.ordinal 
_citation_author.identifier_ORCID 
primary 'Morais, M.C.'   1 ? 
primary 'Choi, K.H.'     2 ? 
primary 'Koti, J.S.'     3 ? 
primary 'Chipman, P.R.'  4 ? 
primary 'Anderson, D.L.' 5 ? 
primary 'Rossmann, M.G.' 6 ? 
# 
_entity.id                         1 
_entity.type                       polymer 
_entity.src_method                 man 
_entity.pdbx_description           'Major head protein' 
_entity.formula_weight             30655.668 
_entity.pdbx_number_of_molecules   3 
_entity.pdbx_ec                    ? 
_entity.pdbx_mutation              ? 
_entity.pdbx_fragment              ? 
_entity.details                    ? 
# 
_entity_name_com.entity_id   1 
_entity_name_com.name        'Late protein Gp8' 
# 
_entity_poly.entity_id                      1 
_entity_poly.type                           'polypeptide(L)' 
_entity_poly.nstd_linkage                   no 
_entity_poly.nstd_monomer                   no 
_entity_poly.pdbx_seq_one_letter_code       
;(UNK)(UNK)(UNK)(UNK)(UNK)(UNK)(UNK)(UNK)(UNK)(UNK)(UNK)(UNK)(UNK)(UNK)(UNK)(UNK)
(UNK)(UNK)(UNK)(UNK)(UNK)(UNK)(UNK)(UNK)(UNK)(UNK)(UNK)(UNK)(UNK)(UNK)(UNK)(UNK)
(UNK)(UNK)(UNK)(UNK)(UNK)(UNK)(UNK)(UNK)(UNK)(UNK)(UNK)(UNK)(UNK)(UNK)(UNK)(UNK)
(UNK)(UNK)(UNK)(UNK)(UNK)(UNK)(UNK)(UNK)(UNK)(UNK)(UNK)(UNK)(UNK)(UNK)(UNK)(UNK)
(UNK)(UNK)(UNK)(UNK)(UNK)(UNK)(UNK)(UNK)(UNK)(UNK)(UNK)(UNK)(UNK)(UNK)(UNK)(UNK)
(UNK)(UNK)(UNK)(UNK)(UNK)(UNK)(UNK)(UNK)(UNK)(UNK)(UNK)(UNK)(UNK)(UNK)(UNK)(UNK)
(UNK)(UNK)(UNK)(UNK)(UNK)(UNK)(UNK)(UNK)(UNK)(UNK)(UNK)(UNK)(UNK)(UNK)(UNK)(UNK)
(UNK)(UNK)(UNK)(UNK)(UNK)(UNK)(UNK)(UNK)(UNK)(UNK)(UNK)(UNK)(UNK)(UNK)(UNK)(UNK)
(UNK)(UNK)(UNK)(UNK)(UNK)(UNK)(UNK)(UNK)(UNK)(UNK)(UNK)(UNK)(UNK)(UNK)(UNK)(UNK)
(UNK)(UNK)(UNK)(UNK)(UNK)(UNK)(UNK)(UNK)(UNK)(UNK)(UNK)(UNK)(UNK)(UNK)(UNK)(UNK)
(UNK)(UNK)(UNK)(UNK)(UNK)(UNK)(UNK)(UNK)(UNK)(UNK)(UNK)(UNK)(UNK)(UNK)(UNK)(UNK)
(UNK)(UNK)(UNK)(UNK)(UNK)(UNK)(UNK)(UNK)(UNK)(UNK)(UNK)(UNK)(UNK)(UNK)(UNK)(UNK)
(UNK)(UNK)(UNK)(UNK)(UNK)(UNK)(UNK)(UNK)(UNK)(UNK)(UNK)(UNK)(UNK)(UNK)(UNK)(UNK)
(UNK)(UNK)(UNK)(UNK)(UNK)(UNK)(UNK)(UNK)(UNK)(UNK)(UNK)(UNK)(UNK)(UNK)(UNK)(UNK)
(UNK)(UNK)(UNK)(UNK)(UNK)(UNK)(UNK)(UNK)(UNK)(UNK)(UNK)(UNK)(UNK)(UNK)(UNK)(UNK)
(UNK)(UNK)(UNK)(UNK)(UNK)(UNK)(UNK)(UNK)(UNK)(UNK)(UNK)(UNK)(UNK)(UNK)(UNK)(UNK)
(UNK)(UNK)(UNK)(UNK)(UNK)(UNK)(UNK)(UNK)(UNK)(UNK)(UNK)(UNK)(UNK)(UNK)(UNK)(UNK)
(UNK)(UNK)(UNK)(UNK)(UNK)(UNK)(UNK)(UNK)(UNK)(UNK)(UNK)(UNK)(UNK)(UNK)(UNK)(UNK)
(UNK)(UNK)(UNK)(UNK)(UNK)(UNK)(UNK)(UNK)(UNK)(UNK)(UNK)(UNK)(UNK)(UNK)(UNK)(UNK)
(UNK)(UNK)(UNK)(UNK)(UNK)(UNK)(UNK)(UNK)(UNK)(UNK)(UNK)(UNK)(UNK)(UNK)(UNK)(UNK)
(UNK)(UNK)(UNK)(UNK)(UNK)(UNK)(UNK)(UNK)(UNK)(UNK)(UNK)(UNK)(UNK)(UNK)(UNK)(UNK)
(UNK)(UNK)(UNK)(UNK)(UNK)(UNK)(UNK)(UNK)(UNK)(UNK)(UNK)(UNK)(UNK)(UNK)(UNK)(UNK)
(UNK)(UNK)(UNK)(UNK)(UNK)(UNK)(UNK)(UNK)
;
_entity_poly.pdbx_seq_one_letter_code_can   
;XXXXXXXXXXXXXXXXXXXXXXXXXXXXXXXXXXXXXXXXXXXXXXXXXXXXXXXXXXXXXXXXXXXXXXXXXXXXXXXX
XXXXXXXXXXXXXXXXXXXXXXXXXXXXXXXXXXXXXXXXXXXXXXXXXXXXXXXXXXXXXXXXXXXXXXXXXXXXXXXX
XXXXXXXXXXXXXXXXXXXXXXXXXXXXXXXXXXXXXXXXXXXXXXXXXXXXXXXXXXXXXXXXXXXXXXXXXXXXXXXX
XXXXXXXXXXXXXXXXXXXXXXXXXXXXXXXXXXXXXXXXXXXXXXXXXXXXXXXXXXXXXXXXXXXXXXXXXXXXXXXX
XXXXXXXXXXXXXXXXXXXXXXXXXXXXXXXXXXXXXXXX
;
_entity_poly.pdbx_strand_id                 A,B,C 
_entity_poly.pdbx_target_identifier         ? 
# 
loop_
_entity_poly_seq.entity_id 
_entity_poly_seq.num 
_entity_poly_seq.mon_id 
_entity_poly_seq.hetero 
1 1   UNK n 
1 2   UNK n 
1 3   UNK n 
1 4   UNK n 
1 5   UNK n 
1 6   UNK n 
1 7   UNK n 
1 8   UNK n 
1 9   UNK n 
1 10  UNK n 
1 11  UNK n 
1 12  UNK n 
1 13  UNK n 
1 14  UNK n 
1 15  UNK n 
1 16  UNK n 
1 17  UNK n 
1 18  UNK n 
1 19  UNK n 
1 20  UNK n 
1 21  UNK n 
1 22  UNK n 
1 23  UNK n 
1 24  UNK n 
1 25  UNK n 
1 26  UNK n 
1 27  UNK n 
1 28  UNK n 
1 29  UNK n 
1 30  UNK n 
1 31  UNK n 
1 32  UNK n 
1 33  UNK n 
1 34  UNK n 
1 35  UNK n 
1 36  UNK n 
1 37  UNK n 
1 38  UNK n 
1 39  UNK n 
1 40  UNK n 
1 41  UNK n 
1 42  UNK n 
1 43  UNK n 
1 44  UNK n 
1 45  UNK n 
1 46  UNK n 
1 47  UNK n 
1 48  UNK n 
1 49  UNK n 
1 50  UNK n 
1 51  UNK n 
1 52  UNK n 
1 53  UNK n 
1 54  UNK n 
1 55  UNK n 
1 56  UNK n 
1 57  UNK n 
1 58  UNK n 
1 59  UNK n 
1 60  UNK n 
1 61  UNK n 
1 62  UNK n 
1 63  UNK n 
1 64  UNK n 
1 65  UNK n 
1 66  UNK n 
1 67  UNK n 
1 68  UNK n 
1 69  UNK n 
1 70  UNK n 
1 71  UNK n 
1 72  UNK n 
1 73  UNK n 
1 74  UNK n 
1 75  UNK n 
1 76  UNK n 
1 77  UNK n 
1 78  UNK n 
1 79  UNK n 
1 80  UNK n 
1 81  UNK n 
1 82  UNK n 
1 83  UNK n 
1 84  UNK n 
1 85  UNK n 
1 86  UNK n 
1 87  UNK n 
1 88  UNK n 
1 89  UNK n 
1 90  UNK n 
1 91  UNK n 
1 92  UNK n 
1 93  UNK n 
1 94  UNK n 
1 95  UNK n 
1 96  UNK n 
1 97  UNK n 
1 98  UNK n 
1 99  UNK n 
1 100 UNK n 
1 101 UNK n 
1 102 UNK n 
1 103 UNK n 
1 104 UNK n 
1 105 UNK n 
1 106 UNK n 
1 107 UNK n 
1 108 UNK n 
1 109 UNK n 
1 110 UNK n 
1 111 UNK n 
1 112 UNK n 
1 113 UNK n 
1 114 UNK n 
1 115 UNK n 
1 116 UNK n 
1 117 UNK n 
1 118 UNK n 
1 119 UNK n 
1 120 UNK n 
1 121 UNK n 
1 122 UNK n 
1 123 UNK n 
1 124 UNK n 
1 125 UNK n 
1 126 UNK n 
1 127 UNK n 
1 128 UNK n 
1 129 UNK n 
1 130 UNK n 
1 131 UNK n 
1 132 UNK n 
1 133 UNK n 
1 134 UNK n 
1 135 UNK n 
1 136 UNK n 
1 137 UNK n 
1 138 UNK n 
1 139 UNK n 
1 140 UNK n 
1 141 UNK n 
1 142 UNK n 
1 143 UNK n 
1 144 UNK n 
1 145 UNK n 
1 146 UNK n 
1 147 UNK n 
1 148 UNK n 
1 149 UNK n 
1 150 UNK n 
1 151 UNK n 
1 152 UNK n 
1 153 UNK n 
1 154 UNK n 
1 155 UNK n 
1 156 UNK n 
1 157 UNK n 
1 158 UNK n 
1 159 UNK n 
1 160 UNK n 
1 161 UNK n 
1 162 UNK n 
1 163 UNK n 
1 164 UNK n 
1 165 UNK n 
1 166 UNK n 
1 167 UNK n 
1 168 UNK n 
1 169 UNK n 
1 170 UNK n 
1 171 UNK n 
1 172 UNK n 
1 173 UNK n 
1 174 UNK n 
1 175 UNK n 
1 176 UNK n 
1 177 UNK n 
1 178 UNK n 
1 179 UNK n 
1 180 UNK n 
1 181 UNK n 
1 182 UNK n 
1 183 UNK n 
1 184 UNK n 
1 185 UNK n 
1 186 UNK n 
1 187 UNK n 
1 188 UNK n 
1 189 UNK n 
1 190 UNK n 
1 191 UNK n 
1 192 UNK n 
1 193 UNK n 
1 194 UNK n 
1 195 UNK n 
1 196 UNK n 
1 197 UNK n 
1 198 UNK n 
1 199 UNK n 
1 200 UNK n 
1 201 UNK n 
1 202 UNK n 
1 203 UNK n 
1 204 UNK n 
1 205 UNK n 
1 206 UNK n 
1 207 UNK n 
1 208 UNK n 
1 209 UNK n 
1 210 UNK n 
1 211 UNK n 
1 212 UNK n 
1 213 UNK n 
1 214 UNK n 
1 215 UNK n 
1 216 UNK n 
1 217 UNK n 
1 218 UNK n 
1 219 UNK n 
1 220 UNK n 
1 221 UNK n 
1 222 UNK n 
1 223 UNK n 
1 224 UNK n 
1 225 UNK n 
1 226 UNK n 
1 227 UNK n 
1 228 UNK n 
1 229 UNK n 
1 230 UNK n 
1 231 UNK n 
1 232 UNK n 
1 233 UNK n 
1 234 UNK n 
1 235 UNK n 
1 236 UNK n 
1 237 UNK n 
1 238 UNK n 
1 239 UNK n 
1 240 UNK n 
1 241 UNK n 
1 242 UNK n 
1 243 UNK n 
1 244 UNK n 
1 245 UNK n 
1 246 UNK n 
1 247 UNK n 
1 248 UNK n 
1 249 UNK n 
1 250 UNK n 
1 251 UNK n 
1 252 UNK n 
1 253 UNK n 
1 254 UNK n 
1 255 UNK n 
1 256 UNK n 
1 257 UNK n 
1 258 UNK n 
1 259 UNK n 
1 260 UNK n 
1 261 UNK n 
1 262 UNK n 
1 263 UNK n 
1 264 UNK n 
1 265 UNK n 
1 266 UNK n 
1 267 UNK n 
1 268 UNK n 
1 269 UNK n 
1 270 UNK n 
1 271 UNK n 
1 272 UNK n 
1 273 UNK n 
1 274 UNK n 
1 275 UNK n 
1 276 UNK n 
1 277 UNK n 
1 278 UNK n 
1 279 UNK n 
1 280 UNK n 
1 281 UNK n 
1 282 UNK n 
1 283 UNK n 
1 284 UNK n 
1 285 UNK n 
1 286 UNK n 
1 287 UNK n 
1 288 UNK n 
1 289 UNK n 
1 290 UNK n 
1 291 UNK n 
1 292 UNK n 
1 293 UNK n 
1 294 UNK n 
1 295 UNK n 
1 296 UNK n 
1 297 UNK n 
1 298 UNK n 
1 299 UNK n 
1 300 UNK n 
1 301 UNK n 
1 302 UNK n 
1 303 UNK n 
1 304 UNK n 
1 305 UNK n 
1 306 UNK n 
1 307 UNK n 
1 308 UNK n 
1 309 UNK n 
1 310 UNK n 
1 311 UNK n 
1 312 UNK n 
1 313 UNK n 
1 314 UNK n 
1 315 UNK n 
1 316 UNK n 
1 317 UNK n 
1 318 UNK n 
1 319 UNK n 
1 320 UNK n 
1 321 UNK n 
1 322 UNK n 
1 323 UNK n 
1 324 UNK n 
1 325 UNK n 
1 326 UNK n 
1 327 UNK n 
1 328 UNK n 
1 329 UNK n 
1 330 UNK n 
1 331 UNK n 
1 332 UNK n 
1 333 UNK n 
1 334 UNK n 
1 335 UNK n 
1 336 UNK n 
1 337 UNK n 
1 338 UNK n 
1 339 UNK n 
1 340 UNK n 
1 341 UNK n 
1 342 UNK n 
1 343 UNK n 
1 344 UNK n 
1 345 UNK n 
1 346 UNK n 
1 347 UNK n 
1 348 UNK n 
1 349 UNK n 
1 350 UNK n 
1 351 UNK n 
1 352 UNK n 
1 353 UNK n 
1 354 UNK n 
1 355 UNK n 
1 356 UNK n 
1 357 UNK n 
1 358 UNK n 
1 359 UNK n 
1 360 UNK n 
# 
_entity_src_gen.entity_id                          1 
_entity_src_gen.pdbx_src_id                        1 
_entity_src_gen.pdbx_alt_source_flag               sample 
_entity_src_gen.pdbx_seq_type                      ? 
_entity_src_gen.pdbx_beg_seq_num                   ? 
_entity_src_gen.pdbx_end_seq_num                   ? 
_entity_src_gen.gene_src_common_name               ? 
_entity_src_gen.gene_src_genus                     'Phi29-like viruses' 
_entity_src_gen.pdbx_gene_src_gene                 8 
_entity_src_gen.gene_src_species                   ? 
_entity_src_gen.gene_src_strain                    ? 
_entity_src_gen.gene_src_tissue                    ? 
_entity_src_gen.gene_src_tissue_fraction           ? 
_entity_src_gen.gene_src_details                   ? 
_entity_src_gen.pdbx_gene_src_fragment             ? 
_entity_src_gen.pdbx_gene_src_scientific_name      'Bacillus phage phi29' 
_entity_src_gen.pdbx_gene_src_ncbi_taxonomy_id     10756 
_entity_src_gen.pdbx_gene_src_variant              ? 
_entity_src_gen.pdbx_gene_src_cell_line            phi29 
_entity_src_gen.pdbx_gene_src_atcc                 ? 
_entity_src_gen.pdbx_gene_src_organ                ? 
_entity_src_gen.pdbx_gene_src_organelle            ? 
_entity_src_gen.pdbx_gene_src_cell                 ? 
_entity_src_gen.pdbx_gene_src_cellular_location    ? 
_entity_src_gen.host_org_common_name               ? 
_entity_src_gen.pdbx_host_org_scientific_name      'Bacillus subtilis' 
_entity_src_gen.pdbx_host_org_ncbi_taxonomy_id     1423 
_entity_src_gen.host_org_genus                     Bacillus 
_entity_src_gen.pdbx_host_org_gene                 ? 
_entity_src_gen.pdbx_host_org_organ                ? 
_entity_src_gen.host_org_species                   ? 
_entity_src_gen.pdbx_host_org_tissue               ? 
_entity_src_gen.pdbx_host_org_tissue_fraction      ? 
_entity_src_gen.pdbx_host_org_strain               ? 
_entity_src_gen.pdbx_host_org_variant              ? 
_entity_src_gen.pdbx_host_org_cell_line            ? 
_entity_src_gen.pdbx_host_org_atcc                 ? 
_entity_src_gen.pdbx_host_org_culture_collection   ? 
_entity_src_gen.pdbx_host_org_cell                 ? 
_entity_src_gen.pdbx_host_org_organelle            ? 
_entity_src_gen.pdbx_host_org_cellular_location    ? 
_entity_src_gen.pdbx_host_org_vector_type          ? 
_entity_src_gen.pdbx_host_org_vector               ? 
_entity_src_gen.host_org_details                   ? 
_entity_src_gen.expression_system_id               ? 
_entity_src_gen.plasmid_name                       ? 
_entity_src_gen.plasmid_details                    ? 
_entity_src_gen.pdbx_description                   ? 
# 
_chem_comp.id               UNK 
_chem_comp.type             'L-peptide linking' 
_chem_comp.mon_nstd_flag    . 
_chem_comp.name             UNKNOWN 
_chem_comp.pdbx_synonyms    ? 
_chem_comp.formula          'C4 H9 N O2' 
_chem_comp.formula_weight   103.120 
# 
loop_
_pdbx_poly_seq_scheme.asym_id 
_pdbx_poly_seq_scheme.entity_id 
_pdbx_poly_seq_scheme.seq_id 
_pdbx_poly_seq_scheme.mon_id 
_pdbx_poly_seq_scheme.ndb_seq_num 
_pdbx_poly_seq_scheme.pdb_seq_num 
_pdbx_poly_seq_scheme.auth_seq_num 
_pdbx_poly_seq_scheme.pdb_mon_id 
_pdbx_poly_seq_scheme.auth_mon_id 
_pdbx_poly_seq_scheme.pdb_strand_id 
_pdbx_poly_seq_scheme.pdb_ins_code 
_pdbx_poly_seq_scheme.hetero 
A 1 1   UNK 1   104 104 UNK UNK A . n 
A 1 2   UNK 2   105 105 UNK UNK A . n 
A 1 3   UNK 3   106 106 UNK UNK A . n 
A 1 4   UNK 4   107 107 UNK UNK A . n 
A 1 5   UNK 5   108 108 UNK UNK A . n 
A 1 6   UNK 6   109 109 UNK UNK A . n 
A 1 7   UNK 7   110 110 UNK UNK A . n 
A 1 8   UNK 8   111 111 UNK UNK A . n 
A 1 9   UNK 9   112 112 UNK UNK A . n 
A 1 10  UNK 10  113 113 UNK UNK A . n 
A 1 11  UNK 11  114 114 UNK UNK A . n 
A 1 12  UNK 12  115 115 UNK UNK A . n 
A 1 13  UNK 13  116 116 UNK UNK A . n 
A 1 14  UNK 14  117 117 UNK UNK A . n 
A 1 15  UNK 15  118 118 UNK UNK A . n 
A 1 16  UNK 16  119 119 UNK UNK A . n 
A 1 17  UNK 17  120 120 UNK UNK A . n 
A 1 18  UNK 18  121 121 UNK UNK A . n 
A 1 19  UNK 19  122 122 UNK UNK A . n 
A 1 20  UNK 20  123 123 UNK UNK A . n 
A 1 21  UNK 21  124 124 UNK UNK A . n 
A 1 22  UNK 22  125 125 UNK UNK A . n 
A 1 23  UNK 23  126 126 UNK UNK A . n 
A 1 24  UNK 24  127 127 UNK UNK A . n 
A 1 25  UNK 25  128 128 UNK UNK A . n 
A 1 26  UNK 26  129 129 UNK UNK A . n 
A 1 27  UNK 27  130 130 UNK UNK A . n 
A 1 28  UNK 28  131 131 UNK UNK A . n 
A 1 29  UNK 29  132 132 UNK UNK A . n 
A 1 30  UNK 30  133 133 UNK UNK A . n 
A 1 31  UNK 31  134 134 UNK UNK A . n 
A 1 32  UNK 32  135 135 UNK UNK A . n 
A 1 33  UNK 33  136 136 UNK UNK A . n 
A 1 34  UNK 34  137 137 UNK UNK A . n 
A 1 35  UNK 35  138 138 UNK UNK A . n 
A 1 36  UNK 36  139 139 UNK UNK A . n 
A 1 37  UNK 37  140 140 UNK UNK A . n 
A 1 38  UNK 38  141 141 UNK UNK A . n 
A 1 39  UNK 39  142 142 UNK UNK A . n 
A 1 40  UNK 40  143 143 UNK UNK A . n 
A 1 41  UNK 41  144 144 UNK UNK A . n 
A 1 42  UNK 42  145 145 UNK UNK A . n 
A 1 43  UNK 43  146 146 UNK UNK A . n 
A 1 44  UNK 44  147 147 UNK UNK A . n 
A 1 45  UNK 45  148 148 UNK UNK A . n 
A 1 46  UNK 46  149 149 UNK UNK A . n 
A 1 47  UNK 47  150 150 UNK UNK A . n 
A 1 48  UNK 48  151 151 UNK UNK A . n 
A 1 49  UNK 49  152 152 UNK UNK A . n 
A 1 50  UNK 50  153 153 UNK UNK A . n 
A 1 51  UNK 51  154 154 UNK UNK A . n 
A 1 52  UNK 52  155 155 UNK UNK A . n 
A 1 53  UNK 53  156 156 UNK UNK A . n 
A 1 54  UNK 54  157 157 UNK UNK A . n 
A 1 55  UNK 55  158 158 UNK UNK A . n 
A 1 56  UNK 56  159 159 UNK UNK A . n 
A 1 57  UNK 57  160 160 UNK UNK A . n 
A 1 58  UNK 58  161 161 UNK UNK A . n 
A 1 59  UNK 59  162 162 UNK UNK A . n 
A 1 60  UNK 60  163 163 UNK UNK A . n 
A 1 61  UNK 61  164 164 UNK UNK A . n 
A 1 62  UNK 62  165 165 UNK UNK A . n 
A 1 63  UNK 63  166 166 UNK UNK A . n 
A 1 64  UNK 64  167 167 UNK UNK A . n 
A 1 65  UNK 65  168 168 UNK UNK A . n 
A 1 66  UNK 66  169 169 UNK UNK A . n 
A 1 67  UNK 67  170 170 UNK UNK A . n 
A 1 68  UNK 68  171 171 UNK UNK A . n 
A 1 69  UNK 69  172 172 UNK UNK A . n 
A 1 70  UNK 70  173 173 UNK UNK A . n 
A 1 71  UNK 71  174 174 UNK UNK A . n 
A 1 72  UNK 72  175 175 UNK UNK A . n 
A 1 73  UNK 73  176 176 UNK UNK A . n 
A 1 74  UNK 74  177 177 UNK UNK A . n 
A 1 75  UNK 75  178 178 UNK UNK A . n 
A 1 76  UNK 76  179 179 UNK UNK A . n 
A 1 77  UNK 77  180 180 UNK UNK A . n 
A 1 78  UNK 78  181 181 UNK UNK A . n 
A 1 79  UNK 79  182 182 UNK UNK A . n 
A 1 80  UNK 80  183 183 UNK UNK A . n 
A 1 81  UNK 81  184 184 UNK UNK A . n 
A 1 82  UNK 82  185 185 UNK UNK A . n 
A 1 83  UNK 83  186 186 UNK UNK A . n 
A 1 84  UNK 84  187 187 UNK UNK A . n 
A 1 85  UNK 85  188 188 UNK UNK A . n 
A 1 86  UNK 86  189 189 UNK UNK A . n 
A 1 87  UNK 87  190 190 UNK UNK A . n 
A 1 88  UNK 88  191 191 UNK UNK A . n 
A 1 89  UNK 89  192 192 UNK UNK A . n 
A 1 90  UNK 90  193 193 UNK UNK A . n 
A 1 91  UNK 91  194 194 UNK UNK A . n 
A 1 92  UNK 92  195 195 UNK UNK A . n 
A 1 93  UNK 93  196 196 UNK UNK A . n 
A 1 94  UNK 94  197 197 UNK UNK A . n 
A 1 95  UNK 95  198 198 UNK UNK A . n 
A 1 96  UNK 96  199 199 UNK UNK A . n 
A 1 97  UNK 97  200 200 UNK UNK A . n 
A 1 98  UNK 98  201 201 UNK UNK A . n 
A 1 99  UNK 99  202 202 UNK UNK A . n 
A 1 100 UNK 100 203 203 UNK UNK A . n 
A 1 101 UNK 101 204 204 UNK UNK A . n 
A 1 102 UNK 102 205 205 UNK UNK A . n 
A 1 103 UNK 103 206 206 UNK UNK A . n 
A 1 104 UNK 104 207 207 UNK UNK A . n 
A 1 105 UNK 105 208 208 UNK UNK A . n 
A 1 106 UNK 106 209 209 UNK UNK A . n 
A 1 107 UNK 107 210 210 UNK UNK A . n 
A 1 108 UNK 108 211 211 UNK UNK A . n 
A 1 109 UNK 109 212 212 UNK UNK A . n 
A 1 110 UNK 110 213 213 UNK UNK A . n 
A 1 111 UNK 111 214 214 UNK UNK A . n 
A 1 112 UNK 112 215 215 UNK UNK A . n 
A 1 113 UNK 113 216 216 UNK UNK A . n 
A 1 114 UNK 114 217 217 UNK UNK A . n 
A 1 115 UNK 115 218 218 UNK UNK A . n 
A 1 116 UNK 116 219 219 UNK UNK A . n 
A 1 117 UNK 117 220 220 UNK UNK A . n 
A 1 118 UNK 118 221 221 UNK UNK A . n 
A 1 119 UNK 119 222 222 UNK UNK A . n 
A 1 120 UNK 120 223 223 UNK UNK A . n 
A 1 121 UNK 121 224 224 UNK UNK A . n 
A 1 122 UNK 122 225 225 UNK UNK A . n 
A 1 123 UNK 123 226 226 UNK UNK A . n 
A 1 124 UNK 124 227 227 UNK UNK A . n 
A 1 125 UNK 125 228 228 UNK UNK A . n 
A 1 126 UNK 126 229 229 UNK UNK A . n 
A 1 127 UNK 127 230 230 UNK UNK A . n 
A 1 128 UNK 128 231 231 UNK UNK A . n 
A 1 129 UNK 129 232 232 UNK UNK A . n 
A 1 130 UNK 130 233 233 UNK UNK A . n 
A 1 131 UNK 131 234 234 UNK UNK A . n 
A 1 132 UNK 132 235 235 UNK UNK A . n 
A 1 133 UNK 133 236 236 UNK UNK A . n 
A 1 134 UNK 134 237 237 UNK UNK A . n 
A 1 135 UNK 135 238 238 UNK UNK A . n 
A 1 136 UNK 136 239 239 UNK UNK A . n 
A 1 137 UNK 137 240 240 UNK UNK A . n 
A 1 138 UNK 138 241 241 UNK UNK A . n 
A 1 139 UNK 139 242 242 UNK UNK A . n 
A 1 140 UNK 140 243 243 UNK UNK A . n 
A 1 141 UNK 141 244 244 UNK UNK A . n 
A 1 142 UNK 142 245 245 UNK UNK A . n 
A 1 143 UNK 143 246 246 UNK UNK A . n 
A 1 144 UNK 144 247 247 UNK UNK A . n 
A 1 145 UNK 145 248 248 UNK UNK A . n 
A 1 146 UNK 146 249 249 UNK UNK A . n 
A 1 147 UNK 147 250 250 UNK UNK A . n 
A 1 148 UNK 148 251 251 UNK UNK A . n 
A 1 149 UNK 149 252 252 UNK UNK A . n 
A 1 150 UNK 150 253 253 UNK UNK A . n 
A 1 151 UNK 151 254 254 UNK UNK A . n 
A 1 152 UNK 152 255 255 UNK UNK A . n 
A 1 153 UNK 153 256 256 UNK UNK A . n 
A 1 154 UNK 154 257 257 UNK UNK A . n 
A 1 155 UNK 155 258 258 UNK UNK A . n 
A 1 156 UNK 156 259 259 UNK UNK A . n 
A 1 157 UNK 157 260 260 UNK UNK A . n 
A 1 158 UNK 158 261 261 UNK UNK A . n 
A 1 159 UNK 159 262 262 UNK UNK A . n 
A 1 160 UNK 160 263 263 UNK UNK A . n 
A 1 161 UNK 161 264 264 UNK UNK A . n 
A 1 162 UNK 162 265 265 UNK UNK A . n 
A 1 163 UNK 163 266 266 UNK UNK A . n 
A 1 164 UNK 164 267 267 UNK UNK A . n 
A 1 165 UNK 165 268 268 UNK UNK A . n 
A 1 166 UNK 166 269 269 UNK UNK A . n 
A 1 167 UNK 167 270 270 UNK UNK A . n 
A 1 168 UNK 168 271 271 UNK UNK A . n 
A 1 169 UNK 169 272 272 UNK UNK A . n 
A 1 170 UNK 170 273 273 UNK UNK A . n 
A 1 171 UNK 171 274 274 UNK UNK A . n 
A 1 172 UNK 172 275 275 UNK UNK A . n 
A 1 173 UNK 173 276 276 UNK UNK A . n 
A 1 174 UNK 174 277 277 UNK UNK A . n 
A 1 175 UNK 175 278 278 UNK UNK A . n 
A 1 176 UNK 176 279 279 UNK UNK A . n 
A 1 177 UNK 177 280 280 UNK UNK A . n 
A 1 178 UNK 178 281 281 UNK UNK A . n 
A 1 179 UNK 179 282 282 UNK UNK A . n 
A 1 180 UNK 180 283 283 UNK UNK A . n 
A 1 181 UNK 181 284 284 UNK UNK A . n 
A 1 182 UNK 182 285 285 UNK UNK A . n 
A 1 183 UNK 183 286 286 UNK UNK A . n 
A 1 184 UNK 184 287 287 UNK UNK A . n 
A 1 185 UNK 185 288 288 UNK UNK A . n 
A 1 186 UNK 186 289 289 UNK UNK A . n 
A 1 187 UNK 187 290 290 UNK UNK A . n 
A 1 188 UNK 188 291 291 UNK UNK A . n 
A 1 189 UNK 189 292 292 UNK UNK A . n 
A 1 190 UNK 190 293 293 UNK UNK A . n 
A 1 191 UNK 191 294 294 UNK UNK A . n 
A 1 192 UNK 192 295 295 UNK UNK A . n 
A 1 193 UNK 193 296 296 UNK UNK A . n 
A 1 194 UNK 194 297 297 UNK UNK A . n 
A 1 195 UNK 195 298 298 UNK UNK A . n 
A 1 196 UNK 196 299 299 UNK UNK A . n 
A 1 197 UNK 197 300 300 UNK UNK A . n 
A 1 198 UNK 198 301 301 UNK UNK A . n 
A 1 199 UNK 199 302 302 UNK UNK A . n 
A 1 200 UNK 200 303 303 UNK UNK A . n 
A 1 201 UNK 201 304 304 UNK UNK A . n 
A 1 202 UNK 202 305 305 UNK UNK A . n 
A 1 203 UNK 203 306 306 UNK UNK A . n 
A 1 204 UNK 204 307 307 UNK UNK A . n 
A 1 205 UNK 205 308 308 UNK UNK A . n 
A 1 206 UNK 206 309 309 UNK UNK A . n 
A 1 207 UNK 207 310 310 UNK UNK A . n 
A 1 208 UNK 208 311 311 UNK UNK A . n 
A 1 209 UNK 209 312 312 UNK UNK A . n 
A 1 210 UNK 210 313 313 UNK UNK A . n 
A 1 211 UNK 211 314 314 UNK UNK A . n 
A 1 212 UNK 212 315 315 UNK UNK A . n 
A 1 213 UNK 213 316 316 UNK UNK A . n 
A 1 214 UNK 214 317 317 UNK UNK A . n 
A 1 215 UNK 215 318 318 UNK UNK A . n 
A 1 216 UNK 216 319 319 UNK UNK A . n 
A 1 217 UNK 217 320 320 UNK UNK A . n 
A 1 218 UNK 218 321 321 UNK UNK A . n 
A 1 219 UNK 219 322 322 UNK UNK A . n 
A 1 220 UNK 220 323 323 UNK UNK A . n 
A 1 221 UNK 221 324 324 UNK UNK A . n 
A 1 222 UNK 222 325 325 UNK UNK A . n 
A 1 223 UNK 223 326 326 UNK UNK A . n 
A 1 224 UNK 224 327 327 UNK UNK A . n 
A 1 225 UNK 225 328 328 UNK UNK A . n 
A 1 226 UNK 226 329 329 UNK UNK A . n 
A 1 227 UNK 227 330 330 UNK UNK A . n 
A 1 228 UNK 228 331 331 UNK UNK A . n 
A 1 229 UNK 229 332 332 UNK UNK A . n 
A 1 230 UNK 230 333 333 UNK UNK A . n 
A 1 231 UNK 231 334 334 UNK UNK A . n 
A 1 232 UNK 232 335 335 UNK UNK A . n 
A 1 233 UNK 233 336 336 UNK UNK A . n 
A 1 234 UNK 234 337 337 UNK UNK A . n 
A 1 235 UNK 235 338 338 UNK UNK A . n 
A 1 236 UNK 236 339 339 UNK UNK A . n 
A 1 237 UNK 237 340 340 UNK UNK A . n 
A 1 238 UNK 238 341 341 UNK UNK A . n 
A 1 239 UNK 239 342 342 UNK UNK A . n 
A 1 240 UNK 240 343 343 UNK UNK A . n 
A 1 241 UNK 241 344 344 UNK UNK A . n 
A 1 242 UNK 242 345 345 UNK UNK A . n 
A 1 243 UNK 243 346 346 UNK UNK A . n 
A 1 244 UNK 244 347 347 UNK UNK A . n 
A 1 245 UNK 245 348 348 UNK UNK A . n 
A 1 246 UNK 246 349 349 UNK UNK A . n 
A 1 247 UNK 247 350 350 UNK UNK A . n 
A 1 248 UNK 248 351 351 UNK UNK A . n 
A 1 249 UNK 249 352 352 UNK UNK A . n 
A 1 250 UNK 250 353 353 UNK UNK A . n 
A 1 251 UNK 251 354 354 UNK UNK A . n 
A 1 252 UNK 252 355 355 UNK UNK A . n 
A 1 253 UNK 253 356 356 UNK UNK A . n 
A 1 254 UNK 254 357 357 UNK UNK A . n 
A 1 255 UNK 255 358 358 UNK UNK A . n 
A 1 256 UNK 256 359 359 UNK UNK A . n 
A 1 257 UNK 257 360 360 UNK UNK A . n 
A 1 258 UNK 258 361 361 UNK UNK A . n 
A 1 259 UNK 259 362 362 UNK UNK A . n 
A 1 260 UNK 260 363 363 UNK UNK A . n 
A 1 261 UNK 261 364 364 UNK UNK A . n 
A 1 262 UNK 262 365 365 UNK UNK A . n 
A 1 263 UNK 263 366 366 UNK UNK A . n 
A 1 264 UNK 264 367 367 UNK UNK A . n 
A 1 265 UNK 265 368 368 UNK UNK A . n 
A 1 266 UNK 266 369 369 UNK UNK A . n 
A 1 267 UNK 267 370 370 UNK UNK A . n 
A 1 268 UNK 268 371 371 UNK UNK A . n 
A 1 269 UNK 269 372 372 UNK UNK A . n 
A 1 270 UNK 270 373 373 UNK UNK A . n 
A 1 271 UNK 271 374 374 UNK UNK A . n 
A 1 272 UNK 272 375 375 UNK UNK A . n 
A 1 273 UNK 273 376 376 UNK UNK A . n 
A 1 274 UNK 274 377 377 UNK UNK A . n 
A 1 275 UNK 275 378 378 UNK UNK A . n 
A 1 276 UNK 276 379 379 UNK UNK A . n 
A 1 277 UNK 277 380 380 UNK UNK A . n 
A 1 278 UNK 278 381 381 UNK UNK A . n 
A 1 279 UNK 279 382 382 UNK UNK A . n 
A 1 280 UNK 280 383 383 UNK UNK A . n 
A 1 281 UNK 281 757 757 UNK UNK A . n 
A 1 282 UNK 282 758 758 UNK UNK A . n 
A 1 283 UNK 283 759 759 UNK UNK A . n 
A 1 284 UNK 284 760 760 UNK UNK A . n 
A 1 285 UNK 285 761 761 UNK UNK A . n 
A 1 286 UNK 286 762 762 UNK UNK A . n 
A 1 287 UNK 287 763 763 UNK UNK A . n 
A 1 288 UNK 288 764 764 UNK UNK A . n 
A 1 289 UNK 289 765 765 UNK UNK A . n 
A 1 290 UNK 290 766 766 UNK UNK A . n 
A 1 291 UNK 291 767 767 UNK UNK A . n 
A 1 292 UNK 292 768 768 UNK UNK A . n 
A 1 293 UNK 293 769 769 UNK UNK A . n 
A 1 294 UNK 294 770 770 UNK UNK A . n 
A 1 295 UNK 295 771 771 UNK UNK A . n 
A 1 296 UNK 296 772 772 UNK UNK A . n 
A 1 297 UNK 297 773 773 UNK UNK A . n 
A 1 298 UNK 298 774 774 UNK UNK A . n 
A 1 299 UNK 299 775 775 UNK UNK A . n 
A 1 300 UNK 300 776 776 UNK UNK A . n 
A 1 301 UNK 301 777 777 UNK UNK A . n 
A 1 302 UNK 302 778 778 UNK UNK A . n 
A 1 303 UNK 303 779 779 UNK UNK A . n 
A 1 304 UNK 304 780 780 UNK UNK A . n 
A 1 305 UNK 305 781 781 UNK UNK A . n 
A 1 306 UNK 306 782 782 UNK UNK A . n 
A 1 307 UNK 307 783 783 UNK UNK A . n 
A 1 308 UNK 308 784 784 UNK UNK A . n 
A 1 309 UNK 309 785 785 UNK UNK A . n 
A 1 310 UNK 310 786 786 UNK UNK A . n 
A 1 311 UNK 311 787 787 UNK UNK A . n 
A 1 312 UNK 312 788 788 UNK UNK A . n 
A 1 313 UNK 313 789 789 UNK UNK A . n 
A 1 314 UNK 314 790 790 UNK UNK A . n 
A 1 315 UNK 315 791 791 UNK UNK A . n 
A 1 316 UNK 316 792 792 UNK UNK A . n 
A 1 317 UNK 317 793 793 UNK UNK A . n 
A 1 318 UNK 318 794 794 UNK UNK A . n 
A 1 319 UNK 319 795 795 UNK UNK A . n 
A 1 320 UNK 320 796 796 UNK UNK A . n 
A 1 321 UNK 321 797 797 UNK UNK A . n 
A 1 322 UNK 322 798 798 UNK UNK A . n 
A 1 323 UNK 323 799 799 UNK UNK A . n 
A 1 324 UNK 324 800 800 UNK UNK A . n 
A 1 325 UNK 325 801 801 UNK UNK A . n 
A 1 326 UNK 326 802 802 UNK UNK A . n 
A 1 327 UNK 327 803 803 UNK UNK A . n 
A 1 328 UNK 328 804 804 UNK UNK A . n 
A 1 329 UNK 329 805 805 UNK UNK A . n 
A 1 330 UNK 330 806 806 UNK UNK A . n 
A 1 331 UNK 331 807 807 UNK UNK A . n 
A 1 332 UNK 332 808 808 UNK UNK A . n 
A 1 333 UNK 333 809 809 UNK UNK A . n 
A 1 334 UNK 334 810 810 UNK UNK A . n 
A 1 335 UNK 335 811 811 UNK UNK A . n 
A 1 336 UNK 336 812 812 UNK UNK A . n 
A 1 337 UNK 337 813 813 UNK UNK A . n 
A 1 338 UNK 338 814 814 UNK UNK A . n 
A 1 339 UNK 339 815 815 UNK UNK A . n 
A 1 340 UNK 340 816 816 UNK UNK A . n 
A 1 341 UNK 341 817 817 UNK UNK A . n 
A 1 342 UNK 342 818 818 UNK UNK A . n 
A 1 343 UNK 343 819 819 UNK UNK A . n 
A 1 344 UNK 344 820 820 UNK UNK A . n 
A 1 345 UNK 345 821 821 UNK UNK A . n 
A 1 346 UNK 346 822 822 UNK UNK A . n 
A 1 347 UNK 347 823 823 UNK UNK A . n 
A 1 348 UNK 348 824 824 UNK UNK A . n 
A 1 349 UNK 349 825 825 UNK UNK A . n 
A 1 350 UNK 350 826 826 UNK UNK A . n 
A 1 351 UNK 351 827 827 UNK UNK A . n 
A 1 352 UNK 352 828 828 UNK UNK A . n 
A 1 353 UNK 353 829 829 UNK UNK A . n 
A 1 354 UNK 354 830 830 UNK UNK A . n 
A 1 355 UNK 355 831 831 UNK UNK A . n 
A 1 356 UNK 356 832 832 UNK UNK A . n 
A 1 357 UNK 357 833 833 UNK UNK A . n 
A 1 358 UNK 358 834 834 UNK UNK A . n 
A 1 359 UNK 359 835 835 UNK UNK A . n 
A 1 360 UNK 360 836 836 UNK UNK A . n 
B 1 1   UNK 1   104 104 UNK UNK B . n 
B 1 2   UNK 2   105 105 UNK UNK B . n 
B 1 3   UNK 3   106 106 UNK UNK B . n 
B 1 4   UNK 4   107 107 UNK UNK B . n 
B 1 5   UNK 5   108 108 UNK UNK B . n 
B 1 6   UNK 6   109 109 UNK UNK B . n 
B 1 7   UNK 7   110 110 UNK UNK B . n 
B 1 8   UNK 8   111 111 UNK UNK B . n 
B 1 9   UNK 9   112 112 UNK UNK B . n 
B 1 10  UNK 10  113 113 UNK UNK B . n 
B 1 11  UNK 11  114 114 UNK UNK B . n 
B 1 12  UNK 12  115 115 UNK UNK B . n 
B 1 13  UNK 13  116 116 UNK UNK B . n 
B 1 14  UNK 14  117 117 UNK UNK B . n 
B 1 15  UNK 15  118 118 UNK UNK B . n 
B 1 16  UNK 16  119 119 UNK UNK B . n 
B 1 17  UNK 17  120 120 UNK UNK B . n 
B 1 18  UNK 18  121 121 UNK UNK B . n 
B 1 19  UNK 19  122 122 UNK UNK B . n 
B 1 20  UNK 20  123 123 UNK UNK B . n 
B 1 21  UNK 21  124 124 UNK UNK B . n 
B 1 22  UNK 22  125 125 UNK UNK B . n 
B 1 23  UNK 23  126 126 UNK UNK B . n 
B 1 24  UNK 24  127 127 UNK UNK B . n 
B 1 25  UNK 25  128 128 UNK UNK B . n 
B 1 26  UNK 26  129 129 UNK UNK B . n 
B 1 27  UNK 27  130 130 UNK UNK B . n 
B 1 28  UNK 28  131 131 UNK UNK B . n 
B 1 29  UNK 29  132 132 UNK UNK B . n 
B 1 30  UNK 30  133 133 UNK UNK B . n 
B 1 31  UNK 31  134 134 UNK UNK B . n 
B 1 32  UNK 32  135 135 UNK UNK B . n 
B 1 33  UNK 33  136 136 UNK UNK B . n 
B 1 34  UNK 34  137 137 UNK UNK B . n 
B 1 35  UNK 35  138 138 UNK UNK B . n 
B 1 36  UNK 36  139 139 UNK UNK B . n 
B 1 37  UNK 37  140 140 UNK UNK B . n 
B 1 38  UNK 38  141 141 UNK UNK B . n 
B 1 39  UNK 39  142 142 UNK UNK B . n 
B 1 40  UNK 40  143 143 UNK UNK B . n 
B 1 41  UNK 41  144 144 UNK UNK B . n 
B 1 42  UNK 42  145 145 UNK UNK B . n 
B 1 43  UNK 43  146 146 UNK UNK B . n 
B 1 44  UNK 44  147 147 UNK UNK B . n 
B 1 45  UNK 45  148 148 UNK UNK B . n 
B 1 46  UNK 46  149 149 UNK UNK B . n 
B 1 47  UNK 47  150 150 UNK UNK B . n 
B 1 48  UNK 48  151 151 UNK UNK B . n 
B 1 49  UNK 49  152 152 UNK UNK B . n 
B 1 50  UNK 50  153 153 UNK UNK B . n 
B 1 51  UNK 51  154 154 UNK UNK B . n 
B 1 52  UNK 52  155 155 UNK UNK B . n 
B 1 53  UNK 53  156 156 UNK UNK B . n 
B 1 54  UNK 54  157 157 UNK UNK B . n 
B 1 55  UNK 55  158 158 UNK UNK B . n 
B 1 56  UNK 56  159 159 UNK UNK B . n 
B 1 57  UNK 57  160 160 UNK UNK B . n 
B 1 58  UNK 58  161 161 UNK UNK B . n 
B 1 59  UNK 59  162 162 UNK UNK B . n 
B 1 60  UNK 60  163 163 UNK UNK B . n 
B 1 61  UNK 61  164 164 UNK UNK B . n 
B 1 62  UNK 62  165 165 UNK UNK B . n 
B 1 63  UNK 63  166 166 UNK UNK B . n 
B 1 64  UNK 64  167 167 UNK UNK B . n 
B 1 65  UNK 65  168 168 UNK UNK B . n 
B 1 66  UNK 66  169 169 UNK UNK B . n 
B 1 67  UNK 67  170 170 UNK UNK B . n 
B 1 68  UNK 68  171 171 UNK UNK B . n 
B 1 69  UNK 69  172 172 UNK UNK B . n 
B 1 70  UNK 70  173 173 UNK UNK B . n 
B 1 71  UNK 71  174 174 UNK UNK B . n 
B 1 72  UNK 72  175 175 UNK UNK B . n 
B 1 73  UNK 73  176 176 UNK UNK B . n 
B 1 74  UNK 74  177 177 UNK UNK B . n 
B 1 75  UNK 75  178 178 UNK UNK B . n 
B 1 76  UNK 76  179 179 UNK UNK B . n 
B 1 77  UNK 77  180 180 UNK UNK B . n 
B 1 78  UNK 78  181 181 UNK UNK B . n 
B 1 79  UNK 79  182 182 UNK UNK B . n 
B 1 80  UNK 80  183 183 UNK UNK B . n 
B 1 81  UNK 81  184 184 UNK UNK B . n 
B 1 82  UNK 82  185 185 UNK UNK B . n 
B 1 83  UNK 83  186 186 UNK UNK B . n 
B 1 84  UNK 84  187 187 UNK UNK B . n 
B 1 85  UNK 85  188 188 UNK UNK B . n 
B 1 86  UNK 86  189 189 UNK UNK B . n 
B 1 87  UNK 87  190 190 UNK UNK B . n 
B 1 88  UNK 88  191 191 UNK UNK B . n 
B 1 89  UNK 89  192 192 UNK UNK B . n 
B 1 90  UNK 90  193 193 UNK UNK B . n 
B 1 91  UNK 91  194 194 UNK UNK B . n 
B 1 92  UNK 92  195 195 UNK UNK B . n 
B 1 93  UNK 93  196 196 UNK UNK B . n 
B 1 94  UNK 94  197 197 UNK UNK B . n 
B 1 95  UNK 95  198 198 UNK UNK B . n 
B 1 96  UNK 96  199 199 UNK UNK B . n 
B 1 97  UNK 97  200 200 UNK UNK B . n 
B 1 98  UNK 98  201 201 UNK UNK B . n 
B 1 99  UNK 99  202 202 UNK UNK B . n 
B 1 100 UNK 100 203 203 UNK UNK B . n 
B 1 101 UNK 101 204 204 UNK UNK B . n 
B 1 102 UNK 102 205 205 UNK UNK B . n 
B 1 103 UNK 103 206 206 UNK UNK B . n 
B 1 104 UNK 104 207 207 UNK UNK B . n 
B 1 105 UNK 105 208 208 UNK UNK B . n 
B 1 106 UNK 106 209 209 UNK UNK B . n 
B 1 107 UNK 107 210 210 UNK UNK B . n 
B 1 108 UNK 108 211 211 UNK UNK B . n 
B 1 109 UNK 109 212 212 UNK UNK B . n 
B 1 110 UNK 110 213 213 UNK UNK B . n 
B 1 111 UNK 111 214 214 UNK UNK B . n 
B 1 112 UNK 112 215 215 UNK UNK B . n 
B 1 113 UNK 113 216 216 UNK UNK B . n 
B 1 114 UNK 114 217 217 UNK UNK B . n 
B 1 115 UNK 115 218 218 UNK UNK B . n 
B 1 116 UNK 116 219 219 UNK UNK B . n 
B 1 117 UNK 117 220 220 UNK UNK B . n 
B 1 118 UNK 118 221 221 UNK UNK B . n 
B 1 119 UNK 119 222 222 UNK UNK B . n 
B 1 120 UNK 120 223 223 UNK UNK B . n 
B 1 121 UNK 121 224 224 UNK UNK B . n 
B 1 122 UNK 122 225 225 UNK UNK B . n 
B 1 123 UNK 123 226 226 UNK UNK B . n 
B 1 124 UNK 124 227 227 UNK UNK B . n 
B 1 125 UNK 125 228 228 UNK UNK B . n 
B 1 126 UNK 126 229 229 UNK UNK B . n 
B 1 127 UNK 127 230 230 UNK UNK B . n 
B 1 128 UNK 128 231 231 UNK UNK B . n 
B 1 129 UNK 129 232 232 UNK UNK B . n 
B 1 130 UNK 130 233 233 UNK UNK B . n 
B 1 131 UNK 131 234 234 UNK UNK B . n 
B 1 132 UNK 132 235 235 UNK UNK B . n 
B 1 133 UNK 133 236 236 UNK UNK B . n 
B 1 134 UNK 134 237 237 UNK UNK B . n 
B 1 135 UNK 135 238 238 UNK UNK B . n 
B 1 136 UNK 136 239 239 UNK UNK B . n 
B 1 137 UNK 137 240 240 UNK UNK B . n 
B 1 138 UNK 138 241 241 UNK UNK B . n 
B 1 139 UNK 139 242 242 UNK UNK B . n 
B 1 140 UNK 140 243 243 UNK UNK B . n 
B 1 141 UNK 141 244 244 UNK UNK B . n 
B 1 142 UNK 142 245 245 UNK UNK B . n 
B 1 143 UNK 143 246 246 UNK UNK B . n 
B 1 144 UNK 144 247 247 UNK UNK B . n 
B 1 145 UNK 145 248 248 UNK UNK B . n 
B 1 146 UNK 146 249 249 UNK UNK B . n 
B 1 147 UNK 147 250 250 UNK UNK B . n 
B 1 148 UNK 148 251 251 UNK UNK B . n 
B 1 149 UNK 149 252 252 UNK UNK B . n 
B 1 150 UNK 150 253 253 UNK UNK B . n 
B 1 151 UNK 151 254 254 UNK UNK B . n 
B 1 152 UNK 152 255 255 UNK UNK B . n 
B 1 153 UNK 153 256 256 UNK UNK B . n 
B 1 154 UNK 154 257 257 UNK UNK B . n 
B 1 155 UNK 155 258 258 UNK UNK B . n 
B 1 156 UNK 156 259 259 UNK UNK B . n 
B 1 157 UNK 157 260 260 UNK UNK B . n 
B 1 158 UNK 158 261 261 UNK UNK B . n 
B 1 159 UNK 159 262 262 UNK UNK B . n 
B 1 160 UNK 160 263 263 UNK UNK B . n 
B 1 161 UNK 161 264 264 UNK UNK B . n 
B 1 162 UNK 162 265 265 UNK UNK B . n 
B 1 163 UNK 163 266 266 UNK UNK B . n 
B 1 164 UNK 164 267 267 UNK UNK B . n 
B 1 165 UNK 165 268 268 UNK UNK B . n 
B 1 166 UNK 166 269 269 UNK UNK B . n 
B 1 167 UNK 167 270 270 UNK UNK B . n 
B 1 168 UNK 168 271 271 UNK UNK B . n 
B 1 169 UNK 169 272 272 UNK UNK B . n 
B 1 170 UNK 170 273 273 UNK UNK B . n 
B 1 171 UNK 171 274 274 UNK UNK B . n 
B 1 172 UNK 172 275 275 UNK UNK B . n 
B 1 173 UNK 173 276 276 UNK UNK B . n 
B 1 174 UNK 174 277 277 UNK UNK B . n 
B 1 175 UNK 175 278 278 UNK UNK B . n 
B 1 176 UNK 176 279 279 UNK UNK B . n 
B 1 177 UNK 177 280 280 UNK UNK B . n 
B 1 178 UNK 178 281 281 UNK UNK B . n 
B 1 179 UNK 179 282 282 UNK UNK B . n 
B 1 180 UNK 180 283 283 UNK UNK B . n 
B 1 181 UNK 181 284 284 UNK UNK B . n 
B 1 182 UNK 182 285 285 UNK UNK B . n 
B 1 183 UNK 183 286 286 UNK UNK B . n 
B 1 184 UNK 184 287 287 UNK UNK B . n 
B 1 185 UNK 185 288 288 UNK UNK B . n 
B 1 186 UNK 186 289 289 UNK UNK B . n 
B 1 187 UNK 187 290 290 UNK UNK B . n 
B 1 188 UNK 188 291 291 UNK UNK B . n 
B 1 189 UNK 189 292 292 UNK UNK B . n 
B 1 190 UNK 190 293 293 UNK UNK B . n 
B 1 191 UNK 191 294 294 UNK UNK B . n 
B 1 192 UNK 192 295 295 UNK UNK B . n 
B 1 193 UNK 193 296 296 UNK UNK B . n 
B 1 194 UNK 194 297 297 UNK UNK B . n 
B 1 195 UNK 195 298 298 UNK UNK B . n 
B 1 196 UNK 196 299 299 UNK UNK B . n 
B 1 197 UNK 197 300 300 UNK UNK B . n 
B 1 198 UNK 198 301 301 UNK UNK B . n 
B 1 199 UNK 199 302 302 UNK UNK B . n 
B 1 200 UNK 200 303 303 UNK UNK B . n 
B 1 201 UNK 201 304 304 UNK UNK B . n 
B 1 202 UNK 202 305 305 UNK UNK B . n 
B 1 203 UNK 203 306 306 UNK UNK B . n 
B 1 204 UNK 204 307 307 UNK UNK B . n 
B 1 205 UNK 205 308 308 UNK UNK B . n 
B 1 206 UNK 206 309 309 UNK UNK B . n 
B 1 207 UNK 207 310 310 UNK UNK B . n 
B 1 208 UNK 208 311 311 UNK UNK B . n 
B 1 209 UNK 209 312 312 UNK UNK B . n 
B 1 210 UNK 210 313 313 UNK UNK B . n 
B 1 211 UNK 211 314 314 UNK UNK B . n 
B 1 212 UNK 212 315 315 UNK UNK B . n 
B 1 213 UNK 213 316 316 UNK UNK B . n 
B 1 214 UNK 214 317 317 UNK UNK B . n 
B 1 215 UNK 215 318 318 UNK UNK B . n 
B 1 216 UNK 216 319 319 UNK UNK B . n 
B 1 217 UNK 217 320 320 UNK UNK B . n 
B 1 218 UNK 218 321 321 UNK UNK B . n 
B 1 219 UNK 219 322 322 UNK UNK B . n 
B 1 220 UNK 220 323 323 UNK UNK B . n 
B 1 221 UNK 221 324 324 UNK UNK B . n 
B 1 222 UNK 222 325 325 UNK UNK B . n 
B 1 223 UNK 223 326 326 UNK UNK B . n 
B 1 224 UNK 224 327 327 UNK UNK B . n 
B 1 225 UNK 225 328 328 UNK UNK B . n 
B 1 226 UNK 226 329 329 UNK UNK B . n 
B 1 227 UNK 227 330 330 UNK UNK B . n 
B 1 228 UNK 228 331 331 UNK UNK B . n 
B 1 229 UNK 229 332 332 UNK UNK B . n 
B 1 230 UNK 230 333 333 UNK UNK B . n 
B 1 231 UNK 231 334 334 UNK UNK B . n 
B 1 232 UNK 232 335 335 UNK UNK B . n 
B 1 233 UNK 233 336 336 UNK UNK B . n 
B 1 234 UNK 234 337 337 UNK UNK B . n 
B 1 235 UNK 235 338 338 UNK UNK B . n 
B 1 236 UNK 236 339 339 UNK UNK B . n 
B 1 237 UNK 237 340 340 UNK UNK B . n 
B 1 238 UNK 238 341 341 UNK UNK B . n 
B 1 239 UNK 239 342 342 UNK UNK B . n 
B 1 240 UNK 240 343 343 UNK UNK B . n 
B 1 241 UNK 241 344 344 UNK UNK B . n 
B 1 242 UNK 242 345 345 UNK UNK B . n 
B 1 243 UNK 243 346 346 UNK UNK B . n 
B 1 244 UNK 244 347 347 UNK UNK B . n 
B 1 245 UNK 245 348 348 UNK UNK B . n 
B 1 246 UNK 246 349 349 UNK UNK B . n 
B 1 247 UNK 247 350 350 UNK UNK B . n 
B 1 248 UNK 248 351 351 UNK UNK B . n 
B 1 249 UNK 249 352 352 UNK UNK B . n 
B 1 250 UNK 250 353 353 UNK UNK B . n 
B 1 251 UNK 251 354 354 UNK UNK B . n 
B 1 252 UNK 252 355 355 UNK UNK B . n 
B 1 253 UNK 253 356 356 UNK UNK B . n 
B 1 254 UNK 254 357 357 UNK UNK B . n 
B 1 255 UNK 255 358 358 UNK UNK B . n 
B 1 256 UNK 256 359 359 UNK UNK B . n 
B 1 257 UNK 257 360 360 UNK UNK B . n 
B 1 258 UNK 258 361 361 UNK UNK B . n 
B 1 259 UNK 259 362 362 UNK UNK B . n 
B 1 260 UNK 260 363 363 UNK UNK B . n 
B 1 261 UNK 261 364 364 UNK UNK B . n 
B 1 262 UNK 262 365 365 UNK UNK B . n 
B 1 263 UNK 263 366 366 UNK UNK B . n 
B 1 264 UNK 264 367 367 UNK UNK B . n 
B 1 265 UNK 265 368 368 UNK UNK B . n 
B 1 266 UNK 266 369 369 UNK UNK B . n 
B 1 267 UNK 267 370 370 UNK UNK B . n 
B 1 268 UNK 268 371 371 UNK UNK B . n 
B 1 269 UNK 269 372 372 UNK UNK B . n 
B 1 270 UNK 270 373 373 UNK UNK B . n 
B 1 271 UNK 271 374 374 UNK UNK B . n 
B 1 272 UNK 272 375 375 UNK UNK B . n 
B 1 273 UNK 273 376 376 UNK UNK B . n 
B 1 274 UNK 274 377 377 UNK UNK B . n 
B 1 275 UNK 275 378 378 UNK UNK B . n 
B 1 276 UNK 276 379 379 UNK UNK B . n 
B 1 277 UNK 277 380 380 UNK UNK B . n 
B 1 278 UNK 278 381 381 UNK UNK B . n 
B 1 279 UNK 279 382 382 UNK UNK B . n 
B 1 280 UNK 280 383 383 UNK UNK B . n 
B 1 281 UNK 281 757 757 UNK UNK B . n 
B 1 282 UNK 282 758 758 UNK UNK B . n 
B 1 283 UNK 283 759 759 UNK UNK B . n 
B 1 284 UNK 284 760 760 UNK UNK B . n 
B 1 285 UNK 285 761 761 UNK UNK B . n 
B 1 286 UNK 286 762 762 UNK UNK B . n 
B 1 287 UNK 287 763 763 UNK UNK B . n 
B 1 288 UNK 288 764 764 UNK UNK B . n 
B 1 289 UNK 289 765 765 UNK UNK B . n 
B 1 290 UNK 290 766 766 UNK UNK B . n 
B 1 291 UNK 291 767 767 UNK UNK B . n 
B 1 292 UNK 292 768 768 UNK UNK B . n 
B 1 293 UNK 293 769 769 UNK UNK B . n 
B 1 294 UNK 294 770 770 UNK UNK B . n 
B 1 295 UNK 295 771 771 UNK UNK B . n 
B 1 296 UNK 296 772 772 UNK UNK B . n 
B 1 297 UNK 297 773 773 UNK UNK B . n 
B 1 298 UNK 298 774 774 UNK UNK B . n 
B 1 299 UNK 299 775 775 UNK UNK B . n 
B 1 300 UNK 300 776 776 UNK UNK B . n 
B 1 301 UNK 301 777 777 UNK UNK B . n 
B 1 302 UNK 302 778 778 UNK UNK B . n 
B 1 303 UNK 303 779 779 UNK UNK B . n 
B 1 304 UNK 304 780 780 UNK UNK B . n 
B 1 305 UNK 305 781 781 UNK UNK B . n 
B 1 306 UNK 306 782 782 UNK UNK B . n 
B 1 307 UNK 307 783 783 UNK UNK B . n 
B 1 308 UNK 308 784 784 UNK UNK B . n 
B 1 309 UNK 309 785 785 UNK UNK B . n 
B 1 310 UNK 310 786 786 UNK UNK B . n 
B 1 311 UNK 311 787 787 UNK UNK B . n 
B 1 312 UNK 312 788 788 UNK UNK B . n 
B 1 313 UNK 313 789 789 UNK UNK B . n 
B 1 314 UNK 314 790 790 UNK UNK B . n 
B 1 315 UNK 315 791 791 UNK UNK B . n 
B 1 316 UNK 316 792 792 UNK UNK B . n 
B 1 317 UNK 317 793 793 UNK UNK B . n 
B 1 318 UNK 318 794 794 UNK UNK B . n 
B 1 319 UNK 319 795 795 UNK UNK B . n 
B 1 320 UNK 320 796 796 UNK UNK B . n 
B 1 321 UNK 321 797 797 UNK UNK B . n 
B 1 322 UNK 322 798 798 UNK UNK B . n 
B 1 323 UNK 323 799 799 UNK UNK B . n 
B 1 324 UNK 324 800 800 UNK UNK B . n 
B 1 325 UNK 325 801 801 UNK UNK B . n 
B 1 326 UNK 326 802 802 UNK UNK B . n 
B 1 327 UNK 327 803 803 UNK UNK B . n 
B 1 328 UNK 328 804 804 UNK UNK B . n 
B 1 329 UNK 329 805 805 UNK UNK B . n 
B 1 330 UNK 330 806 806 UNK UNK B . n 
B 1 331 UNK 331 807 807 UNK UNK B . n 
B 1 332 UNK 332 808 808 UNK UNK B . n 
B 1 333 UNK 333 809 809 UNK UNK B . n 
B 1 334 UNK 334 810 810 UNK UNK B . n 
B 1 335 UNK 335 811 811 UNK UNK B . n 
B 1 336 UNK 336 812 812 UNK UNK B . n 
B 1 337 UNK 337 813 813 UNK UNK B . n 
B 1 338 UNK 338 814 814 UNK UNK B . n 
B 1 339 UNK 339 815 815 UNK UNK B . n 
B 1 340 UNK 340 816 816 UNK UNK B . n 
B 1 341 UNK 341 817 817 UNK UNK B . n 
B 1 342 UNK 342 818 818 UNK UNK B . n 
B 1 343 UNK 343 819 819 UNK UNK B . n 
B 1 344 UNK 344 820 820 UNK UNK B . n 
B 1 345 UNK 345 821 821 UNK UNK B . n 
B 1 346 UNK 346 822 822 UNK UNK B . n 
B 1 347 UNK 347 823 823 UNK UNK B . n 
B 1 348 UNK 348 824 824 UNK UNK B . n 
B 1 349 UNK 349 825 825 UNK UNK B . n 
B 1 350 UNK 350 826 826 UNK UNK B . n 
B 1 351 UNK 351 827 827 UNK UNK B . n 
B 1 352 UNK 352 828 828 UNK UNK B . n 
B 1 353 UNK 353 829 829 UNK UNK B . n 
B 1 354 UNK 354 830 830 UNK UNK B . n 
B 1 355 UNK 355 831 831 UNK UNK B . n 
B 1 356 UNK 356 832 832 UNK UNK B . n 
B 1 357 UNK 357 833 833 UNK UNK B . n 
B 1 358 UNK 358 834 834 UNK UNK B . n 
B 1 359 UNK 359 835 835 UNK UNK B . n 
B 1 360 UNK 360 836 836 UNK UNK B . n 
C 1 1   UNK 1   104 104 UNK UNK C . n 
C 1 2   UNK 2   105 105 UNK UNK C . n 
C 1 3   UNK 3   106 106 UNK UNK C . n 
C 1 4   UNK 4   107 107 UNK UNK C . n 
C 1 5   UNK 5   108 108 UNK UNK C . n 
C 1 6   UNK 6   109 109 UNK UNK C . n 
C 1 7   UNK 7   110 110 UNK UNK C . n 
C 1 8   UNK 8   111 111 UNK UNK C . n 
C 1 9   UNK 9   112 112 UNK UNK C . n 
C 1 10  UNK 10  113 113 UNK UNK C . n 
C 1 11  UNK 11  114 114 UNK UNK C . n 
C 1 12  UNK 12  115 115 UNK UNK C . n 
C 1 13  UNK 13  116 116 UNK UNK C . n 
C 1 14  UNK 14  117 117 UNK UNK C . n 
C 1 15  UNK 15  118 118 UNK UNK C . n 
C 1 16  UNK 16  119 119 UNK UNK C . n 
C 1 17  UNK 17  120 120 UNK UNK C . n 
C 1 18  UNK 18  121 121 UNK UNK C . n 
C 1 19  UNK 19  122 122 UNK UNK C . n 
C 1 20  UNK 20  123 123 UNK UNK C . n 
C 1 21  UNK 21  124 124 UNK UNK C . n 
C 1 22  UNK 22  125 125 UNK UNK C . n 
C 1 23  UNK 23  126 126 UNK UNK C . n 
C 1 24  UNK 24  127 127 UNK UNK C . n 
C 1 25  UNK 25  128 128 UNK UNK C . n 
C 1 26  UNK 26  129 129 UNK UNK C . n 
C 1 27  UNK 27  130 130 UNK UNK C . n 
C 1 28  UNK 28  131 131 UNK UNK C . n 
C 1 29  UNK 29  132 132 UNK UNK C . n 
C 1 30  UNK 30  133 133 UNK UNK C . n 
C 1 31  UNK 31  134 134 UNK UNK C . n 
C 1 32  UNK 32  135 135 UNK UNK C . n 
C 1 33  UNK 33  136 136 UNK UNK C . n 
C 1 34  UNK 34  137 137 UNK UNK C . n 
C 1 35  UNK 35  138 138 UNK UNK C . n 
C 1 36  UNK 36  139 139 UNK UNK C . n 
C 1 37  UNK 37  140 140 UNK UNK C . n 
C 1 38  UNK 38  141 141 UNK UNK C . n 
C 1 39  UNK 39  142 142 UNK UNK C . n 
C 1 40  UNK 40  143 143 UNK UNK C . n 
C 1 41  UNK 41  144 144 UNK UNK C . n 
C 1 42  UNK 42  145 145 UNK UNK C . n 
C 1 43  UNK 43  146 146 UNK UNK C . n 
C 1 44  UNK 44  147 147 UNK UNK C . n 
C 1 45  UNK 45  148 148 UNK UNK C . n 
C 1 46  UNK 46  149 149 UNK UNK C . n 
C 1 47  UNK 47  150 150 UNK UNK C . n 
C 1 48  UNK 48  151 151 UNK UNK C . n 
C 1 49  UNK 49  152 152 UNK UNK C . n 
C 1 50  UNK 50  153 153 UNK UNK C . n 
C 1 51  UNK 51  154 154 UNK UNK C . n 
C 1 52  UNK 52  155 155 UNK UNK C . n 
C 1 53  UNK 53  156 156 UNK UNK C . n 
C 1 54  UNK 54  157 157 UNK UNK C . n 
C 1 55  UNK 55  158 158 UNK UNK C . n 
C 1 56  UNK 56  159 159 UNK UNK C . n 
C 1 57  UNK 57  160 160 UNK UNK C . n 
C 1 58  UNK 58  161 161 UNK UNK C . n 
C 1 59  UNK 59  162 162 UNK UNK C . n 
C 1 60  UNK 60  163 163 UNK UNK C . n 
C 1 61  UNK 61  164 164 UNK UNK C . n 
C 1 62  UNK 62  165 165 UNK UNK C . n 
C 1 63  UNK 63  166 166 UNK UNK C . n 
C 1 64  UNK 64  167 167 UNK UNK C . n 
C 1 65  UNK 65  168 168 UNK UNK C . n 
C 1 66  UNK 66  169 169 UNK UNK C . n 
C 1 67  UNK 67  170 170 UNK UNK C . n 
C 1 68  UNK 68  171 171 UNK UNK C . n 
C 1 69  UNK 69  172 172 UNK UNK C . n 
C 1 70  UNK 70  173 173 UNK UNK C . n 
C 1 71  UNK 71  174 174 UNK UNK C . n 
C 1 72  UNK 72  175 175 UNK UNK C . n 
C 1 73  UNK 73  176 176 UNK UNK C . n 
C 1 74  UNK 74  177 177 UNK UNK C . n 
C 1 75  UNK 75  178 178 UNK UNK C . n 
C 1 76  UNK 76  179 179 UNK UNK C . n 
C 1 77  UNK 77  180 180 UNK UNK C . n 
C 1 78  UNK 78  181 181 UNK UNK C . n 
C 1 79  UNK 79  182 182 UNK UNK C . n 
C 1 80  UNK 80  183 183 UNK UNK C . n 
C 1 81  UNK 81  184 184 UNK UNK C . n 
C 1 82  UNK 82  185 185 UNK UNK C . n 
C 1 83  UNK 83  186 186 UNK UNK C . n 
C 1 84  UNK 84  187 187 UNK UNK C . n 
C 1 85  UNK 85  188 188 UNK UNK C . n 
C 1 86  UNK 86  189 189 UNK UNK C . n 
C 1 87  UNK 87  190 190 UNK UNK C . n 
C 1 88  UNK 88  191 191 UNK UNK C . n 
C 1 89  UNK 89  192 192 UNK UNK C . n 
C 1 90  UNK 90  193 193 UNK UNK C . n 
C 1 91  UNK 91  194 194 UNK UNK C . n 
C 1 92  UNK 92  195 195 UNK UNK C . n 
C 1 93  UNK 93  196 196 UNK UNK C . n 
C 1 94  UNK 94  197 197 UNK UNK C . n 
C 1 95  UNK 95  198 198 UNK UNK C . n 
C 1 96  UNK 96  199 199 UNK UNK C . n 
C 1 97  UNK 97  200 200 UNK UNK C . n 
C 1 98  UNK 98  201 201 UNK UNK C . n 
C 1 99  UNK 99  202 202 UNK UNK C . n 
C 1 100 UNK 100 203 203 UNK UNK C . n 
C 1 101 UNK 101 204 204 UNK UNK C . n 
C 1 102 UNK 102 205 205 UNK UNK C . n 
C 1 103 UNK 103 206 206 UNK UNK C . n 
C 1 104 UNK 104 207 207 UNK UNK C . n 
C 1 105 UNK 105 208 208 UNK UNK C . n 
C 1 106 UNK 106 209 209 UNK UNK C . n 
C 1 107 UNK 107 210 210 UNK UNK C . n 
C 1 108 UNK 108 211 211 UNK UNK C . n 
C 1 109 UNK 109 212 212 UNK UNK C . n 
C 1 110 UNK 110 213 213 UNK UNK C . n 
C 1 111 UNK 111 214 214 UNK UNK C . n 
C 1 112 UNK 112 215 215 UNK UNK C . n 
C 1 113 UNK 113 216 216 UNK UNK C . n 
C 1 114 UNK 114 217 217 UNK UNK C . n 
C 1 115 UNK 115 218 218 UNK UNK C . n 
C 1 116 UNK 116 219 219 UNK UNK C . n 
C 1 117 UNK 117 220 220 UNK UNK C . n 
C 1 118 UNK 118 221 221 UNK UNK C . n 
C 1 119 UNK 119 222 222 UNK UNK C . n 
C 1 120 UNK 120 223 223 UNK UNK C . n 
C 1 121 UNK 121 224 224 UNK UNK C . n 
C 1 122 UNK 122 225 225 UNK UNK C . n 
C 1 123 UNK 123 226 226 UNK UNK C . n 
C 1 124 UNK 124 227 227 UNK UNK C . n 
C 1 125 UNK 125 228 228 UNK UNK C . n 
C 1 126 UNK 126 229 229 UNK UNK C . n 
C 1 127 UNK 127 230 230 UNK UNK C . n 
C 1 128 UNK 128 231 231 UNK UNK C . n 
C 1 129 UNK 129 232 232 UNK UNK C . n 
C 1 130 UNK 130 233 233 UNK UNK C . n 
C 1 131 UNK 131 234 234 UNK UNK C . n 
C 1 132 UNK 132 235 235 UNK UNK C . n 
C 1 133 UNK 133 236 236 UNK UNK C . n 
C 1 134 UNK 134 237 237 UNK UNK C . n 
C 1 135 UNK 135 238 238 UNK UNK C . n 
C 1 136 UNK 136 239 239 UNK UNK C . n 
C 1 137 UNK 137 240 240 UNK UNK C . n 
C 1 138 UNK 138 241 241 UNK UNK C . n 
C 1 139 UNK 139 242 242 UNK UNK C . n 
C 1 140 UNK 140 243 243 UNK UNK C . n 
C 1 141 UNK 141 244 244 UNK UNK C . n 
C 1 142 UNK 142 245 245 UNK UNK C . n 
C 1 143 UNK 143 246 246 UNK UNK C . n 
C 1 144 UNK 144 247 247 UNK UNK C . n 
C 1 145 UNK 145 248 248 UNK UNK C . n 
C 1 146 UNK 146 249 249 UNK UNK C . n 
C 1 147 UNK 147 250 250 UNK UNK C . n 
C 1 148 UNK 148 251 251 UNK UNK C . n 
C 1 149 UNK 149 252 252 UNK UNK C . n 
C 1 150 UNK 150 253 253 UNK UNK C . n 
C 1 151 UNK 151 254 254 UNK UNK C . n 
C 1 152 UNK 152 255 255 UNK UNK C . n 
C 1 153 UNK 153 256 256 UNK UNK C . n 
C 1 154 UNK 154 257 257 UNK UNK C . n 
C 1 155 UNK 155 258 258 UNK UNK C . n 
C 1 156 UNK 156 259 259 UNK UNK C . n 
C 1 157 UNK 157 260 260 UNK UNK C . n 
C 1 158 UNK 158 261 261 UNK UNK C . n 
C 1 159 UNK 159 262 262 UNK UNK C . n 
C 1 160 UNK 160 263 263 UNK UNK C . n 
C 1 161 UNK 161 264 264 UNK UNK C . n 
C 1 162 UNK 162 265 265 UNK UNK C . n 
C 1 163 UNK 163 266 266 UNK UNK C . n 
C 1 164 UNK 164 267 267 UNK UNK C . n 
C 1 165 UNK 165 268 268 UNK UNK C . n 
C 1 166 UNK 166 269 269 UNK UNK C . n 
C 1 167 UNK 167 270 270 UNK UNK C . n 
C 1 168 UNK 168 271 271 UNK UNK C . n 
C 1 169 UNK 169 272 272 UNK UNK C . n 
C 1 170 UNK 170 273 273 UNK UNK C . n 
C 1 171 UNK 171 274 274 UNK UNK C . n 
C 1 172 UNK 172 275 275 UNK UNK C . n 
C 1 173 UNK 173 276 276 UNK UNK C . n 
C 1 174 UNK 174 277 277 UNK UNK C . n 
C 1 175 UNK 175 278 278 UNK UNK C . n 
C 1 176 UNK 176 279 279 UNK UNK C . n 
C 1 177 UNK 177 280 280 UNK UNK C . n 
C 1 178 UNK 178 281 281 UNK UNK C . n 
C 1 179 UNK 179 282 282 UNK UNK C . n 
C 1 180 UNK 180 283 283 UNK UNK C . n 
C 1 181 UNK 181 284 284 UNK UNK C . n 
C 1 182 UNK 182 285 285 UNK UNK C . n 
C 1 183 UNK 183 286 286 UNK UNK C . n 
C 1 184 UNK 184 287 287 UNK UNK C . n 
C 1 185 UNK 185 288 288 UNK UNK C . n 
C 1 186 UNK 186 289 289 UNK UNK C . n 
C 1 187 UNK 187 290 290 UNK UNK C . n 
C 1 188 UNK 188 291 291 UNK UNK C . n 
C 1 189 UNK 189 292 292 UNK UNK C . n 
C 1 190 UNK 190 293 293 UNK UNK C . n 
C 1 191 UNK 191 294 294 UNK UNK C . n 
C 1 192 UNK 192 295 295 UNK UNK C . n 
C 1 193 UNK 193 296 296 UNK UNK C . n 
C 1 194 UNK 194 297 297 UNK UNK C . n 
C 1 195 UNK 195 298 298 UNK UNK C . n 
C 1 196 UNK 196 299 299 UNK UNK C . n 
C 1 197 UNK 197 300 300 UNK UNK C . n 
C 1 198 UNK 198 301 301 UNK UNK C . n 
C 1 199 UNK 199 302 302 UNK UNK C . n 
C 1 200 UNK 200 303 303 UNK UNK C . n 
C 1 201 UNK 201 304 304 UNK UNK C . n 
C 1 202 UNK 202 305 305 UNK UNK C . n 
C 1 203 UNK 203 306 306 UNK UNK C . n 
C 1 204 UNK 204 307 307 UNK UNK C . n 
C 1 205 UNK 205 308 308 UNK UNK C . n 
C 1 206 UNK 206 309 309 UNK UNK C . n 
C 1 207 UNK 207 310 310 UNK UNK C . n 
C 1 208 UNK 208 311 311 UNK UNK C . n 
C 1 209 UNK 209 312 312 UNK UNK C . n 
C 1 210 UNK 210 313 313 UNK UNK C . n 
C 1 211 UNK 211 314 314 UNK UNK C . n 
C 1 212 UNK 212 315 315 UNK UNK C . n 
C 1 213 UNK 213 316 316 UNK UNK C . n 
C 1 214 UNK 214 317 317 UNK UNK C . n 
C 1 215 UNK 215 318 318 UNK UNK C . n 
C 1 216 UNK 216 319 319 UNK UNK C . n 
C 1 217 UNK 217 320 320 UNK UNK C . n 
C 1 218 UNK 218 321 321 UNK UNK C . n 
C 1 219 UNK 219 322 322 UNK UNK C . n 
C 1 220 UNK 220 323 323 UNK UNK C . n 
C 1 221 UNK 221 324 324 UNK UNK C . n 
C 1 222 UNK 222 325 325 UNK UNK C . n 
C 1 223 UNK 223 326 326 UNK UNK C . n 
C 1 224 UNK 224 327 327 UNK UNK C . n 
C 1 225 UNK 225 328 328 UNK UNK C . n 
C 1 226 UNK 226 329 329 UNK UNK C . n 
C 1 227 UNK 227 330 330 UNK UNK C . n 
C 1 228 UNK 228 331 331 UNK UNK C . n 
C 1 229 UNK 229 332 332 UNK UNK C . n 
C 1 230 UNK 230 333 333 UNK UNK C . n 
C 1 231 UNK 231 334 334 UNK UNK C . n 
C 1 232 UNK 232 335 335 UNK UNK C . n 
C 1 233 UNK 233 336 336 UNK UNK C . n 
C 1 234 UNK 234 337 337 UNK UNK C . n 
C 1 235 UNK 235 338 338 UNK UNK C . n 
C 1 236 UNK 236 339 339 UNK UNK C . n 
C 1 237 UNK 237 340 340 UNK UNK C . n 
C 1 238 UNK 238 341 341 UNK UNK C . n 
C 1 239 UNK 239 342 342 UNK UNK C . n 
C 1 240 UNK 240 343 343 UNK UNK C . n 
C 1 241 UNK 241 344 344 UNK UNK C . n 
C 1 242 UNK 242 345 345 UNK UNK C . n 
C 1 243 UNK 243 346 346 UNK UNK C . n 
C 1 244 UNK 244 347 347 UNK UNK C . n 
C 1 245 UNK 245 348 348 UNK UNK C . n 
C 1 246 UNK 246 349 349 UNK UNK C . n 
C 1 247 UNK 247 350 350 UNK UNK C . n 
C 1 248 UNK 248 351 351 UNK UNK C . n 
C 1 249 UNK 249 352 352 UNK UNK C . n 
C 1 250 UNK 250 353 353 UNK UNK C . n 
C 1 251 UNK 251 354 354 UNK UNK C . n 
C 1 252 UNK 252 355 355 UNK UNK C . n 
C 1 253 UNK 253 356 356 UNK UNK C . n 
C 1 254 UNK 254 357 357 UNK UNK C . n 
C 1 255 UNK 255 358 358 UNK UNK C . n 
C 1 256 UNK 256 359 359 UNK UNK C . n 
C 1 257 UNK 257 360 360 UNK UNK C . n 
C 1 258 UNK 258 361 361 UNK UNK C . n 
C 1 259 UNK 259 362 362 UNK UNK C . n 
C 1 260 UNK 260 363 363 UNK UNK C . n 
C 1 261 UNK 261 364 364 UNK UNK C . n 
C 1 262 UNK 262 365 365 UNK UNK C . n 
C 1 263 UNK 263 366 366 UNK UNK C . n 
C 1 264 UNK 264 367 367 UNK UNK C . n 
C 1 265 UNK 265 368 368 UNK UNK C . n 
C 1 266 UNK 266 369 369 UNK UNK C . n 
C 1 267 UNK 267 370 370 UNK UNK C . n 
C 1 268 UNK 268 371 371 UNK UNK C . n 
C 1 269 UNK 269 372 372 UNK UNK C . n 
C 1 270 UNK 270 373 373 UNK UNK C . n 
C 1 271 UNK 271 374 374 UNK UNK C . n 
C 1 272 UNK 272 375 375 UNK UNK C . n 
C 1 273 UNK 273 376 376 UNK UNK C . n 
C 1 274 UNK 274 377 377 UNK UNK C . n 
C 1 275 UNK 275 378 378 UNK UNK C . n 
C 1 276 UNK 276 379 379 UNK UNK C . n 
C 1 277 UNK 277 380 380 UNK UNK C . n 
C 1 278 UNK 278 381 381 UNK UNK C . n 
C 1 279 UNK 279 382 382 UNK UNK C . n 
C 1 280 UNK 280 383 383 UNK UNK C . n 
C 1 281 UNK 281 757 757 UNK UNK C . n 
C 1 282 UNK 282 758 758 UNK UNK C . n 
C 1 283 UNK 283 759 759 UNK UNK C . n 
C 1 284 UNK 284 760 760 UNK UNK C . n 
C 1 285 UNK 285 761 761 UNK UNK C . n 
C 1 286 UNK 286 762 762 UNK UNK C . n 
C 1 287 UNK 287 763 763 UNK UNK C . n 
C 1 288 UNK 288 764 764 UNK UNK C . n 
C 1 289 UNK 289 765 765 UNK UNK C . n 
C 1 290 UNK 290 766 766 UNK UNK C . n 
C 1 291 UNK 291 767 767 UNK UNK C . n 
C 1 292 UNK 292 768 768 UNK UNK C . n 
C 1 293 UNK 293 769 769 UNK UNK C . n 
C 1 294 UNK 294 770 770 UNK UNK C . n 
C 1 295 UNK 295 771 771 UNK UNK C . n 
C 1 296 UNK 296 772 772 UNK UNK C . n 
C 1 297 UNK 297 773 773 UNK UNK C . n 
C 1 298 UNK 298 774 774 UNK UNK C . n 
C 1 299 UNK 299 775 775 UNK UNK C . n 
C 1 300 UNK 300 776 776 UNK UNK C . n 
C 1 301 UNK 301 777 777 UNK UNK C . n 
C 1 302 UNK 302 778 778 UNK UNK C . n 
C 1 303 UNK 303 779 779 UNK UNK C . n 
C 1 304 UNK 304 780 780 UNK UNK C . n 
C 1 305 UNK 305 781 781 UNK UNK C . n 
C 1 306 UNK 306 782 782 UNK UNK C . n 
C 1 307 UNK 307 783 783 UNK UNK C . n 
C 1 308 UNK 308 784 784 UNK UNK C . n 
C 1 309 UNK 309 785 785 UNK UNK C . n 
C 1 310 UNK 310 786 786 UNK UNK C . n 
C 1 311 UNK 311 787 787 UNK UNK C . n 
C 1 312 UNK 312 788 788 UNK UNK C . n 
C 1 313 UNK 313 789 789 UNK UNK C . n 
C 1 314 UNK 314 790 790 UNK UNK C . n 
C 1 315 UNK 315 791 791 UNK UNK C . n 
C 1 316 UNK 316 792 792 UNK UNK C . n 
C 1 317 UNK 317 793 793 UNK UNK C . n 
C 1 318 UNK 318 794 794 UNK UNK C . n 
C 1 319 UNK 319 795 795 UNK UNK C . n 
C 1 320 UNK 320 796 796 UNK UNK C . n 
C 1 321 UNK 321 797 797 UNK UNK C . n 
C 1 322 UNK 322 798 798 UNK UNK C . n 
C 1 323 UNK 323 799 799 UNK UNK C . n 
C 1 324 UNK 324 800 800 UNK UNK C . n 
C 1 325 UNK 325 801 801 UNK UNK C . n 
C 1 326 UNK 326 802 802 UNK UNK C . n 
C 1 327 UNK 327 803 803 UNK UNK C . n 
C 1 328 UNK 328 804 804 UNK UNK C . n 
C 1 329 UNK 329 805 805 UNK UNK C . n 
C 1 330 UNK 330 806 806 UNK UNK C . n 
C 1 331 UNK 331 807 807 UNK UNK C . n 
C 1 332 UNK 332 808 808 UNK UNK C . n 
C 1 333 UNK 333 809 809 UNK UNK C . n 
C 1 334 UNK 334 810 810 UNK UNK C . n 
C 1 335 UNK 335 811 811 UNK UNK C . n 
C 1 336 UNK 336 812 812 UNK UNK C . n 
C 1 337 UNK 337 813 813 UNK UNK C . n 
C 1 338 UNK 338 814 814 UNK UNK C . n 
C 1 339 UNK 339 815 815 UNK UNK C . n 
C 1 340 UNK 340 816 816 UNK UNK C . n 
C 1 341 UNK 341 817 817 UNK UNK C . n 
C 1 342 UNK 342 818 818 UNK UNK C . n 
C 1 343 UNK 343 819 819 UNK UNK C . n 
C 1 344 UNK 344 820 820 UNK UNK C . n 
C 1 345 UNK 345 821 821 UNK UNK C . n 
C 1 346 UNK 346 822 822 UNK UNK C . n 
C 1 347 UNK 347 823 823 UNK UNK C . n 
C 1 348 UNK 348 824 824 UNK UNK C . n 
C 1 349 UNK 349 825 825 UNK UNK C . n 
C 1 350 UNK 350 826 826 UNK UNK C . n 
C 1 351 UNK 351 827 827 UNK UNK C . n 
C 1 352 UNK 352 828 828 UNK UNK C . n 
C 1 353 UNK 353 829 829 UNK UNK C . n 
C 1 354 UNK 354 830 830 UNK UNK C . n 
C 1 355 UNK 355 831 831 UNK UNK C . n 
C 1 356 UNK 356 832 832 UNK UNK C . n 
C 1 357 UNK 357 833 833 UNK UNK C . n 
C 1 358 UNK 358 834 834 UNK UNK C . n 
C 1 359 UNK 359 835 835 UNK UNK C . n 
C 1 360 UNK 360 836 836 UNK UNK C . n 
# 
_cell.entry_id           1YXN 
_cell.length_a           1.0 
_cell.length_b           1.0 
_cell.length_c           1.0 
_cell.angle_alpha        90.0 
_cell.angle_beta         90.0 
_cell.angle_gamma        90.0 
_cell.Z_PDB              1 
_cell.pdbx_unique_axis   ? 
_cell.length_a_esd       ? 
_cell.length_b_esd       ? 
_cell.length_c_esd       ? 
_cell.angle_alpha_esd    ? 
_cell.angle_beta_esd     ? 
_cell.angle_gamma_esd    ? 
# 
_symmetry.entry_id                         1YXN 
_symmetry.space_group_name_H-M             'P 1' 
_symmetry.pdbx_full_space_group_name_H-M   ? 
_symmetry.Int_Tables_number                1 
_symmetry.cell_setting                     ? 
# 
_exptl.entry_id          1YXN 
_exptl.method            'ELECTRON MICROSCOPY' 
_exptl.crystals_number   ? 
# 
_exptl_crystal.id                    1 
_exptl_crystal.density_meas          ? 
_exptl_crystal.density_Matthews      ? 
_exptl_crystal.density_percent_sol   ? 
_exptl_crystal.description           ? 
_exptl_crystal.F_000                 ? 
_exptl_crystal.preparation           ? 
# 
_diffrn.id                     1 
_diffrn.ambient_temp           ? 
_diffrn.ambient_temp_details   ? 
_diffrn.crystal_id             1 
# 
_refine_hist.pdbx_refine_id                   'ELECTRON MICROSCOPY' 
_refine_hist.cycle_id                         LAST 
_refine_hist.pdbx_number_atoms_protein        1080 
_refine_hist.pdbx_number_atoms_nucleic_acid   0 
_refine_hist.pdbx_number_atoms_ligand         0 
_refine_hist.number_atoms_solvent             0 
_refine_hist.number_atoms_total               1080 
_refine_hist.d_res_high                       . 
_refine_hist.d_res_low                        . 
# 
_struct.entry_id                  1YXN 
_struct.title                     'Pseudo-atomic model of a fiberless isometric variant of bacteriophage phi29' 
_struct.pdbx_model_details        ? 
_struct.pdbx_CASP_flag            ? 
_struct.pdbx_model_type_details   ? 
# 
_struct_keywords.entry_id        1YXN 
_struct_keywords.pdbx_keywords   VIRUS 
_struct_keywords.text            
'phi29, capsid, icosahedral virus capsid, hk97 fold, phage, bacterial immuno-globulin, BIG2, Icosahedral virus, Virus' 
# 
loop_
_struct_asym.id 
_struct_asym.pdbx_blank_PDB_chainid_flag 
_struct_asym.pdbx_modified 
_struct_asym.entity_id 
_struct_asym.details 
A N N 1 ? 
B N N 1 ? 
C N N 1 ? 
# 
_struct_ref.id                         1 
_struct_ref.entity_id                  1 
_struct_ref.db_name                    PDB 
_struct_ref.db_code                    1YXN 
_struct_ref.pdbx_db_accession          1YXN 
_struct_ref.pdbx_db_isoform            ? 
_struct_ref.pdbx_seq_one_letter_code   ? 
_struct_ref.pdbx_align_begin           ? 
# 
loop_
_struct_ref_seq.align_id 
_struct_ref_seq.ref_id 
_struct_ref_seq.pdbx_PDB_id_code 
_struct_ref_seq.pdbx_strand_id 
_struct_ref_seq.seq_align_beg 
_struct_ref_seq.pdbx_seq_align_beg_ins_code 
_struct_ref_seq.seq_align_end 
_struct_ref_seq.pdbx_seq_align_end_ins_code 
_struct_ref_seq.pdbx_db_accession 
_struct_ref_seq.db_align_beg 
_struct_ref_seq.pdbx_db_align_beg_ins_code 
_struct_ref_seq.db_align_end 
_struct_ref_seq.pdbx_db_align_end_ins_code 
_struct_ref_seq.pdbx_auth_seq_align_beg 
_struct_ref_seq.pdbx_auth_seq_align_end 
1 1 1YXN A 1 ? 360 ? 1YXN 104 ? 836 ? 104 836 
2 1 1YXN B 1 ? 360 ? 1YXN 104 ? 836 ? 104 836 
3 1 1YXN C 1 ? 360 ? 1YXN 104 ? 836 ? 104 836 
# 
loop_
_pdbx_struct_assembly.id 
_pdbx_struct_assembly.details 
_pdbx_struct_assembly.method_details 
_pdbx_struct_assembly.oligomeric_details 
_pdbx_struct_assembly.oligomeric_count 
1 'complete icosahedral assembly'                ? 180-MERIC      180 
2 'icosahedral asymmetric unit'                  ? trimeric       3   
3 'icosahedral pentamer'                         ? pentadecameric 15  
4 'icosahedral 23 hexamer'                       ? octadecameric  18  
5 'icosahedral asymmetric unit, std point frame' ? trimeric       3   
# 
loop_
_pdbx_struct_assembly_gen.assembly_id 
_pdbx_struct_assembly_gen.oper_expression 
_pdbx_struct_assembly_gen.asym_id_list 
1 '(1-60)'           A,B,C 
2 1                  A,B,C 
3 '(1-5)'            A,B,C 
4 '(1,2,6,10,23,24)' A,B,C 
5 P                  A,B,C 
# 
loop_
_pdbx_struct_oper_list.id 
_pdbx_struct_oper_list.type 
_pdbx_struct_oper_list.name 
_pdbx_struct_oper_list.symmetry_operation 
_pdbx_struct_oper_list.matrix[1][1] 
_pdbx_struct_oper_list.matrix[1][2] 
_pdbx_struct_oper_list.matrix[1][3] 
_pdbx_struct_oper_list.vector[1] 
_pdbx_struct_oper_list.matrix[2][1] 
_pdbx_struct_oper_list.matrix[2][2] 
_pdbx_struct_oper_list.matrix[2][3] 
_pdbx_struct_oper_list.vector[2] 
_pdbx_struct_oper_list.matrix[3][1] 
_pdbx_struct_oper_list.matrix[3][2] 
_pdbx_struct_oper_list.matrix[3][3] 
_pdbx_struct_oper_list.vector[3] 
P  'transform to point frame' ?     ?     -0.31724474 0.93750208  -0.14298815 31.84845  0.10534141  -0.11500717 -0.98776340 41.44229   -0.94247491 -0.32842532 -0.06227238 187.54204  
1  'identity operation'       1_555 x,y,z 1.00000000  0.00000000  0.00000000  0.00000   0.00000000  1.00000000  0.00000000  0.00000    0.00000000  0.00000000  1.00000000  0.00000    
2  'point symmetry operation' ?     ?     0.69390634  0.71951744  -0.02808255 31.20138  -0.36900478 0.38881858  0.84418930  41.38907   0.61832794  -0.57542572 0.53530906  -65.27040  
3  'point symmetry operation' ?     ?     0.19863642  0.79519890  0.57288942  84.46534  0.12245516  -0.60009372 0.79050126  -9.13212   0.97239308  -0.08686907 -0.21657667 -104.73389 
4  'point symmetry operation' ?     ?     0.19863642  0.12245516  0.97239308  86.18289  0.79519890  -0.60009372 -0.08686907 -81.74501  0.57288942  0.79050126  -0.21657667 -63.85327  
5  'point symmetry operation' ?     ?     0.69390634  -0.36900478 0.61832794  33.98044  0.71951744  0.38881858  -0.57542572 -76.10105  -0.02808255 0.84418930  0.53530906  0.87584    
6  'point symmetry operation' ?     ?     0.77651791  0.61906525  0.11738030  11.47633  0.61906525  -0.78427362 0.04090365  -50.18366  0.11738030  0.04090365  -0.99224430 90.97826   
7  'point symmetry operation' ?     ?     0.38297220  0.73187861  0.56363640  53.66584  0.74426589  0.11695108  -0.65756423 -65.99812  -0.54717508 0.67132417  -0.49992327 161.09783  
8  'point symmetry operation' ?     ?     0.34419227  0.23579229  0.90880893  59.11810  0.06670498  0.95936441  -0.27417212 4.98398    -0.93652663 0.15499000  0.31447730  204.44089  
9  'point symmetry operation' ?     ?     0.71377067  -0.18361926 0.67588119  20.29828  -0.47725134 0.57877980  0.66124511  64.66780   -0.51260372 -0.79454257 0.32548351  161.10880  
10 'point symmetry operation' ?     ?     0.98096262  0.05325645  0.18675140  -9.14596  -0.13587392 -0.49884777 0.85597265  30.57232   0.13874658  -0.86505182 -0.48211485 90.98504   
11 'point symmetry operation' ?     ?     -0.97780637 -0.02423003 -0.20810479 373.71484 -0.02423003 -0.97354670 0.22719973  63.47113   -0.20810479 0.22719973  0.95135307  32.46528   
12 'point symmetry operation' ?     ?     -0.79824205 -0.59322098 -0.10439581 355.78615 0.48291396  -0.52670355 -0.69955520 7.59150    0.36000517  -0.60882857 0.70691162  -26.71949  
13 'point symmetry operation' ?     ?     -0.39955470 -0.74493239 -0.53425816 313.14099 0.09689867  0.54521494  -0.83267720 46.51956   0.91157374  -0.38446899 -0.14566024 -86.82608  
14 'point symmetry operation' ?     ?     -0.33271668 -0.26970424 -0.90363666 304.71351 -0.64881590 0.76085386  0.01180381  126.45805  0.68435190  0.59022117  -0.42813718 -64.78924  
15 'point symmetry operation' ?     ?     -0.69009586 0.17571430  -0.70206280 342.15021 -0.72367755 -0.17779246 0.66684378  136.93470  -0.00764748 0.96825323  0.24985434  8.93688    
16 'point symmetry operation' ?     ?     -0.79871154 -0.59483521 0.09072448  344.77615 -0.59483521 0.75782031  -0.26810339 132.71943  0.09072448  -0.26810339 -0.95910877 105.22773  
17 'point symmetry operation' ?     ?     -0.27863649 -0.85817507 -0.43115803 289.31395 -0.85817507 0.02093389  0.51293013  163.02445  -0.43115803 0.51293013  -0.74229740 159.56332  
18 'point symmetry operation' ?     ?     -0.14327398 -0.28605880 -0.94744019 273.24289 -0.28605880 -0.90448563 0.31634806  103.63548  -0.94744019 0.31634806  0.04775962  215.79035  
19 'point symmetry operation' ?     ?     -0.57969041 0.33086835  -0.74463760 318.77264 0.33086835  -0.73953993 -0.58617986 36.62606   -0.74463760 -0.58617986 0.31923034  196.20497  
20 'point symmetry operation' ?     ?     -0.98477310 0.14003403  -0.10301655 362.98262 0.14003403  0.28782165  -0.94739071 54.60093   -0.10301655 -0.94739071 -0.30304855 127.87352  
21 'point symmetry operation' ?     ?     0.16629456  0.31134037  0.93563523  87.29175  -0.88168356 -0.37794761 0.28247069  195.04928  0.44156564  -0.87190754 0.21165305  -3.68792   
22 'point symmetry operation' ?     ?     0.57903617  -0.29768182 0.75901425  44.29717  -0.29768182 -0.94388065 -0.14309029 133.45966  0.75901425  -0.14309029 -0.63515552 -39.81259  
23 'point symmetry operation' ?     ?     0.98096262  -0.13587392 0.13874658  0.50196   0.05325645  -0.49884777 -0.86505182 94.44479   0.18675140  0.85597265  -0.48211485 19.40419   
24 'point symmetry operation' ?     ?     0.81662520  0.57315106  -0.06797894 16.42961  -0.31385352 0.34213073  -0.88568760 131.92189  -0.48437510 0.74461025  0.45927805  92.12683   
25 'point symmetry operation' ?     ?     0.31313265  0.84954469  0.42452533  70.06865  -0.89167822 0.41685113  -0.17647969 194.09889  -0.32689125 -0.32327844 0.88805020  77.85513   
26 'point symmetry operation' ?     ?     0.43169586  -0.10295796 -0.89612407 158.69846 -0.88546082 -0.23785123 -0.39923166 229.59627  -0.17204014 0.96582940  -0.19384463 64.39097   
27 'point symmetry operation' ?     ?     -0.21655008 0.78623357  -0.57874246 226.39701 -0.77351474 -0.49985732 -0.38963779 218.18224  -0.59563497 0.36328973  0.71640740  111.65018  
28 'point symmetry operation' ?     ?     -0.79824205 0.48291396  0.36000517  289.95658 -0.59322098 -0.52670355 -0.60882857 198.79070  -0.10439581 -0.69955520 0.70691162  61.34158   
29 'point symmetry operation' ?     ?     -0.50950153 -0.59373939 0.62280150  261.54001 -0.59373939 -0.28128935 -0.75388980 198.22010  0.62280150  -0.75388980 -0.20920912 -17.01006  
30 'point symmetry operation' ?     ?     0.25064190  -0.95582815 -0.15352906 180.41803 -0.77435355 -0.10276879 -0.62435178 217.25899  0.58099502  0.27537449  -0.76590709 -15.12543  
31 'point symmetry operation' ?     ?     -0.36485784 -0.09455764 0.92624922  199.57528 0.81248999  0.45349015  0.36634233  -149.26722 -0.45468536 0.88623109  -0.08863230 112.86213  
32 'point symmetry operation' ?     ?     0.35444082  -0.83227497 0.42625119  123.82090 0.62297163  0.55012331  0.55612110  -129.05819 -0.69733639 0.06843038  0.71346985  141.14067  
33 'point symmetry operation' ?     ?     0.81662520  -0.31385352 -0.48437510 72.61127  0.57315106  0.34213073  0.74461025  -123.14977 -0.06797894 -0.88568760 0.45927805  75.64662   
34 'point symmetry operation' ?     ?     0.38297220  0.74426589  -0.54717508 116.71635 0.73187861  0.11695108  0.67132417  -139.70720 0.56363640  -0.65756423 -0.49992327 6.89053    
35 'point symmetry operation' ?     ?     -0.34722448 0.87979820  0.32463869  195.18442 0.87979820  0.18577499  0.43754174  -155.84867 0.32463869  0.43754174  -0.83855050 29.89098   
36 'point symmetry operation' ?     ?     -0.23313258 -0.11382478 -0.96576038 284.40184 0.95465439  0.16230870  -0.24958137 -129.37143 0.18515986  -0.98015295 0.07082388  55.10608   
37 'point symmetry operation' ?     ?     -0.71692692 0.34372321  -0.60652298 335.45224 0.44822493  0.89361467  -0.02339303 -76.57681  0.53395711  -0.28862982 -0.79472173 15.69300   
38 'point symmetry operation' ?     ?     -0.99934577 -0.03318653 -0.01437665 366.89752 -0.03318653 0.68342059  0.72927014  -24.07882  -0.01437665 0.72927014  -0.68407482 72.27888   
39 'point symmetry operation' ?     ?     -0.69009586 -0.72367755 -0.00764748 335.28136 0.17571430  -0.17779246 0.96825323  -44.42789  -0.70206280 0.66684378  0.24985434  146.66397  
40 'point symmetry operation' ?     ?     -0.21655008 -0.77351474 -0.59563497 284.29622 0.78623357  -0.49985732 0.36328973  -109.50230 -0.57874246 -0.38963779 0.71640740  136.05059  
41 'point symmetry operation' ?     ?     0.16629456  -0.88168356 0.44156564  159.08406 0.31134037  -0.37794761 -0.87190754 43.32544   0.93563523  0.28247069  0.21165305  -135.98838 
42 'point symmetry operation' ?     ?     0.71377067  -0.47725134 -0.51260372 98.95945  -0.18361926 0.57877980  -0.79454257 94.30654   0.67588119  0.66124511  0.32548351  -108.91875 
43 'point symmetry operation' ?     ?     0.35444082  0.62297163  -0.69733639 134.93494 -0.83227497 0.55012331  0.06843038  164.39264  0.42625119  0.55612110  0.71346985  -81.70644  
44 'point symmetry operation' ?     ?     -0.41511336 0.89851459  0.14266189  217.29363 -0.73820660 -0.42431479 0.52441202  156.72713  0.53172540  0.11237648  0.83942815  -91.95794  
45 'point symmetry operation' ?     ?     -0.53139414 -0.03141345 0.84654206  232.21860 -0.03141345 -0.99789417 -0.05674878 81.90349   0.84654206  -0.05674878 0.52928831  -125.50602 
46 'point symmetry operation' ?     ?     -0.36485784 0.81248999  -0.45468536 245.41149 -0.09455764 0.45349015  0.88623109  -13.45935  0.92624922  0.36634233  -0.08863230 -120.17031 
47 'point symmetry operation' ?     ?     -0.83413452 0.31502727  0.45274430  297.33312 0.31502727  -0.40167064 0.85989448  -55.48480  0.45274430  0.85989448  0.23580516  -70.32242  
48 'point symmetry operation' ?     ?     -0.41511336 -0.73820660 0.53172540  254.79486 0.89851459  -0.42431479 0.11237648  -118.40594 0.14266189  0.52441202  0.83942815  -35.99703  
49 'point symmetry operation' ?     ?     0.31313265  -0.89167822 -0.32689125 176.58313 0.84954469  0.41685113  -0.32327844 -115.26790 0.42452533  -0.17647969 0.88805020  -64.63067  
50 'point symmetry operation' ?     ?     0.34419227  0.06670498  -0.93652663 170.78389 0.23579229  0.95936441  0.15499000  -50.40734  0.90880893  -0.27417212 0.31447730  -116.65261 
51 'point symmetry operation' ?     ?     -0.23313258 0.95465439  0.18515986  179.60490 -0.11382478 0.16230870  -0.98015295 107.38247  -0.96576038 -0.24958137 0.07082388  238.47250  
52 'point symmetry operation' ?     ?     -0.39955470 0.09689867  0.91157374  199.75765 -0.74493239 0.54521494  -0.38446899 174.52377  -0.53425816 -0.83267720 -0.14566024 193.38680  
53 'point symmetry operation' ?     ?     0.25064190  -0.77435355 0.58099502  131.80275 -0.95582815 -0.10276879 0.27537449  198.94123  -0.15352906 -0.62435178 -0.76590709 151.76077  
54 'point symmetry operation' ?     ?     0.81890762  -0.45506130 -0.34972775 69.65157  -0.45506130 -0.88615101 0.08749623  146.89077  -0.34972775 0.08749623  -0.93275661 171.12017  
55 'point symmetry operation' ?     ?     0.51991855  0.61352438  -0.59436733 99.19493  0.06532540  -0.72232410 -0.68846239 90.30434   -0.85171432 0.31911709  -0.41562843 224.71097  
56 'point symmetry operation' ?     ?     0.43169586  -0.88546082 -0.17204014 145.86687 -0.10295796 -0.23785123 0.96582940  8.75833    -0.89612407 -0.39923166 -0.19384463 246.35746  
57 'point symmetry operation' ?     ?     0.51991855  0.06532540  -0.85171432 133.91710 0.61352438  -0.72232410 0.31911709  -67.33861  -0.59436733 -0.68846239 -0.41562843 214.52564  
58 'point symmetry operation' ?     ?     -0.18996937 0.88958853  -0.41538403 208.43477 0.88958853  -0.02303972 -0.45618135 -98.92103  -0.41538403 -0.45618135 -0.78699091 194.61397  
59 'point symmetry operation' ?     ?     -0.71692692 0.44822493  0.53395711  266.43899 0.34372321  0.89361467  -0.28862982 -42.34309  -0.60652298 -0.02339303 -0.79472173 214.13970  
60 'point symmetry operation' ?     ?     -0.33271668 -0.64881590 0.68435190  227.76990 -0.26970424 0.76085386  0.59022117  24.20641   -0.90363666 0.01180381  -0.42813718 246.11893 
# 
_pdbx_point_symmetry.entry_id             1YXN 
_pdbx_point_symmetry.Schoenflies_symbol   I 
_pdbx_point_symmetry.H-M_notation         532 
_pdbx_point_symmetry.circular_symmetry    ? 
# 
_pdbx_database_remark.id     999 
_pdbx_database_remark.text   
;SEQUENCE
The authors state that an alignment between the coordinate 
C-alpha atoms and the sequence is not possible.

The following is the one-letter sequence for the protein 
modeled in this structure, SwissProt entry P13849:
MRITFNDVKTSLGITESYDIVNAIRNSQGDNFKSYVPLATANNVAEVGAGILINQTVQND
FITSLVDRIGLVVIRQVSLNNPLKKFKKGQIPLGRTIEEIYTDITKEKQYDAEEAEQKVF
EREMPNVKTLFHERNRQGFYHQTIQDDSLKTAFVSWGNFESFVSSIINAIYNSAEVDEYE
YMKLLVDNYYSKGLFTTVKIDEPTSSTGALTEFVKKMRATARKLTLPQGSRDWNSMAVRT
RSYMEDLHLIIDADLEAELDVDVLAKAFNMNRTDFLGNVTVIDGFASTGLEAVLVDKDWF
MVYDNLHKMETVRNPRGLYWNYYYHVWQTLSVSRFANAVAFVSGDVPAVTQVIVSPNIAA
VKQGGQQQFTAYVRATNAKDHKVVWSVEGGSTGTAITGDGLLSVSGNEDNQLTVKATVDI
GTEDKPKLVVGEAVVSIRPNNASGGAQA
;
# 
_em_3d_fitting.id                1 
_em_3d_fitting.entry_id          1YXN 
_em_3d_fitting.ref_protocol      'RIGID BODY FIT' 
_em_3d_fitting.ref_space         REAL 
_em_3d_fitting.overall_b_value   ? 
_em_3d_fitting.target_criteria   
;rigid body refinement in real space against laplacian filtered EM density, 
using the program COLORES in the package SITUS. Each molecule in the T=3 
asymmetric unit was refined separately.
;
_em_3d_fitting.details           
;METHOD--6D search for each symmetry related molecule in the icosahedral 
asymmetric unit REFINEMENT PROTOCOL--rigid body
;
_em_3d_fitting.method            ? 
# 
_em_3d_reconstruction.entry_id                    1YXN 
_em_3d_reconstruction.id                          1 
_em_3d_reconstruction.symmetry_type               POINT 
_em_3d_reconstruction.num_particles               5922 
_em_3d_reconstruction.image_processing_id         1 
_em_3d_reconstruction.method                      
;3D reconstructions were calculated using the Fourier-Bessel method. Initial orientations were found via common-lines, improved using model based polar Fourier transform methods, and finally refined by minimizing the vector difference between between structure factors calculated from a particle image and those from a central section of the Fourier transform of the model.
;
_em_3d_reconstruction.nominal_pixel_size          1.8421 
_em_3d_reconstruction.actual_pixel_size           ? 
_em_3d_reconstruction.resolution                  7.9 
_em_3d_reconstruction.magnification_calibration   ? 
_em_3d_reconstruction.details                     
'Software used included P3DR (3D reconstructions), PFT (initial orientation improvement), and POR (final orientation refinement.' 
_em_3d_reconstruction.resolution_method           ? 
_em_3d_reconstruction.num_class_averages          ? 
_em_3d_reconstruction.algorithm                   ? 
# 
_em_buffer.id            1 
_em_buffer.specimen_id   1 
_em_buffer.name          tris-HCL 
_em_buffer.pH            7.8 
_em_buffer.details       tris-HCL 
# 
_em_entity_assembly.id                   1 
_em_entity_assembly.name                 'Fiberless isometric phi29 capsid' 
_em_entity_assembly.type                 VIRUS 
_em_entity_assembly.parent_id            0 
_em_entity_assembly.synonym              ? 
_em_entity_assembly.details              
;The capsid protein assembles a T=3 icosahedral virus shell. The virus particle is a protein shell with icosahedral symmetry. To generate the 
complete icosahedral particle, apply the following 59 matrices to the three chains in the icosahedral asymmetric unit, and combine with the original 
coordinates of the icosahedral asymmetric unit:
;
_em_entity_assembly.entity_id_list       ? 
_em_entity_assembly.source               NATURAL 
_em_entity_assembly.oligomeric_details   ? 
# 
_em_imaging.entry_id                        1YXN 
_em_imaging.id                              1 
_em_imaging.nominal_defocus_min             700 
_em_imaging.nominal_defocus_max             3000 
_em_imaging.mode                            'BRIGHT FIELD' 
_em_imaging.illumination_mode               'FLOOD BEAM' 
_em_imaging.electron_source                 'FIELD EMISSION GUN' 
_em_imaging.specimen_id                     1 
_em_imaging.date                            ? 
_em_imaging.temperature                     100 
_em_imaging.microscope_model                'FEI/PHILIPS CM200FEG/ST' 
_em_imaging.tilt_angle_min                  0.0 
_em_imaging.tilt_angle_max                  0.0 
_em_imaging.nominal_cs                      2.0 
_em_imaging.nominal_magnification           38000 
_em_imaging.calibrated_magnification        ? 
_em_imaging.accelerating_voltage            200 
_em_imaging.details                         ? 
_em_imaging.specimen_holder_type            ? 
_em_imaging.specimen_holder_model           ? 
_em_imaging.citation_id                     ? 
_em_imaging.detector_distance               ? 
_em_imaging.recording_temperature_maximum   ? 
_em_imaging.recording_temperature_minimum   ? 
_em_imaging.astigmatism                     ? 
_em_imaging.electron_beam_tilt_params       ? 
# 
_em_sample_support.id               1 
_em_sample_support.specimen_id      1 
_em_sample_support.details          'electron microscopy grid - in vitreous ice' 
_em_sample_support.film_material    ? 
_em_sample_support.grid_material    ? 
_em_sample_support.grid_mesh_size   ? 
_em_sample_support.grid_type        ? 
_em_sample_support.method           ? 
# 
_em_virus_entity.id                    1 
_em_virus_entity.virus_type            VIRION 
_em_virus_entity.virus_host_category   BACTERIA 
_em_virus_entity.entity_assembly_id    1 
_em_virus_entity.virus_isolate         ? 
_em_virus_entity.empty                 ? 
_em_virus_entity.enveloped             ? 
_em_virus_entity.details               ? 
# 
_em_vitrification.entry_id              1YXN 
_em_vitrification.id                    1 
_em_vitrification.instrument            'HOMEMADE PLUNGER' 
_em_vitrification.cryogen_name          ETHANE 
_em_vitrification.details               'frozen in liquid ethane' 
_em_vitrification.citation_id           ? 
_em_vitrification.humidity              ? 
_em_vitrification.method                ? 
_em_vitrification.specimen_id           1 
_em_vitrification.temp                  ? 
_em_vitrification.time_resolved_state   ? 
# 
_em_experiment.entry_id                1YXN 
_em_experiment.id                      1 
_em_experiment.aggregation_state       PARTICLE 
_em_experiment.entity_assembly_id      1 
_em_experiment.reconstruction_method   'SINGLE PARTICLE' 
# 
_em_single_particle_entity.entry_id              1YXN 
_em_single_particle_entity.id                    1 
_em_single_particle_entity.point_symmetry        I 
_em_single_particle_entity.image_processing_id   1 
# 
_em_ctf_correction.id        1 
_em_ctf_correction.details   'Inverse of CTF was applied to images. Both phases and amplitudes were corrected.' 
_em_ctf_correction.type      . 
# 
_em_entity_assembly_naturalsource.cellular_location    ? 
_em_entity_assembly_naturalsource.entity_assembly_id   1 
_em_entity_assembly_naturalsource.id                   1 
_em_entity_assembly_naturalsource.ncbi_tax_id          10665 
_em_entity_assembly_naturalsource.organ                . 
_em_entity_assembly_naturalsource.organelle            ? 
_em_entity_assembly_naturalsource.organism             'Enterobacteria phage T4' 
_em_entity_assembly_naturalsource.strain               ? 
_em_entity_assembly_naturalsource.tissue               ? 
_em_entity_assembly_naturalsource.cell                 ? 
# 
_em_image_processing.id                   1 
_em_image_processing.image_recording_id   1 
_em_image_processing.details              ? 
# 
_em_image_recording.details                       ? 
_em_image_recording.id                            1 
_em_image_recording.avg_electron_dose_per_image   20 
_em_image_recording.film_or_detector_model        'KODAK SO-163 FILM' 
_em_image_recording.imaging_id                    1 
_em_image_recording.detector_mode                 ? 
_em_image_recording.average_exposure_time         ? 
_em_image_recording.num_diffraction_images        ? 
_em_image_recording.num_grids_imaged              ? 
_em_image_recording.num_real_images               ? 
# 
loop_
_em_software.id 
_em_software.name 
_em_software.version 
_em_software.category 
_em_software.details 
_em_software.image_processing_id 
1 EMfit           ? 'MODEL FITTING' ?     ? 
2 'SITUS COLORES' ? 'MODEL FITTING' ?     ? 
3 'SITUS COLORES' ? 'MODEL FITTING' ?     ? 
4 EM3DR           ? RECONSTRUCTION  ?     1 
5 PFT             ? RECONSTRUCTION  EMPFT 1 
6 POR             ? RECONSTRUCTION  ?     1 
# 
_em_specimen.experiment_id           1 
_em_specimen.id                      1 
_em_specimen.concentration           1 
_em_specimen.vitrification_applied   YES 
_em_specimen.staining_applied        NO 
_em_specimen.embedding_applied       NO 
_em_specimen.shadowing_applied       NO 
_em_specimen.details                 ? 
# 
_em_virus_natural_host.entity_assembly_id   1 
_em_virus_natural_host.id                   1 
_em_virus_natural_host.ncbi_tax_id          1423 
_em_virus_natural_host.organism             'Bacillus subtilus' 
_em_virus_natural_host.strain               ? 
# 
loop_
_pdbx_coordinate_model.asym_id 
_pdbx_coordinate_model.type 
A 'CA ATOMS ONLY' 
B 'CA ATOMS ONLY' 
C 'CA ATOMS ONLY' 
# 
_atom_sites.entry_id                    1YXN 
_atom_sites.fract_transf_matrix[1][1]   1.000000 
_atom_sites.fract_transf_matrix[1][2]   0.000000 
_atom_sites.fract_transf_matrix[1][3]   0.000000 
_atom_sites.fract_transf_matrix[2][1]   0.000000 
_atom_sites.fract_transf_matrix[2][2]   1.000000 
_atom_sites.fract_transf_matrix[2][3]   0.000000 
_atom_sites.fract_transf_matrix[3][1]   0.000000 
_atom_sites.fract_transf_matrix[3][2]   0.000000 
_atom_sites.fract_transf_matrix[3][3]   1.000000 
_atom_sites.fract_transf_vector[1]      0.00000 
_atom_sites.fract_transf_vector[2]      0.00000 
_atom_sites.fract_transf_vector[3]      0.00000 
# 
_atom_type.symbol   C 
# 
loop_
_atom_site.group_PDB 
_atom_site.id 
_atom_site.type_symbol 
_atom_site.label_atom_id 
_atom_site.label_alt_id 
_atom_site.label_comp_id 
_atom_site.label_asym_id 
_atom_site.label_entity_id 
_atom_site.label_seq_id 
_atom_site.pdbx_PDB_ins_code 
_atom_site.Cartn_x 
_atom_site.Cartn_y 
_atom_site.Cartn_z 
_atom_site.occupancy 
_atom_site.B_iso_or_equiv 
_atom_site.pdbx_formal_charge 
_atom_site.auth_seq_id 
_atom_site.auth_comp_id 
_atom_site.auth_asym_id 
_atom_site.auth_atom_id 
_atom_site.pdbx_PDB_model_num 
ATOM 1    C CA . UNK A 1 1   ? 22.129  -84.315 -12.043 1.00 20.00 ? 104 UNK A CA 1 
ATOM 2    C CA . UNK A 1 2   ? 24.342  -81.636 -10.363 1.00 20.00 ? 105 UNK A CA 1 
ATOM 3    C CA . UNK A 1 3   ? 23.525  -79.288 -13.292 1.00 20.00 ? 106 UNK A CA 1 
ATOM 4    C CA . UNK A 1 4   ? 23.310  -75.509 -13.579 1.00 20.00 ? 107 UNK A CA 1 
ATOM 5    C CA . UNK A 1 5   ? 19.733  -74.220 -12.687 1.00 20.00 ? 108 UNK A CA 1 
ATOM 6    C CA . UNK A 1 6   ? 17.599  -72.982 -9.727  1.00 20.00 ? 109 UNK A CA 1 
ATOM 7    C CA . UNK A 1 7   ? 17.105  -76.350 -8.202  1.00 20.00 ? 110 UNK A CA 1 
ATOM 8    C CA . UNK A 1 8   ? 20.796  -77.147 -7.911  1.00 20.00 ? 111 UNK A CA 1 
ATOM 9    C CA . UNK A 1 9   ? 23.189  -74.559 -9.184  1.00 20.00 ? 112 UNK A CA 1 
ATOM 10   C CA . UNK A 1 10  ? 21.345  -71.302 -10.044 1.00 20.00 ? 113 UNK A CA 1 
ATOM 11   C CA . UNK A 1 11  ? 21.974  -69.874 -6.615  1.00 20.00 ? 114 UNK A CA 1 
ATOM 12   C CA . UNK A 1 12  ? 25.796  -69.909 -6.865  1.00 20.00 ? 115 UNK A CA 1 
ATOM 13   C CA . UNK A 1 13  ? 25.763  -68.130 -10.239 1.00 20.00 ? 116 UNK A CA 1 
ATOM 14   C CA . UNK A 1 14  ? 25.880  -64.325 -9.991  1.00 20.00 ? 117 UNK A CA 1 
ATOM 15   C CA . UNK A 1 15  ? 25.446  -62.166 -13.013 1.00 20.00 ? 118 UNK A CA 1 
ATOM 16   C CA . UNK A 1 16  ? 27.439  -59.684 -14.683 1.00 20.00 ? 119 UNK A CA 1 
ATOM 17   C CA . UNK A 1 17  ? 26.522  -56.132 -13.960 1.00 20.00 ? 120 UNK A CA 1 
ATOM 18   C CA . UNK A 1 18  ? 27.440  -53.932 -16.816 1.00 20.00 ? 121 UNK A CA 1 
ATOM 19   C CA . UNK A 1 19  ? 28.862  -50.284 -15.945 1.00 20.00 ? 122 UNK A CA 1 
ATOM 20   C CA . UNK A 1 20  ? 25.926  -47.727 -16.324 1.00 20.00 ? 123 UNK A CA 1 
ATOM 21   C CA . UNK A 1 21  ? 22.286  -46.884 -17.322 1.00 20.00 ? 124 UNK A CA 1 
ATOM 22   C CA . UNK A 1 22  ? 21.349  -47.450 -20.918 1.00 20.00 ? 125 UNK A CA 1 
ATOM 23   C CA . UNK A 1 23  ? 20.427  -44.074 -22.254 1.00 20.00 ? 126 UNK A CA 1 
ATOM 24   C CA . UNK A 1 24  ? 18.054  -42.606 -24.820 1.00 20.00 ? 127 UNK A CA 1 
ATOM 25   C CA . UNK A 1 25  ? 18.697  -40.791 -28.052 1.00 20.00 ? 128 UNK A CA 1 
ATOM 26   C CA . UNK A 1 26  ? 20.422  -37.545 -27.180 1.00 20.00 ? 129 UNK A CA 1 
ATOM 27   C CA . UNK A 1 27  ? 18.845  -34.889 -29.412 1.00 20.00 ? 130 UNK A CA 1 
ATOM 28   C CA . UNK A 1 28  ? 20.606  -32.592 -31.734 1.00 20.00 ? 131 UNK A CA 1 
ATOM 29   C CA . UNK A 1 29  ? 19.753  -29.129 -30.440 1.00 20.00 ? 132 UNK A CA 1 
ATOM 30   C CA . UNK A 1 30  ? 19.512  -26.478 -33.222 1.00 20.00 ? 133 UNK A CA 1 
ATOM 31   C CA . UNK A 1 31  ? 17.117  -23.549 -32.777 1.00 20.00 ? 134 UNK A CA 1 
ATOM 32   C CA . UNK A 1 32  ? 19.288  -22.229 -29.705 1.00 20.00 ? 135 UNK A CA 1 
ATOM 33   C CA . UNK A 1 33  ? 22.277  -22.002 -32.087 1.00 20.00 ? 136 UNK A CA 1 
ATOM 34   C CA . UNK A 1 34  ? 20.794  -19.806 -34.852 1.00 20.00 ? 137 UNK A CA 1 
ATOM 35   C CA . UNK A 1 35  ? 19.383  -17.052 -32.598 1.00 20.00 ? 138 UNK A CA 1 
ATOM 36   C CA . UNK A 1 36  ? 20.992  -14.230 -30.701 1.00 20.00 ? 139 UNK A CA 1 
ATOM 37   C CA . UNK A 1 37  ? 21.255  -14.727 -26.950 1.00 20.00 ? 140 UNK A CA 1 
ATOM 38   C CA . UNK A 1 38  ? 21.463  -12.354 -23.981 1.00 20.00 ? 141 UNK A CA 1 
ATOM 39   C CA . UNK A 1 39  ? 20.328  -11.887 -20.446 1.00 20.00 ? 142 UNK A CA 1 
ATOM 40   C CA . UNK A 1 40  ? 18.219  -9.319  -18.424 1.00 20.00 ? 143 UNK A CA 1 
ATOM 41   C CA . UNK A 1 41  ? 17.034  -8.492  -14.965 1.00 20.00 ? 144 UNK A CA 1 
ATOM 42   C CA . UNK A 1 42  ? 13.329  -7.684  -15.921 1.00 20.00 ? 145 UNK A CA 1 
ATOM 43   C CA . UNK A 1 43  ? 10.003  -9.528  -17.001 1.00 20.00 ? 146 UNK A CA 1 
ATOM 44   C CA . UNK A 1 44  ? 9.703   -8.393  -20.462 1.00 20.00 ? 147 UNK A CA 1 
ATOM 45   C CA . UNK A 1 45  ? 11.480  -6.183  -22.886 1.00 20.00 ? 148 UNK A CA 1 
ATOM 46   C CA . UNK A 1 46  ? 10.818  -2.967  -24.841 1.00 20.00 ? 149 UNK A CA 1 
ATOM 47   C CA . UNK A 1 47  ? 12.286  -2.865  -28.456 1.00 20.00 ? 150 UNK A CA 1 
ATOM 48   C CA . UNK A 1 48  ? 11.374  -0.170  -30.987 1.00 20.00 ? 151 UNK A CA 1 
ATOM 49   C CA . UNK A 1 49  ? 11.360  0.092   -34.806 1.00 20.00 ? 152 UNK A CA 1 
ATOM 50   C CA . UNK A 1 50  ? 10.298  2.060   -38.009 1.00 20.00 ? 153 UNK A CA 1 
ATOM 51   C CA . UNK A 1 51  ? 6.990   0.777   -39.573 1.00 20.00 ? 154 UNK A CA 1 
ATOM 52   C CA . UNK A 1 52  ? 6.632   3.169   -42.482 1.00 20.00 ? 155 UNK A CA 1 
ATOM 53   C CA . UNK A 1 53  ? 8.648   5.369   -44.666 1.00 20.00 ? 156 UNK A CA 1 
ATOM 54   C CA . UNK A 1 54  ? 6.568   7.224   -47.059 1.00 20.00 ? 157 UNK A CA 1 
ATOM 55   C CA . UNK A 1 55  ? 9.063   8.242   -49.701 1.00 20.00 ? 158 UNK A CA 1 
ATOM 56   C CA . UNK A 1 56  ? 7.237   10.949  -51.623 1.00 20.00 ? 159 UNK A CA 1 
ATOM 57   C CA . UNK A 1 57  ? 10.611  12.291  -52.898 1.00 20.00 ? 160 UNK A CA 1 
ATOM 58   C CA . UNK A 1 58  ? 10.737  13.375  -56.514 1.00 20.00 ? 161 UNK A CA 1 
ATOM 59   C CA . UNK A 1 59  ? 12.057  15.915  -58.901 1.00 20.00 ? 162 UNK A CA 1 
ATOM 60   C CA . UNK A 1 60  ? 10.941  19.397  -58.492 1.00 20.00 ? 163 UNK A CA 1 
ATOM 61   C CA . UNK A 1 61  ? 10.244  21.808  -61.049 1.00 20.00 ? 164 UNK A CA 1 
ATOM 62   C CA . UNK A 1 62  ? 11.732  25.267  -60.461 1.00 20.00 ? 165 UNK A CA 1 
ATOM 63   C CA . UNK A 1 63  ? 9.576   27.410  -58.109 1.00 20.00 ? 166 UNK A CA 1 
ATOM 64   C CA . UNK A 1 64  ? 6.837   24.589  -57.335 1.00 20.00 ? 167 UNK A CA 1 
ATOM 65   C CA . UNK A 1 65  ? 5.685   22.624  -54.217 1.00 20.00 ? 168 UNK A CA 1 
ATOM 66   C CA . UNK A 1 66  ? 7.894   19.923  -52.832 1.00 20.00 ? 169 UNK A CA 1 
ATOM 67   C CA . UNK A 1 67  ? 7.302   16.360  -51.564 1.00 20.00 ? 170 UNK A CA 1 
ATOM 68   C CA . UNK A 1 68  ? 6.033   15.853  -48.156 1.00 20.00 ? 171 UNK A CA 1 
ATOM 69   C CA . UNK A 1 69  ? 7.489   12.756  -46.592 1.00 20.00 ? 172 UNK A CA 1 
ATOM 70   C CA . UNK A 1 70  ? 6.180   11.290  -43.403 1.00 20.00 ? 173 UNK A CA 1 
ATOM 71   C CA . UNK A 1 71  ? 7.606   8.504   -41.280 1.00 20.00 ? 174 UNK A CA 1 
ATOM 72   C CA . UNK A 1 72  ? 6.061   5.999   -38.781 1.00 20.00 ? 175 UNK A CA 1 
ATOM 73   C CA . UNK A 1 73  ? 7.189   3.966   -35.661 1.00 20.00 ? 176 UNK A CA 1 
ATOM 74   C CA . UNK A 1 74  ? 5.930   1.176   -33.701 1.00 20.00 ? 177 UNK A CA 1 
ATOM 75   C CA . UNK A 1 75  ? 6.586   0.341   -30.104 1.00 20.00 ? 178 UNK A CA 1 
ATOM 76   C CA . UNK A 1 76  ? 6.852   -3.470  -29.889 1.00 20.00 ? 179 UNK A CA 1 
ATOM 77   C CA . UNK A 1 77  ? 6.863   -5.484  -26.675 1.00 20.00 ? 180 UNK A CA 1 
ATOM 78   C CA . UNK A 1 78  ? 8.350   -8.672  -25.246 1.00 20.00 ? 181 UNK A CA 1 
ATOM 79   C CA . UNK A 1 79  ? 7.436   -10.786 -22.259 1.00 20.00 ? 182 UNK A CA 1 
ATOM 80   C CA . UNK A 1 80  ? 9.404   -13.503 -20.651 1.00 20.00 ? 183 UNK A CA 1 
ATOM 81   C CA . UNK A 1 81  ? 7.695   -16.388 -19.206 1.00 20.00 ? 184 UNK A CA 1 
ATOM 82   C CA . UNK A 1 82  ? 8.674   -19.492 -17.390 1.00 20.00 ? 185 UNK A CA 1 
ATOM 83   C CA . UNK A 1 83  ? 9.601   -23.074 -18.402 1.00 20.00 ? 186 UNK A CA 1 
ATOM 84   C CA . UNK A 1 84  ? 8.913   -25.116 -15.357 1.00 20.00 ? 187 UNK A CA 1 
ATOM 85   C CA . UNK A 1 85  ? 9.393   -28.757 -14.836 1.00 20.00 ? 188 UNK A CA 1 
ATOM 86   C CA . UNK A 1 86  ? 9.274   -30.650 -11.358 1.00 20.00 ? 189 UNK A CA 1 
ATOM 87   C CA . UNK A 1 87  ? 9.401   -34.340 -10.125 1.00 20.00 ? 190 UNK A CA 1 
ATOM 88   C CA . UNK A 1 88  ? 8.138   -36.393 -7.072  1.00 20.00 ? 191 UNK A CA 1 
ATOM 89   C CA . UNK A 1 89  ? 10.687  -39.093 -5.909  1.00 20.00 ? 192 UNK A CA 1 
ATOM 90   C CA . UNK A 1 90  ? 10.654  -41.635 -3.084  1.00 20.00 ? 193 UNK A CA 1 
ATOM 91   C CA . UNK A 1 91  ? 13.028  -40.746 -0.238  1.00 20.00 ? 194 UNK A CA 1 
ATOM 92   C CA . UNK A 1 92  ? 13.937  -44.494 0.119   1.00 20.00 ? 195 UNK A CA 1 
ATOM 93   C CA . UNK A 1 93  ? 14.137  -45.287 -3.637  1.00 20.00 ? 196 UNK A CA 1 
ATOM 94   C CA . UNK A 1 94  ? 16.506  -42.269 -3.975  1.00 20.00 ? 197 UNK A CA 1 
ATOM 95   C CA . UNK A 1 95  ? 18.588  -42.883 -0.940  1.00 20.00 ? 198 UNK A CA 1 
ATOM 96   C CA . UNK A 1 96  ? 18.996  -46.591 -1.375  1.00 20.00 ? 199 UNK A CA 1 
ATOM 97   C CA . UNK A 1 97  ? 20.682  -46.225 -5.059  1.00 20.00 ? 200 UNK A CA 1 
ATOM 98   C CA . UNK A 1 98  ? 22.990  -42.895 -5.642  1.00 20.00 ? 201 UNK A CA 1 
ATOM 99   C CA . UNK A 1 99  ? 22.959  -42.811 -9.355  1.00 20.00 ? 202 UNK A CA 1 
ATOM 100  C CA . UNK A 1 100 ? 19.351  -41.450 -9.565  1.00 20.00 ? 203 UNK A CA 1 
ATOM 101  C CA . UNK A 1 101 ? 20.042  -37.766 -8.451  1.00 20.00 ? 204 UNK A CA 1 
ATOM 102  C CA . UNK A 1 102 ? 22.482  -37.731 -11.356 1.00 20.00 ? 205 UNK A CA 1 
ATOM 103  C CA . UNK A 1 103 ? 20.091  -39.379 -13.959 1.00 20.00 ? 206 UNK A CA 1 
ATOM 104  C CA . UNK A 1 104 ? 17.295  -37.225 -12.627 1.00 20.00 ? 207 UNK A CA 1 
ATOM 105  C CA . UNK A 1 105 ? 19.332  -33.997 -12.749 1.00 20.00 ? 208 UNK A CA 1 
ATOM 106  C CA . UNK A 1 106 ? 20.752  -34.549 -16.336 1.00 20.00 ? 209 UNK A CA 1 
ATOM 107  C CA . UNK A 1 107 ? 17.451  -35.799 -17.949 1.00 20.00 ? 210 UNK A CA 1 
ATOM 108  C CA . UNK A 1 108 ? 15.425  -33.014 -16.291 1.00 20.00 ? 211 UNK A CA 1 
ATOM 109  C CA . UNK A 1 109 ? 17.550  -30.483 -18.050 1.00 20.00 ? 212 UNK A CA 1 
ATOM 110  C CA . UNK A 1 110 ? 16.973  -32.071 -21.447 1.00 20.00 ? 213 UNK A CA 1 
ATOM 111  C CA . UNK A 1 111 ? 13.222  -31.752 -21.374 1.00 20.00 ? 214 UNK A CA 1 
ATOM 112  C CA . UNK A 1 112 ? 13.519  -28.020 -20.764 1.00 20.00 ? 215 UNK A CA 1 
ATOM 113  C CA . UNK A 1 113 ? 15.624  -27.956 -23.912 1.00 20.00 ? 216 UNK A CA 1 
ATOM 114  C CA . UNK A 1 114 ? 12.831  -29.904 -25.632 1.00 20.00 ? 217 UNK A CA 1 
ATOM 115  C CA . UNK A 1 115 ? 10.168  -27.459 -24.794 1.00 20.00 ? 218 UNK A CA 1 
ATOM 116  C CA . UNK A 1 116 ? 12.533  -24.496 -25.440 1.00 20.00 ? 219 UNK A CA 1 
ATOM 117  C CA . UNK A 1 117 ? 12.903  -25.565 -29.023 1.00 20.00 ? 220 UNK A CA 1 
ATOM 118  C CA . UNK A 1 118 ? 9.193   -26.125 -29.253 1.00 20.00 ? 221 UNK A CA 1 
ATOM 119  C CA . UNK A 1 119 ? 8.043   -22.625 -28.349 1.00 20.00 ? 222 UNK A CA 1 
ATOM 120  C CA . UNK A 1 120 ? 10.802  -21.226 -30.391 1.00 20.00 ? 223 UNK A CA 1 
ATOM 121  C CA . UNK A 1 121 ? 9.940   -23.060 -33.685 1.00 20.00 ? 224 UNK A CA 1 
ATOM 122  C CA . UNK A 1 122 ? 6.329   -23.732 -33.000 1.00 20.00 ? 225 UNK A CA 1 
ATOM 123  C CA . UNK A 1 123 ? 4.910   -21.014 -30.714 1.00 20.00 ? 226 UNK A CA 1 
ATOM 124  C CA . UNK A 1 124 ? 1.520   -19.781 -29.873 1.00 20.00 ? 227 UNK A CA 1 
ATOM 125  C CA . UNK A 1 125 ? 0.956   -16.139 -28.890 1.00 20.00 ? 228 UNK A CA 1 
ATOM 126  C CA . UNK A 1 126 ? -2.322  -17.232 -27.243 1.00 20.00 ? 229 UNK A CA 1 
ATOM 127  C CA . UNK A 1 127 ? -1.671  -18.447 -23.745 1.00 20.00 ? 230 UNK A CA 1 
ATOM 128  C CA . UNK A 1 128 ? 1.604   -18.134 -21.860 1.00 20.00 ? 231 UNK A CA 1 
ATOM 129  C CA . UNK A 1 129 ? 3.143   -20.021 -24.778 1.00 20.00 ? 232 UNK A CA 1 
ATOM 130  C CA . UNK A 1 130 ? 5.781   -18.395 -26.891 1.00 20.00 ? 233 UNK A CA 1 
ATOM 131  C CA . UNK A 1 131 ? 5.533   -16.462 -29.913 1.00 20.00 ? 234 UNK A CA 1 
ATOM 132  C CA . UNK A 1 132 ? 8.271   -18.385 -31.595 1.00 20.00 ? 235 UNK A CA 1 
ATOM 133  C CA . UNK A 1 133 ? 9.760   -18.327 -35.012 1.00 20.00 ? 236 UNK A CA 1 
ATOM 134  C CA . UNK A 1 134 ? 6.613   -19.596 -36.657 1.00 20.00 ? 237 UNK A CA 1 
ATOM 135  C CA . UNK A 1 135 ? 3.765   -17.375 -35.457 1.00 20.00 ? 238 UNK A CA 1 
ATOM 136  C CA . UNK A 1 136 ? 5.828   -14.433 -36.607 1.00 20.00 ? 239 UNK A CA 1 
ATOM 137  C CA . UNK A 1 137 ? 7.227   -15.702 -40.033 1.00 20.00 ? 240 UNK A CA 1 
ATOM 138  C CA . UNK A 1 138 ? 6.147   -14.526 -43.482 1.00 20.00 ? 241 UNK A CA 1 
ATOM 139  C CA . UNK A 1 139 ? 4.058   -16.255 -46.204 1.00 20.00 ? 242 UNK A CA 1 
ATOM 140  C CA . UNK A 1 140 ? 5.869   -18.026 -48.965 1.00 20.00 ? 243 UNK A CA 1 
ATOM 141  C CA . UNK A 1 141 ? 5.208   -16.587 -52.222 1.00 20.00 ? 244 UNK A CA 1 
ATOM 142  C CA . UNK A 1 142 ? 2.579   -18.634 -53.926 1.00 20.00 ? 245 UNK A CA 1 
ATOM 143  C CA . UNK A 1 143 ? 3.347   -16.711 -57.132 1.00 20.00 ? 246 UNK A CA 1 
ATOM 144  C CA . UNK A 1 144 ? 6.874   -18.058 -57.035 1.00 20.00 ? 247 UNK A CA 1 
ATOM 145  C CA . UNK A 1 145 ? 5.822   -21.615 -57.596 1.00 20.00 ? 248 UNK A CA 1 
ATOM 146  C CA . UNK A 1 146 ? 6.289   -22.741 -60.979 1.00 20.00 ? 249 UNK A CA 1 
ATOM 147  C CA . UNK A 1 147 ? 5.386   -25.757 -63.033 1.00 20.00 ? 250 UNK A CA 1 
ATOM 148  C CA . UNK A 1 148 ? 6.935   -28.984 -61.638 1.00 20.00 ? 251 UNK A CA 1 
ATOM 149  C CA . UNK A 1 149 ? 9.341   -27.589 -59.255 1.00 20.00 ? 252 UNK A CA 1 
ATOM 150  C CA . UNK A 1 150 ? 11.200  -29.605 -57.147 1.00 20.00 ? 253 UNK A CA 1 
ATOM 151  C CA . UNK A 1 151 ? 10.621  -29.166 -53.453 1.00 20.00 ? 254 UNK A CA 1 
ATOM 152  C CA . UNK A 1 152 ? 14.205  -28.328 -53.937 1.00 20.00 ? 255 UNK A CA 1 
ATOM 153  C CA . UNK A 1 153 ? 13.075  -25.467 -56.370 1.00 20.00 ? 256 UNK A CA 1 
ATOM 154  C CA . UNK A 1 154 ? 10.774  -24.415 -53.432 1.00 20.00 ? 257 UNK A CA 1 
ATOM 155  C CA . UNK A 1 155 ? 13.646  -23.739 -51.142 1.00 20.00 ? 258 UNK A CA 1 
ATOM 156  C CA . UNK A 1 156 ? 15.156  -21.597 -53.860 1.00 20.00 ? 259 UNK A CA 1 
ATOM 157  C CA . UNK A 1 157 ? 11.982  -19.535 -53.908 1.00 20.00 ? 260 UNK A CA 1 
ATOM 158  C CA . UNK A 1 158 ? 12.109  -19.605 -50.161 1.00 20.00 ? 261 UNK A CA 1 
ATOM 159  C CA . UNK A 1 159 ? 15.644  -18.061 -50.278 1.00 20.00 ? 262 UNK A CA 1 
ATOM 160  C CA . UNK A 1 160 ? 14.331  -15.267 -52.607 1.00 20.00 ? 263 UNK A CA 1 
ATOM 161  C CA . UNK A 1 161 ? 11.799  -13.806 -50.257 1.00 20.00 ? 264 UNK A CA 1 
ATOM 162  C CA . UNK A 1 162 ? 14.364  -13.445 -47.526 1.00 20.00 ? 265 UNK A CA 1 
ATOM 163  C CA . UNK A 1 163 ? 16.109  -11.130 -50.027 1.00 20.00 ? 266 UNK A CA 1 
ATOM 164  C CA . UNK A 1 164 ? 13.060  -8.587  -50.702 1.00 20.00 ? 267 UNK A CA 1 
ATOM 165  C CA . UNK A 1 165 ? 13.771  -7.571  -47.175 1.00 20.00 ? 268 UNK A CA 1 
ATOM 166  C CA . UNK A 1 166 ? 16.930  -6.054  -48.452 1.00 20.00 ? 269 UNK A CA 1 
ATOM 167  C CA . UNK A 1 167 ? 18.684  -8.831  -46.273 1.00 20.00 ? 270 UNK A CA 1 
ATOM 168  C CA . UNK A 1 168 ? 20.282  -12.243 -45.876 1.00 20.00 ? 271 UNK A CA 1 
ATOM 169  C CA . UNK A 1 169 ? 19.508  -15.872 -45.455 1.00 20.00 ? 272 UNK A CA 1 
ATOM 170  C CA . UNK A 1 170 ? 20.981  -18.144 -42.980 1.00 20.00 ? 273 UNK A CA 1 
ATOM 171  C CA . UNK A 1 171 ? 19.488  -21.547 -42.337 1.00 20.00 ? 274 UNK A CA 1 
ATOM 172  C CA . UNK A 1 172 ? 17.137  -24.205 -43.662 1.00 20.00 ? 275 UNK A CA 1 
ATOM 173  C CA . UNK A 1 173 ? 14.873  -25.837 -41.013 1.00 20.00 ? 276 UNK A CA 1 
ATOM 174  C CA . UNK A 1 174 ? 13.045  -29.074 -41.634 1.00 20.00 ? 277 UNK A CA 1 
ATOM 175  C CA . UNK A 1 175 ? 11.573  -32.403 -40.416 1.00 20.00 ? 278 UNK A CA 1 
ATOM 176  C CA . UNK A 1 176 ? 14.144  -35.097 -41.223 1.00 20.00 ? 279 UNK A CA 1 
ATOM 177  C CA . UNK A 1 177 ? 11.938  -37.390 -43.340 1.00 20.00 ? 280 UNK A CA 1 
ATOM 178  C CA . UNK A 1 178 ? 11.668  -34.409 -45.791 1.00 20.00 ? 281 UNK A CA 1 
ATOM 179  C CA . UNK A 1 179 ? 15.505  -33.723 -45.942 1.00 20.00 ? 282 UNK A CA 1 
ATOM 180  C CA . UNK A 1 180 ? 15.510  -37.509 -46.723 1.00 20.00 ? 283 UNK A CA 1 
ATOM 181  C CA . UNK A 1 181 ? 13.473  -37.648 -49.824 1.00 20.00 ? 284 UNK A CA 1 
ATOM 182  C CA . UNK A 1 182 ? 15.054  -34.405 -50.843 1.00 20.00 ? 285 UNK A CA 1 
ATOM 183  C CA . UNK A 1 183 ? 18.647  -35.672 -51.072 1.00 20.00 ? 286 UNK A CA 1 
ATOM 184  C CA . UNK A 1 184 ? 17.374  -38.466 -53.345 1.00 20.00 ? 287 UNK A CA 1 
ATOM 185  C CA . UNK A 1 185 ? 15.585  -36.366 -55.942 1.00 20.00 ? 288 UNK A CA 1 
ATOM 186  C CA . UNK A 1 186 ? 16.405  -38.198 -58.980 1.00 20.00 ? 289 UNK A CA 1 
ATOM 187  C CA . UNK A 1 187 ? 16.715  -36.526 -62.102 1.00 20.00 ? 290 UNK A CA 1 
ATOM 188  C CA . UNK A 1 188 ? 14.235  -37.461 -64.786 1.00 20.00 ? 291 UNK A CA 1 
ATOM 189  C CA . UNK A 1 189 ? 16.527  -40.268 -65.865 1.00 20.00 ? 292 UNK A CA 1 
ATOM 190  C CA . UNK A 1 190 ? 17.098  -41.360 -62.286 1.00 20.00 ? 293 UNK A CA 1 
ATOM 191  C CA . UNK A 1 191 ? 20.444  -39.526 -61.619 1.00 20.00 ? 294 UNK A CA 1 
ATOM 192  C CA . UNK A 1 192 ? 20.481  -38.505 -58.080 1.00 20.00 ? 295 UNK A CA 1 
ATOM 193  C CA . UNK A 1 193 ? 20.781  -34.524 -57.941 1.00 20.00 ? 296 UNK A CA 1 
ATOM 194  C CA . UNK A 1 194 ? 22.538  -34.828 -54.640 1.00 20.00 ? 297 UNK A CA 1 
ATOM 195  C CA . UNK A 1 195 ? 24.774  -37.692 -53.676 1.00 20.00 ? 298 UNK A CA 1 
ATOM 196  C CA . UNK A 1 196 ? 24.209  -40.292 -56.285 1.00 20.00 ? 299 UNK A CA 1 
ATOM 197  C CA . UNK A 1 197 ? 25.371  -43.837 -55.046 1.00 20.00 ? 300 UNK A CA 1 
ATOM 198  C CA . UNK A 1 198 ? 28.537  -43.316 -52.949 1.00 20.00 ? 301 UNK A CA 1 
ATOM 199  C CA . UNK A 1 199 ? 27.661  -41.020 -50.061 1.00 20.00 ? 302 UNK A CA 1 
ATOM 200  C CA . UNK A 1 200 ? 25.201  -38.663 -48.545 1.00 20.00 ? 303 UNK A CA 1 
ATOM 201  C CA . UNK A 1 201 ? 24.917  -35.051 -49.034 1.00 20.00 ? 304 UNK A CA 1 
ATOM 202  C CA . UNK A 1 202 ? 27.039  -32.828 -47.057 1.00 20.00 ? 305 UNK A CA 1 
ATOM 203  C CA . UNK A 1 203 ? 23.910  -31.195 -45.549 1.00 20.00 ? 306 UNK A CA 1 
ATOM 204  C CA . UNK A 1 204 ? 24.001  -28.061 -47.632 1.00 20.00 ? 307 UNK A CA 1 
ATOM 205  C CA . UNK A 1 205 ? 21.001  -26.910 -49.710 1.00 20.00 ? 308 UNK A CA 1 
ATOM 206  C CA . UNK A 1 206 ? 21.509  -23.920 -52.004 1.00 20.00 ? 309 UNK A CA 1 
ATOM 207  C CA . UNK A 1 207 ? 24.678  -22.785 -50.345 1.00 20.00 ? 310 UNK A CA 1 
ATOM 208  C CA . UNK A 1 208 ? 23.353  -22.611 -46.794 1.00 20.00 ? 311 UNK A CA 1 
ATOM 209  C CA . UNK A 1 209 ? 22.736  -24.685 -43.709 1.00 20.00 ? 312 UNK A CA 1 
ATOM 210  C CA . UNK A 1 210 ? 20.082  -27.477 -43.735 1.00 20.00 ? 313 UNK A CA 1 
ATOM 211  C CA . UNK A 1 211 ? 18.974  -28.285 -40.314 1.00 20.00 ? 314 UNK A CA 1 
ATOM 212  C CA . UNK A 1 212 ? 17.394  -31.649 -39.102 1.00 20.00 ? 315 UNK A CA 1 
ATOM 213  C CA . UNK A 1 213 ? 14.777  -31.497 -36.432 1.00 20.00 ? 316 UNK A CA 1 
ATOM 214  C CA . UNK A 1 214 ? 11.537  -33.201 -35.321 1.00 20.00 ? 317 UNK A CA 1 
ATOM 215  C CA . UNK A 1 215 ? 10.810  -29.987 -33.801 1.00 20.00 ? 318 UNK A CA 1 
ATOM 216  C CA . UNK A 1 216 ? 9.512   -29.305 -37.376 1.00 20.00 ? 319 UNK A CA 1 
ATOM 217  C CA . UNK A 1 217 ? 6.438   -31.102 -38.632 1.00 20.00 ? 320 UNK A CA 1 
ATOM 218  C CA . UNK A 1 218 ? 6.010   -32.543 -42.063 1.00 20.00 ? 321 UNK A CA 1 
ATOM 219  C CA . UNK A 1 219 ? 5.147   -30.141 -44.815 1.00 20.00 ? 322 UNK A CA 1 
ATOM 220  C CA . UNK A 1 220 ? 6.094   -27.251 -42.533 1.00 20.00 ? 323 UNK A CA 1 
ATOM 221  C CA . UNK A 1 221 ? 9.419   -25.662 -43.676 1.00 20.00 ? 324 UNK A CA 1 
ATOM 222  C CA . UNK A 1 222 ? 11.491  -22.733 -42.190 1.00 20.00 ? 325 UNK A CA 1 
ATOM 223  C CA . UNK A 1 223 ? 14.093  -20.499 -44.014 1.00 20.00 ? 326 UNK A CA 1 
ATOM 224  C CA . UNK A 1 224 ? 15.159  -17.602 -42.006 1.00 20.00 ? 327 UNK A CA 1 
ATOM 225  C CA . UNK A 1 225 ? 16.932  -14.286 -41.853 1.00 20.00 ? 328 UNK A CA 1 
ATOM 226  C CA . UNK A 1 226 ? 18.301  -16.229 -38.910 1.00 20.00 ? 329 UNK A CA 1 
ATOM 227  C CA . UNK A 1 227 ? 21.263  -14.508 -37.071 1.00 20.00 ? 330 UNK A CA 1 
ATOM 228  C CA . UNK A 1 228 ? 20.151  -10.865 -37.093 1.00 20.00 ? 331 UNK A CA 1 
ATOM 229  C CA . UNK A 1 229 ? 16.305  -11.363 -37.455 1.00 20.00 ? 332 UNK A CA 1 
ATOM 230  C CA . UNK A 1 230 ? 15.531  -12.393 -33.770 1.00 20.00 ? 333 UNK A CA 1 
ATOM 231  C CA . UNK A 1 231 ? 17.045  -12.593 -30.228 1.00 20.00 ? 334 UNK A CA 1 
ATOM 232  C CA . UNK A 1 232 ? 16.812  -14.932 -27.152 1.00 20.00 ? 335 UNK A CA 1 
ATOM 233  C CA . UNK A 1 233 ? 17.384  -13.968 -23.623 1.00 20.00 ? 336 UNK A CA 1 
ATOM 234  C CA . UNK A 1 234 ? 17.162  -15.657 -20.386 1.00 20.00 ? 337 UNK A CA 1 
ATOM 235  C CA . UNK A 1 235 ? 16.554  -14.680 -16.859 1.00 20.00 ? 338 UNK A CA 1 
ATOM 236  C CA . UNK A 1 236 ? 17.371  -17.807 -14.768 1.00 20.00 ? 339 UNK A CA 1 
ATOM 237  C CA . UNK A 1 237 ? 19.832  -19.747 -16.571 1.00 20.00 ? 340 UNK A CA 1 
ATOM 238  C CA . UNK A 1 238 ? 18.328  -23.187 -15.564 1.00 20.00 ? 341 UNK A CA 1 
ATOM 239  C CA . UNK A 1 239 ? 18.444  -24.681 -12.176 1.00 20.00 ? 342 UNK A CA 1 
ATOM 240  C CA . UNK A 1 240 ? 18.003  -28.071 -10.551 1.00 20.00 ? 343 UNK A CA 1 
ATOM 241  C CA . UNK A 1 241 ? 16.841  -27.568 -6.790  1.00 20.00 ? 344 UNK A CA 1 
ATOM 242  C CA . UNK A 1 242 ? 15.862  -30.448 -4.480  1.00 20.00 ? 345 UNK A CA 1 
ATOM 243  C CA . UNK A 1 243 ? 13.225  -29.841 -1.728  1.00 20.00 ? 346 UNK A CA 1 
ATOM 244  C CA . UNK A 1 244 ? 12.230  -32.420 0.787   1.00 20.00 ? 347 UNK A CA 1 
ATOM 245  C CA . UNK A 1 245 ? 9.406   -30.366 1.932   1.00 20.00 ? 348 UNK A CA 1 
ATOM 246  C CA . UNK A 1 246 ? 6.855   -29.791 -0.910  1.00 20.00 ? 349 UNK A CA 1 
ATOM 247  C CA . UNK A 1 247 ? 3.306   -30.676 -0.104  1.00 20.00 ? 350 UNK A CA 1 
ATOM 248  C CA . UNK A 1 248 ? 3.277   -33.966 1.867   1.00 20.00 ? 351 UNK A CA 1 
ATOM 249  C CA . UNK A 1 249 ? 6.873   -34.915 0.939   1.00 20.00 ? 352 UNK A CA 1 
ATOM 250  C CA . UNK A 1 250 ? 7.962   -35.322 4.626   1.00 20.00 ? 353 UNK A CA 1 
ATOM 251  C CA . UNK A 1 251 ? 5.077   -37.188 6.069   1.00 20.00 ? 354 UNK A CA 1 
ATOM 252  C CA . UNK A 1 252 ? 5.108   -39.602 3.138   1.00 20.00 ? 355 UNK A CA 1 
ATOM 253  C CA . UNK A 1 253 ? 8.897   -40.163 3.308   1.00 20.00 ? 356 UNK A CA 1 
ATOM 254  C CA . UNK A 1 254 ? 9.189   -38.711 -0.269  1.00 20.00 ? 357 UNK A CA 1 
ATOM 255  C CA . UNK A 1 255 ? 11.356  -35.870 -2.014  1.00 20.00 ? 358 UNK A CA 1 
ATOM 256  C CA . UNK A 1 256 ? 10.753  -33.050 -4.712  1.00 20.00 ? 359 UNK A CA 1 
ATOM 257  C CA . UNK A 1 257 ? 13.069  -31.669 -7.570  1.00 20.00 ? 360 UNK A CA 1 
ATOM 258  C CA . UNK A 1 258 ? 12.526  -28.631 -9.792  1.00 20.00 ? 361 UNK A CA 1 
ATOM 259  C CA . UNK A 1 259 ? 14.192  -27.180 -12.844 1.00 20.00 ? 362 UNK A CA 1 
ATOM 260  C CA . UNK A 1 260 ? 13.001  -24.004 -14.325 1.00 20.00 ? 363 UNK A CA 1 
ATOM 261  C CA . UNK A 1 261 ? 14.204  -21.747 -17.098 1.00 20.00 ? 364 UNK A CA 1 
ATOM 262  C CA . UNK A 1 262 ? 13.228  -18.079 -17.456 1.00 20.00 ? 365 UNK A CA 1 
ATOM 263  C CA . UNK A 1 263 ? 13.063  -17.256 -21.120 1.00 20.00 ? 366 UNK A CA 1 
ATOM 264  C CA . UNK A 1 264 ? 12.293  -14.289 -23.451 1.00 20.00 ? 367 UNK A CA 1 
ATOM 265  C CA . UNK A 1 265 ? 11.735  -14.202 -27.343 1.00 20.00 ? 368 UNK A CA 1 
ATOM 266  C CA . UNK A 1 266 ? 12.206  -11.179 -29.420 1.00 20.00 ? 369 UNK A CA 1 
ATOM 267  C CA . UNK A 1 267 ? 11.509  -10.706 -33.022 1.00 20.00 ? 370 UNK A CA 1 
ATOM 268  C CA . UNK A 1 268 ? 13.530  -7.888  -34.436 1.00 20.00 ? 371 UNK A CA 1 
ATOM 269  C CA . UNK A 1 269 ? 12.835  -8.542  -37.993 1.00 20.00 ? 372 UNK A CA 1 
ATOM 270  C CA . UNK A 1 270 ? 9.608   -10.000 -39.374 1.00 20.00 ? 373 UNK A CA 1 
ATOM 271  C CA . UNK A 1 271 ? 10.493  -9.738  -43.031 1.00 20.00 ? 374 UNK A CA 1 
ATOM 272  C CA . UNK A 1 272 ? 13.512  -12.003 -42.386 1.00 20.00 ? 375 UNK A CA 1 
ATOM 273  C CA . UNK A 1 273 ? 11.692  -15.365 -41.869 1.00 20.00 ? 376 UNK A CA 1 
ATOM 274  C CA . UNK A 1 274 ? 9.393   -17.476 -44.223 1.00 20.00 ? 377 UNK A CA 1 
ATOM 275  C CA . UNK A 1 275 ? 7.525   -20.712 -43.898 1.00 20.00 ? 378 UNK A CA 1 
ATOM 276  C CA . UNK A 1 276 ? 6.968   -23.542 -46.250 1.00 20.00 ? 379 UNK A CA 1 
ATOM 277  C CA . UNK A 1 277 ? 3.818   -25.607 -46.546 1.00 20.00 ? 380 UNK A CA 1 
ATOM 278  C CA . UNK A 1 278 ? 4.691   -28.276 -48.964 1.00 20.00 ? 381 UNK A CA 1 
ATOM 279  C CA . UNK A 1 279 ? 1.733   -29.538 -51.058 1.00 20.00 ? 382 UNK A CA 1 
ATOM 280  C CA . UNK A 1 280 ? 2.018   -32.967 -52.646 1.00 20.00 ? 383 UNK A CA 1 
ATOM 281  C CA . UNK A 1 281 ? -1.544  8.765   -33.804 1.00 20.00 ? 757 UNK A CA 1 
ATOM 282  C CA . UNK A 1 282 ? -0.177  7.133   -36.972 1.00 20.00 ? 758 UNK A CA 1 
ATOM 283  C CA . UNK A 1 283 ? 2.886   5.678   -35.271 1.00 20.00 ? 759 UNK A CA 1 
ATOM 284  C CA . UNK A 1 284 ? 0.694   3.566   -33.011 1.00 20.00 ? 760 UNK A CA 1 
ATOM 285  C CA . UNK A 1 285 ? -1.790  1.905   -35.332 1.00 20.00 ? 761 UNK A CA 1 
ATOM 286  C CA . UNK A 1 286 ? -3.303  -0.986  -33.386 1.00 20.00 ? 762 UNK A CA 1 
ATOM 287  C CA . UNK A 1 287 ? -3.643  -4.534  -34.721 1.00 20.00 ? 763 UNK A CA 1 
ATOM 288  C CA . UNK A 1 288 ? -7.168  -5.458  -33.604 1.00 20.00 ? 764 UNK A CA 1 
ATOM 289  C CA . UNK A 1 289 ? -6.430  -9.136  -33.030 1.00 20.00 ? 765 UNK A CA 1 
ATOM 290  C CA . UNK A 1 290 ? -3.272  -8.715  -30.942 1.00 20.00 ? 766 UNK A CA 1 
ATOM 291  C CA . UNK A 1 291 ? -3.280  -5.182  -29.543 1.00 20.00 ? 767 UNK A CA 1 
ATOM 292  C CA . UNK A 1 292 ? 0.198   -4.586  -30.954 1.00 20.00 ? 768 UNK A CA 1 
ATOM 293  C CA . UNK A 1 293 ? 0.743   -0.917  -31.874 1.00 20.00 ? 769 UNK A CA 1 
ATOM 294  C CA . UNK A 1 294 ? 3.026   0.304   -34.632 1.00 20.00 ? 770 UNK A CA 1 
ATOM 295  C CA . UNK A 1 295 ? 3.098   1.102   -38.337 1.00 20.00 ? 771 UNK A CA 1 
ATOM 296  C CA . UNK A 1 296 ? 0.593   -0.458  -40.743 1.00 20.00 ? 772 UNK A CA 1 
ATOM 297  C CA . UNK A 1 297 ? 1.856   -3.882  -41.883 1.00 20.00 ? 773 UNK A CA 1 
ATOM 298  C CA . UNK A 1 298 ? 2.938   -4.128  -45.537 1.00 20.00 ? 774 UNK A CA 1 
ATOM 299  C CA . UNK A 1 299 ? 1.531   -7.666  -45.742 1.00 20.00 ? 775 UNK A CA 1 
ATOM 300  C CA . UNK A 1 300 ? -2.242  -7.718  -45.358 1.00 20.00 ? 776 UNK A CA 1 
ATOM 301  C CA . UNK A 1 301 ? -4.474  -10.532 -44.238 1.00 20.00 ? 777 UNK A CA 1 
ATOM 302  C CA . UNK A 1 302 ? -7.546  -9.640  -46.314 1.00 20.00 ? 778 UNK A CA 1 
ATOM 303  C CA . UNK A 1 303 ? -10.202 -8.107  -44.063 1.00 20.00 ? 779 UNK A CA 1 
ATOM 304  C CA . UNK A 1 304 ? -7.672  -7.780  -41.279 1.00 20.00 ? 780 UNK A CA 1 
ATOM 305  C CA . UNK A 1 305 ? -8.579  -4.873  -38.998 1.00 20.00 ? 781 UNK A CA 1 
ATOM 306  C CA . UNK A 1 306 ? -6.655  -2.078  -37.279 1.00 20.00 ? 782 UNK A CA 1 
ATOM 307  C CA . UNK A 1 307 ? -7.686  0.736   -34.941 1.00 20.00 ? 783 UNK A CA 1 
ATOM 308  C CA . UNK A 1 308 ? -6.661  4.311   -35.750 1.00 20.00 ? 784 UNK A CA 1 
ATOM 309  C CA . UNK A 1 309 ? -6.582  6.780   -32.864 1.00 20.00 ? 785 UNK A CA 1 
ATOM 310  C CA . UNK A 1 310 ? -7.135  10.505  -33.219 1.00 20.00 ? 786 UNK A CA 1 
ATOM 311  C CA . UNK A 1 311 ? -6.427  13.172  -30.620 1.00 20.00 ? 787 UNK A CA 1 
ATOM 312  C CA . UNK A 1 312 ? -7.067  16.885  -30.380 1.00 20.00 ? 788 UNK A CA 1 
ATOM 313  C CA . UNK A 1 313 ? -9.961  18.953  -31.646 1.00 20.00 ? 789 UNK A CA 1 
ATOM 314  C CA . UNK A 1 314 ? -13.057 18.865  -29.443 1.00 20.00 ? 790 UNK A CA 1 
ATOM 315  C CA . UNK A 1 315 ? -12.835 15.091  -29.134 1.00 20.00 ? 791 UNK A CA 1 
ATOM 316  C CA . UNK A 1 316 ? -15.905 14.296  -31.263 1.00 20.00 ? 792 UNK A CA 1 
ATOM 317  C CA . UNK A 1 317 ? -14.656 12.404  -34.335 1.00 20.00 ? 793 UNK A CA 1 
ATOM 318  C CA . UNK A 1 318 ? -16.110 11.185  -37.641 1.00 20.00 ? 794 UNK A CA 1 
ATOM 319  C CA . UNK A 1 319 ? -14.027 8.966   -39.953 1.00 20.00 ? 795 UNK A CA 1 
ATOM 320  C CA . UNK A 1 320 ? -14.063 8.308   -43.690 1.00 20.00 ? 796 UNK A CA 1 
ATOM 321  C CA . UNK A 1 321 ? -12.059 6.561   -46.385 1.00 20.00 ? 797 UNK A CA 1 
ATOM 322  C CA . UNK A 1 322 ? -11.276 8.127   -49.745 1.00 20.00 ? 798 UNK A CA 1 
ATOM 323  C CA . UNK A 1 323 ? -11.697 4.659   -51.283 1.00 20.00 ? 799 UNK A CA 1 
ATOM 324  C CA . UNK A 1 324 ? -13.695 2.029   -49.310 1.00 20.00 ? 800 UNK A CA 1 
ATOM 325  C CA . UNK A 1 325 ? -12.813 -0.551  -51.983 1.00 20.00 ? 801 UNK A CA 1 
ATOM 326  C CA . UNK A 1 326 ? -9.208  -0.510  -50.785 1.00 20.00 ? 802 UNK A CA 1 
ATOM 327  C CA . UNK A 1 327 ? -9.958  -0.021  -47.108 1.00 20.00 ? 803 UNK A CA 1 
ATOM 328  C CA . UNK A 1 328 ? -13.136 0.898   -45.249 1.00 20.00 ? 804 UNK A CA 1 
ATOM 329  C CA . UNK A 1 329 ? -13.466 2.603   -41.873 1.00 20.00 ? 805 UNK A CA 1 
ATOM 330  C CA . UNK A 1 330 ? -16.166 2.623   -39.194 1.00 20.00 ? 806 UNK A CA 1 
ATOM 331  C CA . UNK A 1 331 ? -17.348 6.249   -39.222 1.00 20.00 ? 807 UNK A CA 1 
ATOM 332  C CA . UNK A 1 332 ? -17.575 6.338   -35.421 1.00 20.00 ? 808 UNK A CA 1 
ATOM 333  C CA . UNK A 1 333 ? -14.831 4.043   -34.060 1.00 20.00 ? 809 UNK A CA 1 
ATOM 334  C CA . UNK A 1 334 ? -11.956 4.678   -36.442 1.00 20.00 ? 810 UNK A CA 1 
ATOM 335  C CA . UNK A 1 335 ? -11.548 0.955   -36.977 1.00 20.00 ? 811 UNK A CA 1 
ATOM 336  C CA . UNK A 1 336 ? -10.235 0.220   -40.460 1.00 20.00 ? 812 UNK A CA 1 
ATOM 337  C CA . UNK A 1 337 ? -10.761 -2.953  -42.476 1.00 20.00 ? 813 UNK A CA 1 
ATOM 338  C CA . UNK A 1 338 ? -8.200  -3.655  -45.207 1.00 20.00 ? 814 UNK A CA 1 
ATOM 339  C CA . UNK A 1 339 ? -9.798  -5.054  -48.367 1.00 20.00 ? 815 UNK A CA 1 
ATOM 340  C CA . UNK A 1 340 ? -7.732  -4.759  -51.565 1.00 20.00 ? 816 UNK A CA 1 
ATOM 341  C CA . UNK A 1 341 ? -4.198  -3.883  -52.620 1.00 20.00 ? 817 UNK A CA 1 
ATOM 342  C CA . UNK A 1 342 ? -3.899  -0.169  -53.236 1.00 20.00 ? 818 UNK A CA 1 
ATOM 343  C CA . UNK A 1 343 ? -3.292  3.184   -51.618 1.00 20.00 ? 819 UNK A CA 1 
ATOM 344  C CA . UNK A 1 344 ? -5.922  5.480   -50.157 1.00 20.00 ? 820 UNK A CA 1 
ATOM 345  C CA . UNK A 1 345 ? -6.354  7.873   -47.264 1.00 20.00 ? 821 UNK A CA 1 
ATOM 346  C CA . UNK A 1 346 ? -8.322  7.650   -44.023 1.00 20.00 ? 822 UNK A CA 1 
ATOM 347  C CA . UNK A 1 347 ? -9.486  11.013  -42.724 1.00 20.00 ? 823 UNK A CA 1 
ATOM 348  C CA . UNK A 1 348 ? -10.930 12.042  -39.385 1.00 20.00 ? 824 UNK A CA 1 
ATOM 349  C CA . UNK A 1 349 ? -12.790 15.271  -38.697 1.00 20.00 ? 825 UNK A CA 1 
ATOM 350  C CA . UNK A 1 350 ? -13.693 16.795  -35.331 1.00 20.00 ? 826 UNK A CA 1 
ATOM 351  C CA . UNK A 1 351 ? -16.872 18.823  -34.834 1.00 20.00 ? 827 UNK A CA 1 
ATOM 352  C CA . UNK A 1 352 ? -14.901 21.960  -33.954 1.00 20.00 ? 828 UNK A CA 1 
ATOM 353  C CA . UNK A 1 353 ? -14.057 21.847  -37.665 1.00 20.00 ? 829 UNK A CA 1 
ATOM 354  C CA . UNK A 1 354 ? -10.643 20.245  -38.180 1.00 20.00 ? 830 UNK A CA 1 
ATOM 355  C CA . UNK A 1 355 ? -9.343  17.465  -40.410 1.00 20.00 ? 831 UNK A CA 1 
ATOM 356  C CA . UNK A 1 356 ? -6.418  15.044  -40.019 1.00 20.00 ? 832 UNK A CA 1 
ATOM 357  C CA . UNK A 1 357 ? -5.505  12.329  -42.514 1.00 20.00 ? 833 UNK A CA 1 
ATOM 358  C CA . UNK A 1 358 ? -3.477  9.128   -42.710 1.00 20.00 ? 834 UNK A CA 1 
ATOM 359  C CA . UNK A 1 359 ? -2.385  7.595   -46.005 1.00 20.00 ? 835 UNK A CA 1 
ATOM 360  C CA . UNK A 1 360 ? -2.523  3.830   -46.395 1.00 20.00 ? 836 UNK A CA 1 
ATOM 361  C CA . UNK B 1 1   ? 5.061   88.113  -20.960 1.00 20.00 ? 104 UNK B CA 1 
ATOM 362  C CA . UNK B 1 2   ? 8.304   86.035  -21.213 1.00 20.00 ? 105 UNK B CA 1 
ATOM 363  C CA . UNK B 1 3   ? 6.761   83.536  -18.737 1.00 20.00 ? 106 UNK B CA 1 
ATOM 364  C CA . UNK B 1 4   ? 7.240   79.808  -18.210 1.00 20.00 ? 107 UNK B CA 1 
ATOM 365  C CA . UNK B 1 5   ? 4.821   77.733  -20.467 1.00 20.00 ? 108 UNK B CA 1 
ATOM 366  C CA . UNK B 1 6   ? 4.580   76.061  -23.930 1.00 20.00 ? 109 UNK B CA 1 
ATOM 367  C CA . UNK B 1 7   ? 4.134   79.237  -25.838 1.00 20.00 ? 110 UNK B CA 1 
ATOM 368  C CA . UNK B 1 8   ? 7.294   80.870  -24.535 1.00 20.00 ? 111 UNK B CA 1 
ATOM 369  C CA . UNK B 1 9   ? 9.332   78.896  -22.085 1.00 20.00 ? 112 UNK B CA 1 
ATOM 370  C CA . UNK B 1 10  ? 8.032   75.291  -21.821 1.00 20.00 ? 113 UNK B CA 1 
ATOM 371  C CA . UNK B 1 11  ? 10.434  74.080  -24.456 1.00 20.00 ? 114 UNK B CA 1 
ATOM 372  C CA . UNK B 1 12  ? 13.623  74.998  -22.540 1.00 20.00 ? 115 UNK B CA 1 
ATOM 373  C CA . UNK B 1 13  ? 12.434  73.229  -19.378 1.00 20.00 ? 116 UNK B CA 1 
ATOM 374  C CA . UNK B 1 14  ? 13.450  69.558  -19.175 1.00 20.00 ? 117 UNK B CA 1 
ATOM 375  C CA . UNK B 1 15  ? 12.155  67.329  -16.465 1.00 20.00 ? 118 UNK B CA 1 
ATOM 376  C CA . UNK B 1 16  ? 13.644  65.361  -13.851 1.00 20.00 ? 119 UNK B CA 1 
ATOM 377  C CA . UNK B 1 17  ? 13.925  61.700  -14.557 1.00 20.00 ? 120 UNK B CA 1 
ATOM 378  C CA . UNK B 1 18  ? 13.886  59.748  -11.391 1.00 20.00 ? 121 UNK B CA 1 
ATOM 379  C CA . UNK B 1 19  ? 16.281  56.536  -11.180 1.00 20.00 ? 122 UNK B CA 1 
ATOM 380  C CA . UNK B 1 20  ? 14.106  53.365  -11.897 1.00 20.00 ? 123 UNK B CA 1 
ATOM 381  C CA . UNK B 1 21  ? 10.679  51.693  -12.540 1.00 20.00 ? 124 UNK B CA 1 
ATOM 382  C CA . UNK B 1 22  ? 8.115   51.992  -9.811  1.00 20.00 ? 125 UNK B CA 1 
ATOM 383  C CA . UNK B 1 23  ? 7.420   48.483  -8.699  1.00 20.00 ? 126 UNK B CA 1 
ATOM 384  C CA . UNK B 1 24  ? 4.509   46.481  -7.325  1.00 20.00 ? 127 UNK B CA 1 
ATOM 385  C CA . UNK B 1 25  ? 3.978   44.836  -3.984  1.00 20.00 ? 128 UNK B CA 1 
ATOM 386  C CA . UNK B 1 26  ? 6.552   42.086  -3.677  1.00 20.00 ? 129 UNK B CA 1 
ATOM 387  C CA . UNK B 1 27  ? 4.732   39.116  -2.132  1.00 20.00 ? 130 UNK B CA 1 
ATOM 388  C CA . UNK B 1 28  ? 5.684   37.268  0.942   1.00 20.00 ? 131 UNK B CA 1 
ATOM 389  C CA . UNK B 1 29  ? 6.261   33.714  -0.251  1.00 20.00 ? 132 UNK B CA 1 
ATOM 390  C CA . UNK B 1 30  ? 5.348   31.054  2.379   1.00 20.00 ? 133 UNK B CA 1 
ATOM 391  C CA . UNK B 1 31  ? 4.095   27.653  1.205   1.00 20.00 ? 134 UNK B CA 1 
ATOM 392  C CA . UNK B 1 32  ? 7.647   26.901  -0.441  1.00 20.00 ? 135 UNK B CA 1 
ATOM 393  C CA . UNK B 1 33  ? 9.200   27.351  3.030   1.00 20.00 ? 136 UNK B CA 1 
ATOM 394  C CA . UNK B 1 34  ? 7.121   24.847  5.048   1.00 20.00 ? 137 UNK B CA 1 
ATOM 395  C CA . UNK B 1 35  ? 7.505   21.860  2.684   1.00 20.00 ? 138 UNK B CA 1 
ATOM 396  C CA . UNK B 1 36  ? 10.353  19.506  1.983   1.00 20.00 ? 139 UNK B CA 1 
ATOM 397  C CA . UNK B 1 37  ? 12.180  20.085  -1.289  1.00 20.00 ? 140 UNK B CA 1 
ATOM 398  C CA . UNK B 1 38  ? 14.210  17.853  -3.610  1.00 20.00 ? 141 UNK B CA 1 
ATOM 399  C CA . UNK B 1 39  ? 14.931  17.167  -7.217  1.00 20.00 ? 142 UNK B CA 1 
ATOM 400  C CA . UNK B 1 40  ? 14.567  14.199  -9.705  1.00 20.00 ? 143 UNK B CA 1 
ATOM 401  C CA . UNK B 1 41  ? 15.288  13.152  -13.231 1.00 20.00 ? 144 UNK B CA 1 
ATOM 402  C CA . UNK B 1 42  ? 11.816  11.498  -13.945 1.00 20.00 ? 145 UNK B CA 1 
ATOM 403  C CA . UNK B 1 43  ? 8.059   12.511  -14.641 1.00 20.00 ? 146 UNK B CA 1 
ATOM 404  C CA . UNK B 1 44  ? 6.465   11.304  -11.580 1.00 20.00 ? 147 UNK B CA 1 
ATOM 405  C CA . UNK B 1 45  ? 7.366   9.547   -8.416  1.00 20.00 ? 148 UNK B CA 1 
ATOM 406  C CA . UNK B 1 46  ? 6.582   6.246   -6.656  1.00 20.00 ? 149 UNK B CA 1 
ATOM 407  C CA . UNK B 1 47  ? 6.231   6.455   -2.774  1.00 20.00 ? 150 UNK B CA 1 
ATOM 408  C CA . UNK B 1 48  ? 4.860   3.598   -0.664  1.00 20.00 ? 151 UNK B CA 1 
ATOM 409  C CA . UNK B 1 49  ? 3.167   3.305   2.759   1.00 20.00 ? 152 UNK B CA 1 
ATOM 410  C CA . UNK B 1 50  ? 1.206   1.115   5.331   1.00 20.00 ? 153 UNK B CA 1 
ATOM 411  C CA . UNK B 1 51  ? -2.639  1.583   5.131   1.00 20.00 ? 154 UNK B CA 1 
ATOM 412  C CA . UNK B 1 52  ? -3.766  -0.854  7.797   1.00 20.00 ? 155 UNK B CA 1 
ATOM 413  C CA . UNK B 1 53  ? -2.551  -2.546  10.852  1.00 20.00 ? 156 UNK B CA 1 
ATOM 414  C CA . UNK B 1 54  ? -5.048  -4.855  12.240  1.00 20.00 ? 157 UNK B CA 1 
ATOM 415  C CA . UNK B 1 55  ? -3.875  -5.291  15.800  1.00 20.00 ? 158 UNK B CA 1 
ATOM 416  C CA . UNK B 1 56  ? -5.758  -8.364  16.964  1.00 20.00 ? 159 UNK B CA 1 
ATOM 417  C CA . UNK B 1 57  ? -3.135  -8.901  19.730  1.00 20.00 ? 160 UNK B CA 1 
ATOM 418  C CA . UNK B 1 58  ? -4.441  -9.958  23.113  1.00 20.00 ? 161 UNK B CA 1 
ATOM 419  C CA . UNK B 1 59  ? -3.848  -12.144 26.073  1.00 20.00 ? 162 UNK B CA 1 
ATOM 420  C CA . UNK B 1 60  ? -3.896  -15.787 25.552  1.00 20.00 ? 163 UNK B CA 1 
ATOM 421  C CA . UNK B 1 61  ? -5.153  -18.316 27.755  1.00 20.00 ? 164 UNK B CA 1 
ATOM 422  C CA . UNK B 1 62  ? -2.870  -21.331 28.229  1.00 20.00 ? 165 UNK B CA 1 
ATOM 423  C CA . UNK B 1 63  ? -3.216  -23.894 25.385  1.00 20.00 ? 166 UNK B CA 1 
ATOM 424  C CA . UNK B 1 64  ? -5.829  -21.778 23.205  1.00 20.00 ? 167 UNK B CA 1 
ATOM 425  C CA . UNK B 1 65  ? -5.823  -20.105 19.725  1.00 20.00 ? 168 UNK B CA 1 
ATOM 426  C CA . UNK B 1 66  ? -3.851  -16.953 19.209  1.00 20.00 ? 169 UNK B CA 1 
ATOM 427  C CA . UNK B 1 67  ? -4.536  -13.613 17.469  1.00 20.00 ? 170 UNK B CA 1 
ATOM 428  C CA . UNK B 1 68  ? -4.193  -13.383 13.820  1.00 20.00 ? 171 UNK B CA 1 
ATOM 429  C CA . UNK B 1 69  ? -2.875  -10.018 12.771  1.00 20.00 ? 172 UNK B CA 1 
ATOM 430  C CA . UNK B 1 70  ? -2.866  -8.867  9.207   1.00 20.00 ? 173 UNK B CA 1 
ATOM 431  C CA . UNK B 1 71  ? -1.253  -5.807  7.679   1.00 20.00 ? 174 UNK B CA 1 
ATOM 432  C CA . UNK B 1 72  ? -1.982  -3.707  4.522   1.00 20.00 ? 175 UNK B CA 1 
ATOM 433  C CA . UNK B 1 73  ? -0.016  -1.439  2.046   1.00 20.00 ? 176 UNK B CA 1 
ATOM 434  C CA . UNK B 1 74  ? -0.804  1.002   -0.530  1.00 20.00 ? 177 UNK B CA 1 
ATOM 435  C CA . UNK B 1 75  ? 1.223   1.999   -3.525  1.00 20.00 ? 178 UNK B CA 1 
ATOM 436  C CA . UNK B 1 76  ? 0.750   5.770   -3.969  1.00 20.00 ? 179 UNK B CA 1 
ATOM 437  C CA . UNK B 1 77  ? 1.795   7.760   -7.025  1.00 20.00 ? 180 UNK B CA 1 
ATOM 438  C CA . UNK B 1 78  ? 3.061   11.220  -7.946  1.00 20.00 ? 181 UNK B CA 1 
ATOM 439  C CA . UNK B 1 79  ? 3.183   13.092  -11.219 1.00 20.00 ? 182 UNK B CA 1 
ATOM 440  C CA . UNK B 1 80  ? 5.044   16.205  -12.042 1.00 20.00 ? 183 UNK B CA 1 
ATOM 441  C CA . UNK B 1 81  ? 3.615   18.629  -14.369 1.00 20.00 ? 184 UNK B CA 1 
ATOM 442  C CA . UNK B 1 82  ? 4.634   21.892  -15.855 1.00 20.00 ? 185 UNK B CA 1 
ATOM 443  C CA . UNK B 1 83  ? 4.222   25.582  -14.890 1.00 20.00 ? 186 UNK B CA 1 
ATOM 444  C CA . UNK B 1 84  ? 4.581   27.436  -18.108 1.00 20.00 ? 187 UNK B CA 1 
ATOM 445  C CA . UNK B 1 85  ? 4.465   31.093  -18.713 1.00 20.00 ? 188 UNK B CA 1 
ATOM 446  C CA . UNK B 1 86  ? 5.545   32.939  -22.050 1.00 20.00 ? 189 UNK B CA 1 
ATOM 447  C CA . UNK B 1 87  ? 5.438   36.570  -23.451 1.00 20.00 ? 190 UNK B CA 1 
ATOM 448  C CA . UNK B 1 88  ? 5.300   38.302  -26.932 1.00 20.00 ? 191 UNK B CA 1 
ATOM 449  C CA . UNK B 1 89  ? 7.467   41.529  -27.098 1.00 20.00 ? 192 UNK B CA 1 
ATOM 450  C CA . UNK B 1 90  ? 8.187   44.020  -29.875 1.00 20.00 ? 193 UNK B CA 1 
ATOM 451  C CA . UNK B 1 91  ? 11.722  43.731  -31.271 1.00 20.00 ? 194 UNK B CA 1 
ATOM 452  C CA . UNK B 1 92  ? 11.882  47.590  -31.551 1.00 20.00 ? 195 UNK B CA 1 
ATOM 453  C CA . UNK B 1 93  ? 10.182  48.375  -28.193 1.00 20.00 ? 196 UNK B CA 1 
ATOM 454  C CA . UNK B 1 94  ? 12.713  45.984  -26.546 1.00 20.00 ? 197 UNK B CA 1 
ATOM 455  C CA . UNK B 1 95  ? 15.766  47.092  -28.385 1.00 20.00 ? 198 UNK B CA 1 
ATOM 456  C CA . UNK B 1 96  ? 15.140  50.791  -28.177 1.00 20.00 ? 199 UNK B CA 1 
ATOM 457  C CA . UNK B 1 97  ? 15.002  50.791  -24.112 1.00 20.00 ? 200 UNK B CA 1 
ATOM 458  C CA . UNK B 1 98  ? 17.435  48.082  -22.244 1.00 20.00 ? 201 UNK B CA 1 
ATOM 459  C CA . UNK B 1 99  ? 15.740  47.958  -18.942 1.00 20.00 ? 202 UNK B CA 1 
ATOM 460  C CA . UNK B 1 100 ? 12.808  45.796  -20.223 1.00 20.00 ? 203 UNK B CA 1 
ATOM 461  C CA . UNK B 1 101 ? 14.688  42.384  -20.551 1.00 20.00 ? 204 UNK B CA 1 
ATOM 462  C CA . UNK B 1 102 ? 15.486  42.889  -16.876 1.00 20.00 ? 205 UNK B CA 1 
ATOM 463  C CA . UNK B 1 103 ? 11.887  43.913  -15.780 1.00 20.00 ? 206 UNK B CA 1 
ATOM 464  C CA . UNK B 1 104 ? 10.526  41.182  -17.998 1.00 20.00 ? 207 UNK B CA 1 
ATOM 465  C CA . UNK B 1 105 ? 12.913  38.514  -16.670 1.00 20.00 ? 208 UNK B CA 1 
ATOM 466  C CA . UNK B 1 106 ? 12.397  39.348  -12.898 1.00 20.00 ? 209 UNK B CA 1 
ATOM 467  C CA . UNK B 1 107 ? 8.542   39.782  -13.050 1.00 20.00 ? 210 UNK B CA 1 
ATOM 468  C CA . UNK B 1 108 ? 8.129   36.620  -15.154 1.00 20.00 ? 211 UNK B CA 1 
ATOM 469  C CA . UNK B 1 109 ? 9.702   34.634  -12.397 1.00 20.00 ? 212 UNK B CA 1 
ATOM 470  C CA . UNK B 1 110 ? 7.324   36.014  -9.783  1.00 20.00 ? 213 UNK B CA 1 
ATOM 471  C CA . UNK B 1 111 ? 4.178   34.835  -11.483 1.00 20.00 ? 214 UNK B CA 1 
ATOM 472  C CA . UNK B 1 112 ? 5.498   31.279  -11.530 1.00 20.00 ? 215 UNK B CA 1 
ATOM 473  C CA . UNK B 1 113 ? 5.903   31.675  -7.785  1.00 20.00 ? 216 UNK B CA 1 
ATOM 474  C CA . UNK B 1 114 ? 2.294   32.908  -7.683  1.00 20.00 ? 217 UNK B CA 1 
ATOM 475  C CA . UNK B 1 115 ? 0.885   29.921  -9.373  1.00 20.00 ? 218 UNK B CA 1 
ATOM 476  C CA . UNK B 1 116 ? 3.262   27.578  -7.459  1.00 20.00 ? 219 UNK B CA 1 
ATOM 477  C CA . UNK B 1 117 ? 1.728   28.672  -4.207  1.00 20.00 ? 220 UNK B CA 1 
ATOM 478  C CA . UNK B 1 118 ? -1.705  28.356  -5.705  1.00 20.00 ? 221 UNK B CA 1 
ATOM 479  C CA . UNK B 1 119 ? -1.552  24.693  -6.680  1.00 20.00 ? 222 UNK B CA 1 
ATOM 480  C CA . UNK B 1 120 ? 0.201   23.953  -3.499  1.00 20.00 ? 223 UNK B CA 1 
ATOM 481  C CA . UNK B 1 121 ? -2.427  25.507  -1.126  1.00 20.00 ? 224 UNK B CA 1 
ATOM 482  C CA . UNK B 1 122 ? -5.382  25.330  -3.404  1.00 20.00 ? 225 UNK B CA 1 
ATOM 483  C CA . UNK B 1 123 ? -5.000  22.378  -5.807  1.00 20.00 ? 226 UNK B CA 1 
ATOM 484  C CA . UNK B 1 124 ? -7.293  20.400  -7.941  1.00 20.00 ? 227 UNK B CA 1 
ATOM 485  C CA . UNK B 1 125 ? -6.566  16.735  -8.710  1.00 20.00 ? 228 UNK B CA 1 
ATOM 486  C CA . UNK B 1 126 ? -8.887  17.054  -11.740 1.00 20.00 ? 229 UNK B CA 1 
ATOM 487  C CA . UNK B 1 127 ? -6.988  18.417  -14.686 1.00 20.00 ? 230 UNK B CA 1 
ATOM 488  C CA . UNK B 1 128 ? -3.231  18.891  -14.880 1.00 20.00 ? 231 UNK B CA 1 
ATOM 489  C CA . UNK B 1 129 ? -3.623  21.056  -11.781 1.00 20.00 ? 232 UNK B CA 1 
ATOM 490  C CA . UNK B 1 130 ? -1.957  20.067  -8.569  1.00 20.00 ? 233 UNK B CA 1 
ATOM 491  C CA . UNK B 1 131 ? -3.139  18.101  -5.799  1.00 20.00 ? 234 UNK B CA 1 
ATOM 492  C CA . UNK B 1 132 ? -1.938  20.592  -3.273  1.00 20.00 ? 235 UNK B CA 1 
ATOM 493  C CA . UNK B 1 133 ? -2.189  20.849  0.437   1.00 20.00 ? 236 UNK B CA 1 
ATOM 494  C CA . UNK B 1 134 ? -5.929  21.339  0.381   1.00 20.00 ? 237 UNK B CA 1 
ATOM 495  C CA . UNK B 1 135 ? -7.381  18.528  -1.736  1.00 20.00 ? 238 UNK B CA 1 
ATOM 496  C CA . UNK B 1 136 ? -5.498  16.135  0.492   1.00 20.00 ? 239 UNK B CA 1 
ATOM 497  C CA . UNK B 1 137 ? -6.112  17.663  4.041   1.00 20.00 ? 240 UNK B CA 1 
ATOM 498  C CA . UNK B 1 138 ? -8.367  16.237  6.749   1.00 20.00 ? 241 UNK B CA 1 
ATOM 499  C CA . UNK B 1 139 ? -11.775 17.410  8.076   1.00 20.00 ? 242 UNK B CA 1 
ATOM 500  C CA . UNK B 1 140 ? -11.835 19.527  11.167  1.00 20.00 ? 243 UNK B CA 1 
ATOM 501  C CA . UNK B 1 141 ? -13.585 17.943  13.914  1.00 20.00 ? 244 UNK B CA 1 
ATOM 502  C CA . UNK B 1 142 ? -17.065 19.311  14.066  1.00 20.00 ? 245 UNK B CA 1 
ATOM 503  C CA . UNK B 1 143 ? -17.453 17.588  17.451  1.00 20.00 ? 246 UNK B CA 1 
ATOM 504  C CA . UNK B 1 144 ? -14.640 19.718  18.799  1.00 20.00 ? 247 UNK B CA 1 
ATOM 505  C CA . UNK B 1 145 ? -16.554 22.928  18.484  1.00 20.00 ? 248 UNK B CA 1 
ATOM 506  C CA . UNK B 1 146 ? -17.924 24.100  21.595  1.00 20.00 ? 249 UNK B CA 1 
ATOM 507  C CA . UNK B 1 147 ? -20.274 26.807  22.730  1.00 20.00 ? 250 UNK B CA 1 
ATOM 508  C CA . UNK B 1 148 ? -18.980 30.317  21.861  1.00 20.00 ? 251 UNK B CA 1 
ATOM 509  C CA . UNK B 1 149 ? -15.520 29.539  20.941  1.00 20.00 ? 252 UNK B CA 1 
ATOM 510  C CA . UNK B 1 150 ? -13.378 31.951  19.693  1.00 20.00 ? 253 UNK B CA 1 
ATOM 511  C CA . UNK B 1 151 ? -12.108 31.424  16.188  1.00 20.00 ? 254 UNK B CA 1 
ATOM 512  C CA . UNK B 1 152 ? -9.049  31.433  18.293  1.00 20.00 ? 255 UNK B CA 1 
ATOM 513  C CA . UNK B 1 153 ? -10.530 28.367  20.238  1.00 20.00 ? 256 UNK B CA 1 
ATOM 514  C CA . UNK B 1 154 ? -10.965 26.838  16.702  1.00 20.00 ? 257 UNK B CA 1 
ATOM 515  C CA . UNK B 1 155 ? -7.296  26.866  16.002  1.00 20.00 ? 258 UNK B CA 1 
ATOM 516  C CA . UNK B 1 156 ? -6.772  25.109  19.302  1.00 20.00 ? 259 UNK B CA 1 
ATOM 517  C CA . UNK B 1 157 ? -9.109  22.366  18.136  1.00 20.00 ? 260 UNK B CA 1 
ATOM 518  C CA . UNK B 1 158 ? -7.310  22.498  14.849  1.00 20.00 ? 261 UNK B CA 1 
ATOM 519  C CA . UNK B 1 159 ? -3.979  21.813  16.673  1.00 20.00 ? 262 UNK B CA 1 
ATOM 520  C CA . UNK B 1 160 ? -5.586  18.771  18.437  1.00 20.00 ? 263 UNK B CA 1 
ATOM 521  C CA . UNK B 1 161 ? -6.401  16.785  15.362  1.00 20.00 ? 264 UNK B CA 1 
ATOM 522  C CA . UNK B 1 162 ? -2.864  17.053  14.104  1.00 20.00 ? 265 UNK B CA 1 
ATOM 523  C CA . UNK B 1 163 ? -2.003  15.184  17.332  1.00 20.00 ? 266 UNK B CA 1 
ATOM 524  C CA . UNK B 1 164 ? -4.413  11.996  16.827  1.00 20.00 ? 267 UNK B CA 1 
ATOM 525  C CA . UNK B 1 165 ? -1.982  11.204  14.100  1.00 20.00 ? 268 UNK B CA 1 
ATOM 526  C CA . UNK B 1 166 ? 0.493   10.451  16.787  1.00 20.00 ? 269 UNK B CA 1 
ATOM 527  C CA . UNK B 1 167 ? 2.416   13.578  15.355  1.00 20.00 ? 270 UNK B CA 1 
ATOM 528  C CA . UNK B 1 168 ? 3.261   17.270  15.378  1.00 20.00 ? 271 UNK B CA 1 
ATOM 529  C CA . UNK B 1 169 ? 2.018   20.625  14.306  1.00 20.00 ? 272 UNK B CA 1 
ATOM 530  C CA . UNK B 1 170 ? 3.939   23.200  12.535  1.00 20.00 ? 273 UNK B CA 1 
ATOM 531  C CA . UNK B 1 171 ? 2.223   26.170  10.967  1.00 20.00 ? 274 UNK B CA 1 
ATOM 532  C CA . UNK B 1 172 ? -0.973  28.198  10.844  1.00 20.00 ? 275 UNK B CA 1 
ATOM 533  C CA . UNK B 1 173 ? -2.074  29.284  7.320   1.00 20.00 ? 276 UNK B CA 1 
ATOM 534  C CA . UNK B 1 174 ? -4.619  32.005  6.747   1.00 20.00 ? 277 UNK B CA 1 
ATOM 535  C CA . UNK B 1 175 ? -6.040  34.912  4.684   1.00 20.00 ? 278 UNK B CA 1 
ATOM 536  C CA . UNK B 1 176 ? -4.749  38.121  6.281   1.00 20.00 ? 279 UNK B CA 1 
ATOM 537  C CA . UNK B 1 177 ? -8.104  39.821  6.964   1.00 20.00 ? 280 UNK B CA 1 
ATOM 538  C CA . UNK B 1 178 ? -8.823  36.836  9.318   1.00 20.00 ? 281 UNK B CA 1 
ATOM 539  C CA . UNK B 1 179 ? -5.426  37.057  11.223  1.00 20.00 ? 282 UNK B CA 1 
ATOM 540  C CA . UNK B 1 180 ? -6.574  40.733  11.552  1.00 20.00 ? 283 UNK B CA 1 
ATOM 541  C CA . UNK B 1 181 ? -9.776  40.369  13.396  1.00 20.00 ? 284 UNK B CA 1 
ATOM 542  C CA . UNK B 1 182 ? -8.187  37.570  15.322  1.00 20.00 ? 285 UNK B CA 1 
ATOM 543  C CA . UNK B 1 183 ? -5.449  39.635  16.998  1.00 20.00 ? 286 UNK B CA 1 
ATOM 544  C CA . UNK B 1 184 ? -8.172  42.036  18.185  1.00 20.00 ? 287 UNK B CA 1 
ATOM 545  C CA . UNK B 1 185 ? -10.458 39.556  19.909  1.00 20.00 ? 288 UNK B CA 1 
ATOM 546  C CA . UNK B 1 186 ? -11.514 41.500  22.800  1.00 20.00 ? 289 UNK B CA 1 
ATOM 547  C CA . UNK B 1 187 ? -12.314 39.916  25.882  1.00 20.00 ? 290 UNK B CA 1 
ATOM 548  C CA . UNK B 1 188 ? -15.877 40.227  27.080  1.00 20.00 ? 291 UNK B CA 1 
ATOM 549  C CA . UNK B 1 189 ? -14.974 43.478  28.785  1.00 20.00 ? 292 UNK B CA 1 
ATOM 550  C CA . UNK B 1 190 ? -13.083 44.705  25.743  1.00 20.00 ? 293 UNK B CA 1 
ATOM 551  C CA . UNK B 1 191 ? -9.498  43.703  26.815  1.00 20.00 ? 294 UNK B CA 1 
ATOM 552  C CA . UNK B 1 192 ? -7.642  42.751  23.778  1.00 20.00 ? 295 UNK B CA 1 
ATOM 553  C CA . UNK B 1 193 ? -6.480  38.949  24.175  1.00 20.00 ? 296 UNK B CA 1 
ATOM 554  C CA . UNK B 1 194 ? -3.524  39.682  21.985  1.00 20.00 ? 297 UNK B CA 1 
ATOM 555  C CA . UNK B 1 195 ? -1.754  42.994  21.841  1.00 20.00 ? 298 UNK B CA 1 
ATOM 556  C CA . UNK B 1 196 ? -3.977  45.370  23.660  1.00 20.00 ? 299 UNK B CA 1 
ATOM 557  C CA . UNK B 1 197 ? -3.154  49.099  22.727  1.00 20.00 ? 300 UNK B CA 1 
ATOM 558  C CA . UNK B 1 198 ? 0.650   49.345  22.316  1.00 20.00 ? 301 UNK B CA 1 
ATOM 559  C CA . UNK B 1 199 ? 1.686   46.935  19.577  1.00 20.00 ? 302 UNK B CA 1 
ATOM 560  C CA . UNK B 1 200 ? 0.743   44.086  17.365  1.00 20.00 ? 303 UNK B CA 1 
ATOM 561  C CA . UNK B 1 201 ? 1.035   40.503  18.026  1.00 20.00 ? 304 UNK B CA 1 
ATOM 562  C CA . UNK B 1 202 ? 4.238   38.849  17.423  1.00 20.00 ? 305 UNK B CA 1 
ATOM 563  C CA . UNK B 1 203 ? 2.560   36.549  14.851  1.00 20.00 ? 306 UNK B CA 1 
ATOM 564  C CA . UNK B 1 204 ? 2.350   33.502  17.052  1.00 20.00 ? 307 UNK B CA 1 
ATOM 565  C CA . UNK B 1 205 ? -0.948  31.669  17.683  1.00 20.00 ? 308 UNK B CA 1 
ATOM 566  C CA . UNK B 1 206 ? -0.920  28.858  20.244  1.00 20.00 ? 309 UNK B CA 1 
ATOM 567  C CA . UNK B 1 207 ? 2.815   28.503  20.284  1.00 20.00 ? 310 UNK B CA 1 
ATOM 568  C CA . UNK B 1 208 ? 3.318   28.059  16.548  1.00 20.00 ? 311 UNK B CA 1 
ATOM 569  C CA . UNK B 1 209 ? 3.751   29.963  13.326  1.00 20.00 ? 312 UNK B CA 1 
ATOM 570  C CA . UNK B 1 210 ? 0.852   32.062  11.898  1.00 20.00 ? 313 UNK B CA 1 
ATOM 571  C CA . UNK B 1 211 ? 1.279   32.623  8.281   1.00 20.00 ? 314 UNK B CA 1 
ATOM 572  C CA . UNK B 1 212 ? -0.245  35.540  6.172   1.00 20.00 ? 315 UNK B CA 1 
ATOM 573  C CA . UNK B 1 213 ? -1.265  34.809  2.645   1.00 20.00 ? 316 UNK B CA 1 
ATOM 574  C CA . UNK B 1 214 ? -3.923  35.725  0.052   1.00 20.00 ? 317 UNK B CA 1 
ATOM 575  C CA . UNK B 1 215 ? -3.186  32.445  -1.312  1.00 20.00 ? 318 UNK B CA 1 
ATOM 576  C CA . UNK B 1 216 ? -5.790  31.448  1.363   1.00 20.00 ? 319 UNK B CA 1 
ATOM 577  C CA . UNK B 1 217 ? -9.400  32.472  0.942   1.00 20.00 ? 320 UNK B CA 1 
ATOM 578  C CA . UNK B 1 218 ? -11.633 33.743  3.668   1.00 20.00 ? 321 UNK B CA 1 
ATOM 579  C CA . UNK B 1 219 ? -13.125 31.181  5.970   1.00 20.00 ? 322 UNK B CA 1 
ATOM 580  C CA . UNK B 1 220 ? -10.659 28.610  4.640   1.00 20.00 ? 323 UNK B CA 1 
ATOM 581  C CA . UNK B 1 221 ? -7.967  27.825  7.287   1.00 20.00 ? 324 UNK B CA 1 
ATOM 582  C CA . UNK B 1 222 ? -4.882  25.471  7.170   1.00 20.00 ? 325 UNK B CA 1 
ATOM 583  C CA . UNK B 1 223 ? -2.987  23.885  10.168  1.00 20.00 ? 326 UNK B CA 1 
ATOM 584  C CA . UNK B 1 224 ? -0.544  21.331  9.133   1.00 20.00 ? 327 UNK B CA 1 
ATOM 585  C CA . UNK B 1 225 ? 1.760   18.519  10.109  1.00 20.00 ? 328 UNK B CA 1 
ATOM 586  C CA . UNK B 1 226 ? 3.872   20.753  7.905   1.00 20.00 ? 329 UNK B CA 1 
ATOM 587  C CA . UNK B 1 227 ? 7.635   19.782  7.750   1.00 20.00 ? 330 UNK B CA 1 
ATOM 588  C CA . UNK B 1 228 ? 7.429   15.981  7.631   1.00 20.00 ? 331 UNK B CA 1 
ATOM 589  C CA . UNK B 1 229 ? 3.832   15.570  6.197   1.00 20.00 ? 332 UNK B CA 1 
ATOM 590  C CA . UNK B 1 230 ? 4.620   16.426  2.471   1.00 20.00 ? 333 UNK B CA 1 
ATOM 591  C CA . UNK B 1 231 ? 7.496   17.005  -0.031  1.00 20.00 ? 334 UNK B CA 1 
ATOM 592  C CA . UNK B 1 232 ? 8.200   19.253  -3.102  1.00 20.00 ? 335 UNK B CA 1 
ATOM 593  C CA . UNK B 1 233 ? 10.503  18.481  -5.897  1.00 20.00 ? 336 UNK B CA 1 
ATOM 594  C CA . UNK B 1 234 ? 11.426  20.101  -9.044  1.00 20.00 ? 337 UNK B CA 1 
ATOM 595  C CA . UNK B 1 235 ? 12.709  19.041  -12.361 1.00 20.00 ? 338 UNK B CA 1 
ATOM 596  C CA . UNK B 1 236 ? 13.707  22.292  -14.165 1.00 20.00 ? 339 UNK B CA 1 
ATOM 597  C CA . UNK B 1 237 ? 14.610  24.734  -11.655 1.00 20.00 ? 340 UNK B CA 1 
ATOM 598  C CA . UNK B 1 238 ? 13.041  27.741  -13.556 1.00 20.00 ? 341 UNK B CA 1 
ATOM 599  C CA . UNK B 1 239 ? 14.367  29.252  -16.668 1.00 20.00 ? 342 UNK B CA 1 
ATOM 600  C CA . UNK B 1 240 ? 14.011  32.462  -18.640 1.00 20.00 ? 343 UNK B CA 1 
ATOM 601  C CA . UNK B 1 241 ? 14.820  31.736  -22.457 1.00 20.00 ? 344 UNK B CA 1 
ATOM 602  C CA . UNK B 1 242 ? 14.416  34.332  -25.229 1.00 20.00 ? 345 UNK B CA 1 
ATOM 603  C CA . UNK B 1 243 ? 13.512  33.155  -28.794 1.00 20.00 ? 346 UNK B CA 1 
ATOM 604  C CA . UNK B 1 244 ? 13.251  35.456  -31.727 1.00 20.00 ? 347 UNK B CA 1 
ATOM 605  C CA . UNK B 1 245 ? 11.759  32.815  -33.800 1.00 20.00 ? 348 UNK B CA 1 
ATOM 606  C CA . UNK B 1 246 ? 8.381   31.638  -32.345 1.00 20.00 ? 349 UNK B CA 1 
ATOM 607  C CA . UNK B 1 247 ? 5.487   31.683  -34.724 1.00 20.00 ? 350 UNK B CA 1 
ATOM 608  C CA . UNK B 1 248 ? 5.666   34.895  -36.815 1.00 20.00 ? 351 UNK B CA 1 
ATOM 609  C CA . UNK B 1 249 ? 8.158   36.644  -34.483 1.00 20.00 ? 352 UNK B CA 1 
ATOM 610  C CA . UNK B 1 250 ? 10.691  37.325  -37.324 1.00 20.00 ? 353 UNK B CA 1 
ATOM 611  C CA . UNK B 1 251 ? 8.455   38.485  -40.071 1.00 20.00 ? 354 UNK B CA 1 
ATOM 612  C CA . UNK B 1 252 ? 6.642   40.814  -37.682 1.00 20.00 ? 355 UNK B CA 1 
ATOM 613  C CA . UNK B 1 253 ? 9.881   42.240  -36.206 1.00 20.00 ? 356 UNK B CA 1 
ATOM 614  C CA . UNK B 1 254 ? 8.815   40.863  -32.750 1.00 20.00 ? 357 UNK B CA 1 
ATOM 615  C CA . UNK B 1 255 ? 10.495  38.585  -29.956 1.00 20.00 ? 358 UNK B CA 1 
ATOM 616  C CA . UNK B 1 256 ? 9.340   35.677  -27.544 1.00 20.00 ? 359 UNK B CA 1 
ATOM 617  C CA . UNK B 1 257 ? 10.337  34.845  -23.836 1.00 20.00 ? 360 UNK B CA 1 
ATOM 618  C CA . UNK B 1 258 ? 9.496   31.743  -21.803 1.00 20.00 ? 361 UNK B CA 1 
ATOM 619  C CA . UNK B 1 259 ? 9.858   30.690  -18.203 1.00 20.00 ? 362 UNK B CA 1 
ATOM 620  C CA . UNK B 1 260 ? 8.822   27.311  -17.103 1.00 20.00 ? 363 UNK B CA 1 
ATOM 621  C CA . UNK B 1 261 ? 9.078   25.370  -13.880 1.00 20.00 ? 364 UNK B CA 1 
ATOM 622  C CA . UNK B 1 262 ? 8.842   21.572  -13.636 1.00 20.00 ? 365 UNK B CA 1 
ATOM 623  C CA . UNK B 1 263 ? 7.207   20.700  -10.366 1.00 20.00 ? 366 UNK B CA 1 
ATOM 624  C CA . UNK B 1 264 ? 6.107   17.614  -8.342  1.00 20.00 ? 367 UNK B CA 1 
ATOM 625  C CA . UNK B 1 265 ? 3.873   17.364  -5.116  1.00 20.00 ? 368 UNK B CA 1 
ATOM 626  C CA . UNK B 1 266 ? 3.973   14.513  -2.762  1.00 20.00 ? 369 UNK B CA 1 
ATOM 627  C CA . UNK B 1 267 ? 1.832   13.859  0.184   1.00 20.00 ? 370 UNK B CA 1 
ATOM 628  C CA . UNK B 1 268 ? 3.534   11.573  2.614   1.00 20.00 ? 371 UNK B CA 1 
ATOM 629  C CA . UNK B 1 269 ? 1.177   12.017  5.411   1.00 20.00 ? 372 UNK B CA 1 
ATOM 630  C CA . UNK B 1 270 ? -2.550  12.673  5.066   1.00 20.00 ? 373 UNK B CA 1 
ATOM 631  C CA . UNK B 1 271 ? -3.391  12.591  8.742   1.00 20.00 ? 374 UNK B CA 1 
ATOM 632  C CA . UNK B 1 272 ? -0.962  15.501  9.286   1.00 20.00 ? 375 UNK B CA 1 
ATOM 633  C CA . UNK B 1 273 ? -3.010  18.352  7.690   1.00 20.00 ? 376 UNK B CA 1 
ATOM 634  C CA . UNK B 1 274 ? -6.515  19.853  8.562   1.00 20.00 ? 377 UNK B CA 1 
ATOM 635  C CA . UNK B 1 275 ? -8.666  22.568  7.127   1.00 20.00 ? 378 UNK B CA 1 
ATOM 636  C CA . UNK B 1 276 ? -10.811 25.171  8.699   1.00 20.00 ? 379 UNK B CA 1 
ATOM 637  C CA . UNK B 1 277 ? -14.108 26.447  7.363   1.00 20.00 ? 380 UNK B CA 1 
ATOM 638  C CA . UNK B 1 278 ? -15.013 29.224  9.644   1.00 20.00 ? 381 UNK B CA 1 
ATOM 639  C CA . UNK B 1 279 ? -18.791 29.746  10.073  1.00 20.00 ? 382 UNK B CA 1 
ATOM 640  C CA . UNK B 1 280 ? -19.986 33.133  11.280  1.00 20.00 ? 383 UNK B CA 1 
ATOM 641  C CA . UNK B 1 281 ? -7.432  -7.710  -5.352  1.00 20.00 ? 757 UNK B CA 1 
ATOM 642  C CA . UNK B 1 282 ? -8.080  -6.097  -1.955  1.00 20.00 ? 758 UNK B CA 1 
ATOM 643  C CA . UNK B 1 283 ? -4.803  -4.185  -1.892  1.00 20.00 ? 759 UNK B CA 1 
ATOM 644  C CA . UNK B 1 284 ? -5.817  -2.239  -4.985  1.00 20.00 ? 760 UNK B CA 1 
ATOM 645  C CA . UNK B 1 285 ? -9.328  -1.026  -4.267  1.00 20.00 ? 761 UNK B CA 1 
ATOM 646  C CA . UNK B 1 286 ? -10.026 1.758   -6.757  1.00 20.00 ? 762 UNK B CA 1 
ATOM 647  C CA . UNK B 1 287 ? -11.463 5.160   -5.833  1.00 20.00 ? 763 UNK B CA 1 
ATOM 648  C CA . UNK B 1 288 ? -14.032 5.703   -8.596  1.00 20.00 ? 764 UNK B CA 1 
ATOM 649  C CA . UNK B 1 289 ? -13.605 9.468   -8.775  1.00 20.00 ? 765 UNK B CA 1 
ATOM 650  C CA . UNK B 1 290 ? -9.801  9.554   -8.970  1.00 20.00 ? 766 UNK B CA 1 
ATOM 651  C CA . UNK B 1 291 ? -8.631  6.128   -10.124 1.00 20.00 ? 767 UNK B CA 1 
ATOM 652  C CA . UNK B 1 292 ? -6.294  5.889   -7.137  1.00 20.00 ? 768 UNK B CA 1 
ATOM 653  C CA . UNK B 1 293 ? -5.802  2.271   -6.009  1.00 20.00 ? 769 UNK B CA 1 
ATOM 654  C CA . UNK B 1 294 ? -5.080  1.192   -2.457  1.00 20.00 ? 770 UNK B CA 1 
ATOM 655  C CA . UNK B 1 295 ? -6.779  0.209   0.786   1.00 20.00 ? 771 UNK B CA 1 
ATOM 656  C CA . UNK B 1 296 ? -10.337 1.315   1.568   1.00 20.00 ? 772 UNK B CA 1 
ATOM 657  C CA . UNK B 1 297 ? -10.291 4.801   3.136   1.00 20.00 ? 773 UNK B CA 1 
ATOM 658  C CA . UNK B 1 298 ? -11.242 4.980   6.831   1.00 20.00 ? 774 UNK B CA 1 
ATOM 659  C CA . UNK B 1 299 ? -13.018 8.302   6.240   1.00 20.00 ? 775 UNK B CA 1 
ATOM 660  C CA . UNK B 1 300 ? -16.052 7.909   3.996   1.00 20.00 ? 776 UNK B CA 1 
ATOM 661  C CA . UNK B 1 301 ? -17.768 10.483  1.856   1.00 20.00 ? 777 UNK B CA 1 
ATOM 662  C CA . UNK B 1 302 ? -21.317 9.109   2.104   1.00 20.00 ? 778 UNK B CA 1 
ATOM 663  C CA . UNK B 1 303 ? -22.245 7.384   -1.158  1.00 20.00 ? 779 UNK B CA 1 
ATOM 664  C CA . UNK B 1 304 ? -18.639 7.524   -2.272  1.00 20.00 ? 780 UNK B CA 1 
ATOM 665  C CA . UNK B 1 305 ? -17.875 4.655   -4.652  1.00 20.00 ? 781 UNK B CA 1 
ATOM 666  C CA . UNK B 1 306 ? -14.994 2.216   -5.116  1.00 20.00 ? 782 UNK B CA 1 
ATOM 667  C CA . UNK B 1 307 ? -14.320 -0.572  -7.609  1.00 20.00 ? 783 UNK B CA 1 
ATOM 668  C CA . UNK B 1 308 ? -13.374 -4.032  -6.337  1.00 20.00 ? 784 UNK B CA 1 
ATOM 669  C CA . UNK B 1 309 ? -11.523 -6.312  -8.745  1.00 20.00 ? 785 UNK B CA 1 
ATOM 670  C CA . UNK B 1 310 ? -11.676 -10.091 -8.662  1.00 20.00 ? 786 UNK B CA 1 
ATOM 671  C CA . UNK B 1 311 ? -9.405  -12.505 -10.502 1.00 20.00 ? 787 UNK B CA 1 
ATOM 672  C CA . UNK B 1 312 ? -9.334  -16.250 -10.974 1.00 20.00 ? 788 UNK B CA 1 
ATOM 673  C CA . UNK B 1 313 ? -12.165 -18.725 -11.317 1.00 20.00 ? 789 UNK B CA 1 
ATOM 674  C CA . UNK B 1 314 ? -13.710 -18.899 -14.785 1.00 20.00 ? 790 UNK B CA 1 
ATOM 675  C CA . UNK B 1 315 ? -13.869 -15.115 -14.998 1.00 20.00 ? 791 UNK B CA 1 
ATOM 676  C CA . UNK B 1 316 ? -17.668 -14.820 -14.730 1.00 20.00 ? 792 UNK B CA 1 
ATOM 677  C CA . UNK B 1 317 ? -18.403 -12.959 -11.479 1.00 20.00 ? 793 UNK B CA 1 
ATOM 678  C CA . UNK B 1 318 ? -21.472 -12.111 -9.383  1.00 20.00 ? 794 UNK B CA 1 
ATOM 679  C CA . UNK B 1 319 ? -21.155 -9.780  -6.371  1.00 20.00 ? 795 UNK B CA 1 
ATOM 680  C CA . UNK B 1 320 ? -23.157 -9.336  -3.178  1.00 20.00 ? 796 UNK B CA 1 
ATOM 681  C CA . UNK B 1 321 ? -23.037 -7.505  0.134   1.00 20.00 ? 797 UNK B CA 1 
ATOM 682  C CA . UNK B 1 322 ? -23.854 -9.143  3.451   1.00 20.00 ? 798 UNK B CA 1 
ATOM 683  C CA . UNK B 1 323 ? -25.451 -5.841  4.510   1.00 20.00 ? 799 UNK B CA 1 
ATOM 684  C CA . UNK B 1 324 ? -26.514 -3.374  1.755   1.00 20.00 ? 800 UNK B CA 1 
ATOM 685  C CA . UNK B 1 325 ? -27.453 -0.854  4.467   1.00 20.00 ? 801 UNK B CA 1 
ATOM 686  C CA . UNK B 1 326 ? -23.768 -0.386  5.260   1.00 20.00 ? 802 UNK B CA 1 
ATOM 687  C CA . UNK B 1 327 ? -22.490 -0.762  1.717   1.00 20.00 ? 803 UNK B CA 1 
ATOM 688  C CA . UNK B 1 328 ? -24.142 -1.965  -1.481  1.00 20.00 ? 804 UNK B CA 1 
ATOM 689  C CA . UNK B 1 329 ? -22.495 -3.511  -4.531  1.00 20.00 ? 805 UNK B CA 1 
ATOM 690  C CA . UNK B 1 330 ? -23.447 -3.717  -8.208  1.00 20.00 ? 806 UNK B CA 1 
ATOM 691  C CA . UNK B 1 331 ? -23.985 -7.457  -8.725  1.00 20.00 ? 807 UNK B CA 1 
ATOM 692  C CA . UNK B 1 332 ? -22.252 -7.367  -12.116 1.00 20.00 ? 808 UNK B CA 1 
ATOM 693  C CA . UNK B 1 333 ? -19.531 -4.682  -11.935 1.00 20.00 ? 809 UNK B CA 1 
ATOM 694  C CA . UNK B 1 334 ? -18.193 -5.086  -8.416  1.00 20.00 ? 810 UNK B CA 1 
ATOM 695  C CA . UNK B 1 335 ? -18.611 -1.375  -7.807  1.00 20.00 ? 811 UNK B CA 1 
ATOM 696  C CA . UNK B 1 336 ? -19.344 -0.675  -4.150  1.00 20.00 ? 812 UNK B CA 1 
ATOM 697  C CA . UNK B 1 337 ? -21.233 2.295   -2.728  1.00 20.00 ? 813 UNK B CA 1 
ATOM 698  C CA . UNK B 1 338 ? -20.516 3.159   0.912   1.00 20.00 ? 814 UNK B CA 1 
ATOM 699  C CA . UNK B 1 339 ? -23.660 4.175   2.806   1.00 20.00 ? 815 UNK B CA 1 
ATOM 700  C CA . UNK B 1 340 ? -23.468 3.964   6.613   1.00 20.00 ? 816 UNK B CA 1 
ATOM 701  C CA . UNK B 1 341 ? -20.867 3.473   9.327   1.00 20.00 ? 817 UNK B CA 1 
ATOM 702  C CA . UNK B 1 342 ? -20.426 -0.203  10.067  1.00 20.00 ? 818 UNK B CA 1 
ATOM 703  C CA . UNK B 1 343 ? -18.644 -3.363  9.033   1.00 20.00 ? 819 UNK B CA 1 
ATOM 704  C CA . UNK B 1 344 ? -19.845 -5.883  6.477   1.00 20.00 ? 820 UNK B CA 1 
ATOM 705  C CA . UNK B 1 345 ? -18.437 -8.150  3.801   1.00 20.00 ? 821 UNK B CA 1 
ATOM 706  C CA . UNK B 1 346 ? -18.513 -7.995  0.006   1.00 20.00 ? 822 UNK B CA 1 
ATOM 707  C CA . UNK B 1 347 ? -18.403 -11.400 -1.650  1.00 20.00 ? 823 UNK B CA 1 
ATOM 708  C CA . UNK B 1 348 ? -17.815 -12.416 -5.244  1.00 20.00 ? 824 UNK B CA 1 
ATOM 709  C CA . UNK B 1 349 ? -18.624 -15.808 -6.729  1.00 20.00 ? 825 UNK B CA 1 
ATOM 710  C CA . UNK B 1 350 ? -17.495 -17.245 -10.063 1.00 20.00 ? 826 UNK B CA 1 
ATOM 711  C CA . UNK B 1 351 ? -19.687 -19.620 -12.071 1.00 20.00 ? 827 UNK B CA 1 
ATOM 712  C CA . UNK B 1 352 ? -17.142 -22.438 -11.781 1.00 20.00 ? 828 UNK B CA 1 
ATOM 713  C CA . UNK B 1 353 ? -18.307 -22.424 -8.156  1.00 20.00 ? 829 UNK B CA 1 
ATOM 714  C CA . UNK B 1 354 ? -15.866 -20.444 -6.009  1.00 20.00 ? 830 UNK B CA 1 
ATOM 715  C CA . UNK B 1 355 ? -16.252 -17.650 -3.471  1.00 20.00 ? 831 UNK B CA 1 
ATOM 716  C CA . UNK B 1 356 ? -13.883 -14.870 -2.365  1.00 20.00 ? 832 UNK B CA 1 
ATOM 717  C CA . UNK B 1 357 ? -14.723 -12.202 0.207   1.00 20.00 ? 833 UNK B CA 1 
ATOM 718  C CA . UNK B 1 358 ? -13.520 -8.792  1.352   1.00 20.00 ? 834 UNK B CA 1 
ATOM 719  C CA . UNK B 1 359 ? -14.453 -7.317  4.723   1.00 20.00 ? 835 UNK B CA 1 
ATOM 720  C CA . UNK B 1 360 ? -15.270 -3.625  4.929   1.00 20.00 ? 836 UNK B CA 1 
ATOM 721  C CA . UNK C 1 1   ? 1.046   15.572  -32.093 1.00 20.00 ? 104 UNK C CA 1 
ATOM 722  C CA . UNK C 1 2   ? 4.207   14.001  -30.535 1.00 20.00 ? 105 UNK C CA 1 
ATOM 723  C CA . UNK C 1 3   ? 2.822   14.922  -27.073 1.00 20.00 ? 106 UNK C CA 1 
ATOM 724  C CA . UNK C 1 4   ? 3.259   13.380  -23.632 1.00 20.00 ? 107 UNK C CA 1 
ATOM 725  C CA . UNK C 1 5   ? 0.612   10.583  -22.984 1.00 20.00 ? 108 UNK C CA 1 
ATOM 726  C CA . UNK C 1 6   ? 0.043   6.790   -23.364 1.00 20.00 ? 109 UNK C CA 1 
ATOM 727  C CA . UNK C 1 7   ? -0.489  6.871   -27.056 1.00 20.00 ? 110 UNK C CA 1 
ATOM 728  C CA . UNK C 1 8   ? 2.805   8.566   -27.845 1.00 20.00 ? 111 UNK C CA 1 
ATOM 729  C CA . UNK C 1 9   ? 4.996   9.442   -24.932 1.00 20.00 ? 112 UNK C CA 1 
ATOM 730  C CA . UNK C 1 10  ? 3.642   7.888   -21.691 1.00 20.00 ? 113 UNK C CA 1 
ATOM 731  C CA . UNK C 1 11  ? 5.787   4.819   -22.096 1.00 20.00 ? 114 UNK C CA 1 
ATOM 732  C CA . UNK C 1 12  ? 9.145   6.659   -21.956 1.00 20.00 ? 115 UNK C CA 1 
ATOM 733  C CA . UNK C 1 13  ? 8.187   8.516   -18.765 1.00 20.00 ? 116 UNK C CA 1 
ATOM 734  C CA . UNK C 1 14  ? 9.133   6.684   -15.556 1.00 20.00 ? 117 UNK C CA 1 
ATOM 735  C CA . UNK C 1 15  ? 8.020   7.925   -12.208 1.00 20.00 ? 118 UNK C CA 1 
ATOM 736  C CA . UNK C 1 16  ? 9.678   8.988   -9.202  1.00 20.00 ? 119 UNK C CA 1 
ATOM 737  C CA . UNK C 1 17  ? 9.816   6.452   -6.458  1.00 20.00 ? 120 UNK C CA 1 
ATOM 738  C CA . UNK C 1 18  ? 9.999   8.121   -3.138  1.00 20.00 ? 121 UNK C CA 1 
ATOM 739  C CA . UNK C 1 19  ? 12.330  6.421   -0.351  1.00 20.00 ? 122 UNK C CA 1 
ATOM 740  C CA . UNK C 1 20  ? 10.032  4.336   2.031   1.00 20.00 ? 123 UNK C CA 1 
ATOM 741  C CA . UNK C 1 21  ? 6.525   3.201   3.204   1.00 20.00 ? 124 UNK C CA 1 
ATOM 742  C CA . UNK C 1 22  ? 4.207   5.887   4.440   1.00 20.00 ? 125 UNK C CA 1 
ATOM 743  C CA . UNK C 1 23  ? 3.530   5.053   8.029   1.00 20.00 ? 126 UNK C CA 1 
ATOM 744  C CA . UNK C 1 24  ? 0.700   5.416   10.524  1.00 20.00 ? 127 UNK C CA 1 
ATOM 745  C CA . UNK C 1 25  ? 0.415   7.434   13.686  1.00 20.00 ? 128 UNK C CA 1 
ATOM 746  C CA . UNK C 1 26  ? 2.943   6.040   16.125  1.00 20.00 ? 129 UNK C CA 1 
ATOM 747  C CA . UNK C 1 27  ? 1.192   5.952   19.509  1.00 20.00 ? 130 UNK C CA 1 
ATOM 748  C CA . UNK C 1 28  ? 2.357   7.514   22.667  1.00 20.00 ? 131 UNK C CA 1 
ATOM 749  C CA . UNK C 1 29  ? 2.751   4.593   25.057  1.00 20.00 ? 132 UNK C CA 1 
ATOM 750  C CA . UNK C 1 30  ? 2.002   5.510   28.721  1.00 20.00 ? 133 UNK C CA 1 
ATOM 751  C CA . UNK C 1 31  ? 0.578   2.841   31.037  1.00 20.00 ? 134 UNK C CA 1 
ATOM 752  C CA . UNK C 1 32  ? 3.962   0.756   30.730  1.00 20.00 ? 135 UNK C CA 1 
ATOM 753  C CA . UNK C 1 33  ? 5.811   3.805   32.122  1.00 20.00 ? 136 UNK C CA 1 
ATOM 754  C CA . UNK C 1 34  ? 3.853   4.382   35.363  1.00 20.00 ? 137 UNK C CA 1 
ATOM 755  C CA . UNK C 1 35  ? 3.969   0.782   36.662  1.00 20.00 ? 138 UNK C CA 1 
ATOM 756  C CA . UNK C 1 36  ? 6.693   -1.282  38.231  1.00 20.00 ? 139 UNK C CA 1 
ATOM 757  C CA . UNK C 1 37  ? 8.253   -3.907  35.981  1.00 20.00 ? 140 UNK C CA 1 
ATOM 758  C CA . UNK C 1 38  ? 10.028  -7.214  36.620  1.00 20.00 ? 141 UNK C CA 1 
ATOM 759  C CA . UNK C 1 39  ? 10.427  -10.691 35.300  1.00 20.00 ? 142 UNK C CA 1 
ATOM 760  C CA . UNK C 1 40  ? 9.788   -14.324 36.539  1.00 20.00 ? 143 UNK C CA 1 
ATOM 761  C CA . UNK C 1 41  ? 10.186  -17.922 35.569  1.00 20.00 ? 144 UNK C CA 1 
ATOM 762  C CA . UNK C 1 42  ? 6.630   -19.103 36.690  1.00 20.00 ? 145 UNK C CA 1 
ATOM 763  C CA . UNK C 1 43  ? 2.851   -18.850 35.557  1.00 20.00 ? 146 UNK C CA 1 
ATOM 764  C CA . UNK C 1 44  ? 1.493   -16.752 38.224  1.00 20.00 ? 147 UNK C CA 1 
ATOM 765  C CA . UNK C 1 45  ? 2.618   -15.062 41.354  1.00 20.00 ? 148 UNK C CA 1 
ATOM 766  C CA . UNK C 1 46  ? 1.910   -15.229 45.106  1.00 20.00 ? 149 UNK C CA 1 
ATOM 767  C CA . UNK C 1 47  ? 1.892   -11.798 46.967  1.00 20.00 ? 150 UNK C CA 1 
ATOM 768  C CA . UNK C 1 48  ? 0.639   -11.386 50.539  1.00 20.00 ? 151 UNK C CA 1 
ATOM 769  C CA . UNK C 1 49  ? -0.766  -8.496  52.619  1.00 20.00 ? 152 UNK C CA 1 
ATOM 770  C CA . UNK C 1 50  ? -2.554  -7.294  55.879  1.00 20.00 ? 153 UNK C CA 1 
ATOM 771  C CA . UNK C 1 51  ? -6.390  -6.898  55.471  1.00 20.00 ? 154 UNK C CA 1 
ATOM 772  C CA . UNK C 1 52  ? -7.343  -5.817  58.969  1.00 20.00 ? 155 UNK C CA 1 
ATOM 773  C CA . UNK C 1 53  ? -5.914  -4.211  61.977  1.00 20.00 ? 156 UNK C CA 1 
ATOM 774  C CA . UNK C 1 54  ? -8.339  -4.034  64.733  1.00 20.00 ? 157 UNK C CA 1 
ATOM 775  C CA . UNK C 1 55  ? -6.880  -1.339  66.937  1.00 20.00 ? 158 UNK C CA 1 
ATOM 776  C CA . UNK C 1 56  ? -8.727  -1.801  70.211  1.00 20.00 ? 159 UNK C CA 1 
ATOM 777  C CA . UNK C 1 57  ? -5.894  0.046   72.048  1.00 20.00 ? 160 UNK C CA 1 
ATOM 778  C CA . UNK C 1 58  ? -6.933  2.471   74.750  1.00 20.00 ? 161 UNK C CA 1 
ATOM 779  C CA . UNK C 1 59  ? -6.144  3.789   78.146  1.00 20.00 ? 162 UNK C CA 1 
ATOM 780  C CA . UNK C 1 60  ? -6.317  1.447   80.979  1.00 20.00 ? 163 UNK C CA 1 
ATOM 781  C CA . UNK C 1 61  ? -7.443  2.098   84.317  1.00 20.00 ? 164 UNK C CA 1 
ATOM 782  C CA . UNK C 1 62  ? -5.196  0.733   87.077  1.00 20.00 ? 165 UNK C CA 1 
ATOM 783  C CA . UNK C 1 63  ? -5.838  -2.990  87.782  1.00 20.00 ? 166 UNK C CA 1 
ATOM 784  C CA . UNK C 1 64  ? -8.577  -3.515  84.904  1.00 20.00 ? 167 UNK C CA 1 
ATOM 785  C CA . UNK C 1 65  ? -8.826  -5.594  81.660  1.00 20.00 ? 168 UNK C CA 1 
ATOM 786  C CA . UNK C 1 66  ? -6.832  -4.548  78.655  1.00 20.00 ? 169 UNK C CA 1 
ATOM 787  C CA . UNK C 1 67  ? -7.586  -4.220  74.916  1.00 20.00 ? 170 UNK C CA 1 
ATOM 788  C CA . UNK C 1 68  ? -7.546  -7.224  72.804  1.00 20.00 ? 171 UNK C CA 1 
ATOM 789  C CA . UNK C 1 69  ? -6.244  -6.463  69.357  1.00 20.00 ? 172 UNK C CA 1 
ATOM 790  C CA . UNK C 1 70  ? -6.509  -8.886  66.511  1.00 20.00 ? 173 UNK C CA 1 
ATOM 791  C CA . UNK C 1 71  ? -4.963  -8.717  63.064  1.00 20.00 ? 174 UNK C CA 1 
ATOM 792  C CA . UNK C 1 72  ? -5.907  -10.236 59.642  1.00 20.00 ? 175 UNK C CA 1 
ATOM 793  C CA . UNK C 1 73  ? -4.106  -11.314 56.367  1.00 20.00 ? 176 UNK C CA 1 
ATOM 794  C CA . UNK C 1 74  ? -5.050  -12.158 52.961  1.00 20.00 ? 177 UNK C CA 1 
ATOM 795  C CA . UNK C 1 75  ? -3.261  -14.346 50.495  1.00 20.00 ? 178 UNK C CA 1 
ATOM 796  C CA . UNK C 1 76  ? -3.685  -12.711 47.062  1.00 20.00 ? 179 UNK C CA 1 
ATOM 797  C CA . UNK C 1 77  ? -2.855  -14.350 43.743  1.00 20.00 ? 180 UNK C CA 1 
ATOM 798  C CA . UNK C 1 78  ? -1.593  -13.429 40.280  1.00 20.00 ? 181 UNK C CA 1 
ATOM 799  C CA . UNK C 1 79  ? -1.706  -15.237 36.972  1.00 20.00 ? 182 UNK C CA 1 
ATOM 800  C CA . UNK C 1 80  ? 0.150   -14.462 33.843  1.00 20.00 ? 183 UNK C CA 1 
ATOM 801  C CA . UNK C 1 81  ? -1.415  -15.049 30.597  1.00 20.00 ? 184 UNK C CA 1 
ATOM 802  C CA . UNK C 1 82  ? -0.450  -14.688 27.013  1.00 20.00 ? 185 UNK C CA 1 
ATOM 803  C CA . UNK C 1 83  ? -0.695  -11.907 24.384  1.00 20.00 ? 186 UNK C CA 1 
ATOM 804  C CA . UNK C 1 84  ? -0.567  -13.697 21.113  1.00 20.00 ? 187 UNK C CA 1 
ATOM 805  C CA . UNK C 1 85  ? -0.650  -12.288 17.683  1.00 20.00 ? 188 UNK C CA 1 
ATOM 806  C CA . UNK C 1 86  ? 0.187   -14.242 14.340  1.00 20.00 ? 189 UNK C CA 1 
ATOM 807  C CA . UNK C 1 87  ? 0.044   -13.523 10.517  1.00 20.00 ? 190 UNK C CA 1 
ATOM 808  C CA . UNK C 1 88  ? -0.348  -15.560 7.224   1.00 20.00 ? 191 UNK C CA 1 
ATOM 809  C CA . UNK C 1 89  ? 1.871   -14.194 4.333   1.00 20.00 ? 192 UNK C CA 1 
ATOM 810  C CA . UNK C 1 90  ? 2.410   -15.308 0.741   1.00 20.00 ? 193 UNK C CA 1 
ATOM 811  C CA . UNK C 1 91  ? 5.809   -16.938 0.170   1.00 20.00 ? 194 UNK C CA 1 
ATOM 812  C CA . UNK C 1 92  ? 6.031   -15.171 -3.269  1.00 20.00 ? 195 UNK C CA 1 
ATOM 813  C CA . UNK C 1 93  ? 4.638   -11.769 -2.141  1.00 20.00 ? 196 UNK C CA 1 
ATOM 814  C CA . UNK C 1 94  ? 7.244   -11.834 0.695   1.00 20.00 ? 197 UNK C CA 1 
ATOM 815  C CA . UNK C 1 95  ? 10.156  -13.070 -1.286  1.00 20.00 ? 198 UNK C CA 1 
ATOM 816  C CA . UNK C 1 96  ? 9.633   -10.907 -4.313  1.00 20.00 ? 199 UNK C CA 1 
ATOM 817  C CA . UNK C 1 97  ? 9.838   -7.447  -2.185  1.00 20.00 ? 200 UNK C CA 1 
ATOM 818  C CA . UNK C 1 98  ? 12.358  -7.483  1.040   1.00 20.00 ? 201 UNK C CA 1 
ATOM 819  C CA . UNK C 1 99  ? 10.944  -4.604  2.913   1.00 20.00 ? 202 UNK C CA 1 
ATOM 820  C CA . UNK C 1 100 ? 7.866   -6.578  4.158   1.00 20.00 ? 203 UNK C CA 1 
ATOM 821  C CA . UNK C 1 101 ? 9.635   -8.797  6.849   1.00 20.00 ? 204 UNK C CA 1 
ATOM 822  C CA . UNK C 1 102 ? 10.750  -5.482  8.319   1.00 20.00 ? 205 UNK C CA 1 
ATOM 823  C CA . UNK C 1 103 ? 7.279   -3.716  8.109   1.00 20.00 ? 206 UNK C CA 1 
ATOM 824  C CA . UNK C 1 104 ? 5.675   -6.911  9.310   1.00 20.00 ? 207 UNK C CA 1 
ATOM 825  C CA . UNK C 1 105 ? 8.106   -7.380  12.219  1.00 20.00 ? 208 UNK C CA 1 
ATOM 826  C CA . UNK C 1 106 ? 7.926   -3.701  13.493  1.00 20.00 ? 209 UNK C CA 1 
ATOM 827  C CA . UNK C 1 107 ? 4.085   -3.280  13.139  1.00 20.00 ? 210 UNK C CA 1 
ATOM 828  C CA . UNK C 1 108 ? 3.424   -6.685  14.744  1.00 20.00 ? 211 UNK C CA 1 
ATOM 829  C CA . UNK C 1 109 ? 5.178   -5.515  17.839  1.00 20.00 ? 212 UNK C CA 1 
ATOM 830  C CA . UNK C 1 110 ? 3.060   -2.378  18.089  1.00 20.00 ? 213 UNK C CA 1 
ATOM 831  C CA . UNK C 1 111 ? -0.244  -4.173  18.282  1.00 20.00 ? 214 UNK C CA 1 
ATOM 832  C CA . UNK C 1 112 ? 0.987   -6.183  21.256  1.00 20.00 ? 215 UNK C CA 1 
ATOM 833  C CA . UNK C 1 113 ? 1.715   -2.833  22.865  1.00 20.00 ? 216 UNK C CA 1 
ATOM 834  C CA . UNK C 1 114 ? -1.845  -1.800  21.958  1.00 20.00 ? 217 UNK C CA 1 
ATOM 835  C CA . UNK C 1 115 ? -3.458  -4.679  23.654  1.00 20.00 ? 218 UNK C CA 1 
ATOM 836  C CA . UNK C 1 116 ? -0.982  -4.478  26.591  1.00 20.00 ? 219 UNK C CA 1 
ATOM 837  C CA . UNK C 1 117 ? -2.212  -1.020  27.397  1.00 20.00 ? 220 UNK C CA 1 
ATOM 838  C CA . UNK C 1 118 ? -5.765  -2.169  26.970  1.00 20.00 ? 221 UNK C CA 1 
ATOM 839  C CA . UNK C 1 119 ? -5.778  -4.923  29.577  1.00 20.00 ? 222 UNK C CA 1 
ATOM 840  C CA . UNK C 1 120 ? -3.779  -2.760  31.827  1.00 20.00 ? 223 UNK C CA 1 
ATOM 841  C CA . UNK C 1 121 ? -6.165  0.286   31.808  1.00 20.00 ? 224 UNK C CA 1 
ATOM 842  C CA . UNK C 1 122 ? -9.303  -1.493  30.841  1.00 20.00 ? 225 UNK C CA 1 
ATOM 843  C CA . UNK C 1 123 ? -9.191  -5.106  32.091  1.00 20.00 ? 226 UNK C CA 1 
ATOM 844  C CA . UNK C 1 124 ? -11.700 -7.760  32.718  1.00 20.00 ? 227 UNK C CA 1 
ATOM 845  C CA . UNK C 1 125 ? -11.124 -10.388 35.420  1.00 20.00 ? 228 UNK C CA 1 
ATOM 846  C CA . UNK C 1 126 ? -13.684 -12.598 33.623  1.00 20.00 ? 229 UNK C CA 1 
ATOM 847  C CA . UNK C 1 127 ? -12.008 -14.543 30.874  1.00 20.00 ? 230 UNK C CA 1 
ATOM 848  C CA . UNK C 1 128 ? -8.272  -14.773 30.276  1.00 20.00 ? 231 UNK C CA 1 
ATOM 849  C CA . UNK C 1 129 ? -8.352  -10.980 30.060  1.00 20.00 ? 232 UNK C CA 1 
ATOM 850  C CA . UNK C 1 130 ? -6.445  -8.912  32.541  1.00 20.00 ? 233 UNK C CA 1 
ATOM 851  C CA . UNK C 1 131 ? -7.434  -7.490  35.694  1.00 20.00 ? 234 UNK C CA 1 
ATOM 852  C CA . UNK C 1 132 ? -5.968  -4.146  34.862  1.00 20.00 ? 235 UNK C CA 1 
ATOM 853  C CA . UNK C 1 133 ? -5.900  -0.843  36.589  1.00 20.00 ? 236 UNK C CA 1 
ATOM 854  C CA . UNK C 1 134 ? -9.619  -0.323  36.236  1.00 20.00 ? 237 UNK C CA 1 
ATOM 855  C CA . UNK C 1 135 ? -11.307 -3.466  37.559  1.00 20.00 ? 238 UNK C CA 1 
ATOM 856  C CA . UNK C 1 136 ? -9.299  -2.986  40.717  1.00 20.00 ? 239 UNK C CA 1 
ATOM 857  C CA . UNK C 1 137 ? -9.577  0.875   41.285  1.00 20.00 ? 240 UNK C CA 1 
ATOM 858  C CA . UNK C 1 138 ? -11.628 2.615   43.971  1.00 20.00 ? 241 UNK C CA 1 
ATOM 859  C CA . UNK C 1 139 ? -14.885 4.638   43.752  1.00 20.00 ? 242 UNK C CA 1 
ATOM 860  C CA . UNK C 1 140 ? -14.638 8.373   43.564  1.00 20.00 ? 243 UNK C CA 1 
ATOM 861  C CA . UNK C 1 141 ? -16.185 10.021  46.393  1.00 20.00 ? 244 UNK C CA 1 
ATOM 862  C CA . UNK C 1 142 ? -19.608 11.156  45.394  1.00 20.00 ? 245 UNK C CA 1 
ATOM 863  C CA . UNK C 1 143 ? -19.748 13.158  48.642  1.00 20.00 ? 246 UNK C CA 1 
ATOM 864  C CA . UNK C 1 144 ? -16.786 15.181  47.460  1.00 20.00 ? 247 UNK C CA 1 
ATOM 865  C CA . UNK C 1 145 ? -18.646 16.752  44.607  1.00 20.00 ? 248 UNK C CA 1 
ATOM 866  C CA . UNK C 1 146 ? -19.723 20.119  45.270  1.00 20.00 ? 249 UNK C CA 1 
ATOM 867  C CA . UNK C 1 147 ? -21.907 22.693  43.616  1.00 20.00 ? 250 UNK C CA 1 
ATOM 868  C CA . UNK C 1 148 ? -20.611 23.684  40.138  1.00 20.00 ? 251 UNK C CA 1 
ATOM 869  C CA . UNK C 1 149 ? -17.259 22.208  40.235  1.00 20.00 ? 252 UNK C CA 1 
ATOM 870  C CA . UNK C 1 150 ? -15.176 22.231  37.474  1.00 20.00 ? 253 UNK C CA 1 
ATOM 871  C CA . UNK C 1 151 ? -14.216 18.876  36.059  1.00 20.00 ? 254 UNK C CA 1 
ATOM 872  C CA . UNK C 1 152 ? -10.992 20.412  37.075  1.00 20.00 ? 255 UNK C CA 1 
ATOM 873  C CA . UNK C 1 153 ? -12.374 20.582  40.741  1.00 20.00 ? 256 UNK C CA 1 
ATOM 874  C CA . UNK C 1 154 ? -13.139 16.817  40.206  1.00 20.00 ? 257 UNK C CA 1 
ATOM 875  C CA . UNK C 1 155 ? -9.542  15.932  39.725  1.00 20.00 ? 258 UNK C CA 1 
ATOM 876  C CA . UNK C 1 156 ? -8.783  17.770  42.934  1.00 20.00 ? 259 UNK C CA 1 
ATOM 877  C CA . UNK C 1 157 ? -11.271 15.542  44.721  1.00 20.00 ? 260 UNK C CA 1 
ATOM 878  C CA . UNK C 1 158 ? -9.751  12.672  42.845  1.00 20.00 ? 261 UNK C CA 1 
ATOM 879  C CA . UNK C 1 159 ? -6.295  13.584  44.300  1.00 20.00 ? 262 UNK C CA 1 
ATOM 880  C CA . UNK C 1 160 ? -7.817  13.623  47.854  1.00 20.00 ? 263 UNK C CA 1 
ATOM 881  C CA . UNK C 1 161 ? -8.932  10.043  47.960  1.00 20.00 ? 264 UNK C CA 1 
ATOM 882  C CA . UNK C 1 162 ? -5.510  8.821   46.986  1.00 20.00 ? 265 UNK C CA 1 
ATOM 883  C CA . UNK C 1 163 ? -4.421  10.511  50.244  1.00 20.00 ? 266 UNK C CA 1 
ATOM 884  C CA . UNK C 1 164 ? -6.939  8.617   52.758  1.00 20.00 ? 267 UNK C CA 1 
ATOM 885  C CA . UNK C 1 165 ? -4.763  5.686   51.944  1.00 20.00 ? 268 UNK C CA 1 
ATOM 886  C CA . UNK C 1 166 ? -2.090  7.365   53.930  1.00 20.00 ? 269 UNK C CA 1 
ATOM 887  C CA . UNK C 1 167 ? -0.222  7.624   50.470  1.00 20.00 ? 270 UNK C CA 1 
ATOM 888  C CA . UNK C 1 168 ? 0.705   9.505   47.314  1.00 20.00 ? 271 UNK C CA 1 
ATOM 889  C CA . UNK C 1 169 ? -0.548  10.452  43.927  1.00 20.00 ? 272 UNK C CA 1 
ATOM 890  C CA . UNK C 1 170 ? 1.276   10.136  40.758  1.00 20.00 ? 273 UNK C CA 1 
ATOM 891  C CA . UNK C 1 171 ? -0.500  10.502  37.450  1.00 20.00 ? 274 UNK C CA 1 
ATOM 892  C CA . UNK C 1 172 ? -3.647  11.726  35.737  1.00 20.00 ? 275 UNK C CA 1 
ATOM 893  C CA . UNK C 1 173 ? -5.016  9.397   32.997  1.00 20.00 ? 276 UNK C CA 1 
ATOM 894  C CA . UNK C 1 174 ? -7.537  10.546  30.442  1.00 20.00 ? 277 UNK C CA 1 
ATOM 895  C CA . UNK C 1 175 ? -9.060  10.435  26.922  1.00 20.00 ? 278 UNK C CA 1 
ATOM 896  C CA . UNK C 1 176 ? -7.568  13.359  24.990  1.00 20.00 ? 279 UNK C CA 1 
ATOM 897  C CA . UNK C 1 177 ? -10.814 15.108  23.982  1.00 20.00 ? 280 UNK C CA 1 
ATOM 898  C CA . UNK C 1 178 ? -11.400 15.603  27.774  1.00 20.00 ? 281 UNK C CA 1 
ATOM 899  C CA . UNK C 1 179 ? -7.851  17.052  28.497  1.00 20.00 ? 282 UNK C CA 1 
ATOM 900  C CA . UNK C 1 180 ? -8.883  19.348  25.565  1.00 20.00 ? 283 UNK C CA 1 
ATOM 901  C CA . UNK C 1 181 ? -11.925 20.990  26.920  1.00 20.00 ? 284 UNK C CA 1 
ATOM 902  C CA . UNK C 1 182 ? -10.244 21.027  30.271  1.00 20.00 ? 285 UNK C CA 1 
ATOM 903  C CA . UNK C 1 183 ? -7.329  23.300  29.320  1.00 20.00 ? 286 UNK C CA 1 
ATOM 904  C CA . UNK C 1 184 ? -9.887  25.790  27.962  1.00 20.00 ? 287 UNK C CA 1 
ATOM 905  C CA . UNK C 1 185 ? -12.076 26.146  31.033  1.00 20.00 ? 288 UNK C CA 1 
ATOM 906  C CA . UNK C 1 186 ? -12.841 29.704  30.915  1.00 20.00 ? 289 UNK C CA 1 
ATOM 907  C CA . UNK C 1 187 ? -13.413 31.556  33.895  1.00 20.00 ? 290 UNK C CA 1 
ATOM 908  C CA . UNK C 1 188 ? -16.856 33.033  34.346  1.00 20.00 ? 291 UNK C CA 1 
ATOM 909  C CA . UNK C 1 189 ? -15.740 36.105  32.444  1.00 20.00 ? 292 UNK C CA 1 
ATOM 910  C CA . UNK C 1 190 ? -14.084 34.008  29.761  1.00 20.00 ? 293 UNK C CA 1 
ATOM 911  C CA . UNK C 1 191 ? -10.445 34.092  31.087  1.00 20.00 ? 294 UNK C CA 1 
ATOM 912  C CA . UNK C 1 192 ? -8.872  30.865  30.263  1.00 20.00 ? 295 UNK C CA 1 
ATOM 913  C CA . UNK C 1 193 ? -7.769  29.116  33.683  1.00 20.00 ? 296 UNK C CA 1 
ATOM 914  C CA . UNK C 1 194 ? -4.991  27.394  31.840  1.00 20.00 ? 297 UNK C CA 1 
ATOM 915  C CA . UNK C 1 195 ? -3.166  28.856  28.899  1.00 20.00 ? 298 UNK C CA 1 
ATOM 916  C CA . UNK C 1 196 ? -5.173  31.827  27.879  1.00 20.00 ? 299 UNK C CA 1 
ATOM 917  C CA . UNK C 1 197 ? -4.346  32.916  24.194  1.00 20.00 ? 300 UNK C CA 1 
ATOM 918  C CA . UNK C 1 198 ? -0.587  32.380  23.676  1.00 20.00 ? 301 UNK C CA 1 
ATOM 919  C CA . UNK C 1 199 ? 0.161   28.709  24.270  1.00 20.00 ? 302 UNK C CA 1 
ATOM 920  C CA . UNK C 1 200 ? -1.029  25.422  25.566  1.00 20.00 ? 303 UNK C CA 1 
ATOM 921  C CA . UNK C 1 201 ? -0.764  24.084  28.957  1.00 20.00 ? 304 UNK C CA 1 
ATOM 922  C CA . UNK C 1 202 ? 2.339   22.441  29.973  1.00 20.00 ? 305 UNK C CA 1 
ATOM 923  C CA . UNK C 1 203 ? 0.399   19.196  30.628  1.00 20.00 ? 306 UNK C CA 1 
ATOM 924  C CA . UNK C 1 204 ? 0.307   19.488  34.380  1.00 20.00 ? 307 UNK C CA 1 
ATOM 925  C CA . UNK C 1 205 ? -2.967  19.341  36.355  1.00 20.00 ? 308 UNK C CA 1 
ATOM 926  C CA . UNK C 1 206 ? -2.788  20.040  40.088  1.00 20.00 ? 309 UNK C CA 1 
ATOM 927  C CA . UNK C 1 207 ? 0.928   19.577  40.318  1.00 20.00 ? 310 UNK C CA 1 
ATOM 928  C CA . UNK C 1 208 ? 1.105   16.134  38.732  1.00 20.00 ? 311 UNK C CA 1 
ATOM 929  C CA . UNK C 1 209 ? 1.307   14.359  35.414  1.00 20.00 ? 312 UNK C CA 1 
ATOM 930  C CA . UNK C 1 210 ? -1.653  14.488  32.951  1.00 20.00 ? 313 UNK C CA 1 
ATOM 931  C CA . UNK C 1 211 ? -1.519  11.678  30.572  1.00 20.00 ? 314 UNK C CA 1 
ATOM 932  C CA . UNK C 1 212 ? -3.149  11.541  27.022  1.00 20.00 ? 315 UNK C CA 1 
ATOM 933  C CA . UNK C 1 213 ? -4.479  8.252   25.825  1.00 20.00 ? 316 UNK C CA 1 
ATOM 934  C CA . UNK C 1 214 ? -7.324  6.754   23.754  1.00 20.00 ? 317 UNK C CA 1 
ATOM 935  C CA . UNK C 1 215 ? -6.778  3.820   25.818  1.00 20.00 ? 318 UNK C CA 1 
ATOM 936  C CA . UNK C 1 216 ? -9.169  5.785   28.130  1.00 20.00 ? 319 UNK C CA 1 
ATOM 937  C CA . UNK C 1 217 ? -12.778 6.264   27.128  1.00 20.00 ? 320 UNK C CA 1 
ATOM 938  C CA . UNK C 1 218 ? -14.745 9.427   27.526  1.00 20.00 ? 321 UNK C CA 1 
ATOM 939  C CA . UNK C 1 219 ? -16.096 10.167  30.948  1.00 20.00 ? 322 UNK C CA 1 
ATOM 940  C CA . UNK C 1 220 ? -13.808 7.487   32.382  1.00 20.00 ? 323 UNK C CA 1 
ATOM 941  C CA . UNK C 1 221 ? -10.921 9.098   34.369  1.00 20.00 ? 324 UNK C CA 1 
ATOM 942  C CA . UNK C 1 222 ? -7.911  7.509   36.237  1.00 20.00 ? 325 UNK C CA 1 
ATOM 943  C CA . UNK C 1 223 ? -5.809  9.065   39.108  1.00 20.00 ? 326 UNK C CA 1 
ATOM 944  C CA . UNK C 1 224 ? -3.519  6.648   40.683  1.00 20.00 ? 327 UNK C CA 1 
ATOM 945  C CA . UNK C 1 225 ? -1.205  5.812   43.534  1.00 20.00 ? 328 UNK C CA 1 
ATOM 946  C CA . UNK C 1 226 ? 0.765   4.935   40.425  1.00 20.00 ? 329 UNK C CA 1 
ATOM 947  C CA . UNK C 1 227 ? 4.477   3.982   41.078  1.00 20.00 ? 330 UNK C CA 1 
ATOM 948  C CA . UNK C 1 228 ? 4.176   1.909   44.260  1.00 20.00 ? 331 UNK C CA 1 
ATOM 949  C CA . UNK C 1 229 ? 0.462   0.780   43.949  1.00 20.00 ? 332 UNK C CA 1 
ATOM 950  C CA . UNK C 1 230 ? 0.953   -2.000  41.252  1.00 20.00 ? 333 UNK C CA 1 
ATOM 951  C CA . UNK C 1 231 ? 3.621   -4.060  39.380  1.00 20.00 ? 334 UNK C CA 1 
ATOM 952  C CA . UNK C 1 232 ? 4.115   -5.547  35.841  1.00 20.00 ? 335 UNK C CA 1 
ATOM 953  C CA . UNK C 1 233 ? 6.156   -8.515  34.980  1.00 20.00 ? 336 UNK C CA 1 
ATOM 954  C CA . UNK C 1 234 ? 6.848   -10.415 31.933  1.00 20.00 ? 337 UNK C CA 1 
ATOM 955  C CA . UNK C 1 235 ? 7.824   -13.889 31.070  1.00 20.00 ? 338 UNK C CA 1 
ATOM 956  C CA . UNK C 1 236 ? 8.739   -13.803 27.331  1.00 20.00 ? 339 UNK C CA 1 
ATOM 957  C CA . UNK C 1 237 ? 9.906   -10.473 26.541  1.00 20.00 ? 340 UNK C CA 1 
ATOM 958  C CA . UNK C 1 238 ? 8.251   -10.382 23.023  1.00 20.00 ? 341 UNK C CA 1 
ATOM 959  C CA . UNK C 1 239 ? 9.344   -12.343 20.078  1.00 20.00 ? 342 UNK C CA 1 
ATOM 960  C CA . UNK C 1 240 ? 8.896   -12.307 16.317  1.00 20.00 ? 343 UNK C CA 1 
ATOM 961  C CA . UNK C 1 241 ? 9.364   -15.993 14.922  1.00 20.00 ? 344 UNK C CA 1 
ATOM 962  C CA . UNK C 1 242 ? 8.787   -16.952 11.270  1.00 20.00 ? 345 UNK C CA 1 
ATOM 963  C CA . UNK C 1 243 ? 7.561   -20.516 10.432  1.00 20.00 ? 346 UNK C CA 1 
ATOM 964  C CA . UNK C 1 244 ? 7.106   -21.779 6.945   1.00 20.00 ? 347 UNK C CA 1 
ATOM 965  C CA . UNK C 1 245 ? 5.385   -24.794 8.148   1.00 20.00 ? 348 UNK C CA 1 
ATOM 966  C CA . UNK C 1 246 ? 2.116   -23.894 9.995   1.00 20.00 ? 349 UNK C CA 1 
ATOM 967  C CA . UNK C 1 247 ? -0.964  -25.647 8.785   1.00 20.00 ? 350 UNK C CA 1 
ATOM 968  C CA . UNK C 1 248 ? -0.890  -25.755 4.951   1.00 20.00 ? 351 UNK C CA 1 
ATOM 969  C CA . UNK C 1 249 ? 1.826   -23.071 4.618   1.00 20.00 ? 352 UNK C CA 1 
ATOM 970  C CA . UNK C 1 250 ? 4.126   -25.336 2.488   1.00 20.00 ? 353 UNK C CA 1 
ATOM 971  C CA . UNK C 1 251 ? 1.696   -26.873 0.120   1.00 20.00 ? 354 UNK C CA 1 
ATOM 972  C CA . UNK C 1 252 ? 0.142   -23.478 -0.570  1.00 20.00 ? 355 UNK C CA 1 
ATOM 973  C CA . UNK C 1 253 ? 3.526   -21.751 -1.094  1.00 20.00 ? 356 UNK C CA 1 
ATOM 974  C CA . UNK C 1 254 ? 2.722   -19.449 1.912   1.00 20.00 ? 357 UNK C CA 1 
ATOM 975  C CA . UNK C 1 255 ? 4.581   -18.412 5.272   1.00 20.00 ? 358 UNK C CA 1 
ATOM 976  C CA . UNK C 1 256 ? 3.566   -17.790 9.039   1.00 20.00 ? 359 UNK C CA 1 
ATOM 977  C CA . UNK C 1 257 ? 4.852   -15.163 11.662  1.00 20.00 ? 360 UNK C CA 1 
ATOM 978  C CA . UNK C 1 258 ? 4.117   -14.988 15.390  1.00 20.00 ? 361 UNK C CA 1 
ATOM 979  C CA . UNK C 1 259 ? 4.755   -12.516 18.160  1.00 20.00 ? 362 UNK C CA 1 
ATOM 980  C CA . UNK C 1 260 ? 3.739   -13.264 21.640  1.00 20.00 ? 363 UNK C CA 1 
ATOM 981  C CA . UNK C 1 261 ? 4.222   -11.566 24.973  1.00 20.00 ? 364 UNK C CA 1 
ATOM 982  C CA . UNK C 1 262 ? 3.922   -13.326 28.342  1.00 20.00 ? 365 UNK C CA 1 
ATOM 983  C CA . UNK C 1 263 ? 2.549   -10.871 30.834  1.00 20.00 ? 366 UNK C CA 1 
ATOM 984  C CA . UNK C 1 264 ? 1.552   -10.676 34.551  1.00 20.00 ? 367 UNK C CA 1 
ATOM 985  C CA . UNK C 1 265 ? -0.407  -7.883  36.505  1.00 20.00 ? 368 UNK C CA 1 
ATOM 986  C CA . UNK C 1 266 ? -0.175  -7.385  40.163  1.00 20.00 ? 369 UNK C CA 1 
ATOM 987  C CA . UNK C 1 267 ? -2.074  -5.049  42.313  1.00 20.00 ? 370 UNK C CA 1 
ATOM 988  C CA . UNK C 1 268 ? -0.226  -4.325  45.490  1.00 20.00 ? 371 UNK C CA 1 
ATOM 989  C CA . UNK C 1 269 ? -2.329  -1.524  46.631  1.00 20.00 ? 372 UNK C CA 1 
ATOM 990  C CA . UNK C 1 270 ? -6.056  -1.162  45.984  1.00 20.00 ? 373 UNK C CA 1 
ATOM 991  C CA . UNK C 1 271 ? -6.587  1.984   47.997  1.00 20.00 ? 374 UNK C CA 1 
ATOM 992  C CA . UNK C 1 272 ? -4.054  3.764   45.742  1.00 20.00 ? 375 UNK C CA 1 
ATOM 993  C CA . UNK C 1 273 ? -6.164  4.072   42.528  1.00 20.00 ? 376 UNK C CA 1 
ATOM 994  C CA . UNK C 1 274 ? -9.549  5.889   41.792  1.00 20.00 ? 377 UNK C CA 1 
ATOM 995  C CA . UNK C 1 275 ? -11.751 6.271   38.782  1.00 20.00 ? 378 UNK C CA 1 
ATOM 996  C CA . UNK C 1 276 ? -13.697 9.146   37.439  1.00 20.00 ? 379 UNK C CA 1 
ATOM 997  C CA . UNK C 1 277 ? -17.065 8.954   35.735  1.00 20.00 ? 380 UNK C CA 1 
ATOM 998  C CA . UNK C 1 278 ? -17.712 12.417  34.584  1.00 20.00 ? 381 UNK C CA 1 
ATOM 999  C CA . UNK C 1 279 ? -21.427 13.369  34.457  1.00 20.00 ? 382 UNK C CA 1 
ATOM 1000 C CA . UNK C 1 280 ? -22.440 16.264  32.232  1.00 20.00 ? 383 UNK C CA 1 
ATOM 1001 C CA . UNK C 1 281 ? -11.726 -20.273 58.105  1.00 20.00 ? 757 UNK C CA 1 
ATOM 1002 C CA . UNK C 1 282 ? -12.406 -16.532 58.432  1.00 20.00 ? 758 UNK C CA 1 
ATOM 1003 C CA . UNK C 1 283 ? -9.088  -15.482 56.919  1.00 20.00 ? 759 UNK C CA 1 
ATOM 1004 C CA . UNK C 1 284 ? -9.993  -17.154 53.639  1.00 20.00 ? 760 UNK C CA 1 
ATOM 1005 C CA . UNK C 1 285 ? -13.490 -15.939 52.856  1.00 20.00 ? 761 UNK C CA 1 
ATOM 1006 C CA . UNK C 1 286 ? -14.073 -16.664 49.172  1.00 20.00 ? 762 UNK C CA 1 
ATOM 1007 C CA . UNK C 1 287 ? -15.450 -14.141 46.674  1.00 20.00 ? 763 UNK C CA 1 
ATOM 1008 C CA . UNK C 1 288 ? -17.948 -16.256 44.722  1.00 20.00 ? 764 UNK C CA 1 
ATOM 1009 C CA . UNK C 1 289 ? -17.431 -14.485 41.406  1.00 20.00 ? 765 UNK C CA 1 
ATOM 1010 C CA . UNK C 1 290 ? -13.624 -14.585 41.348  1.00 20.00 ? 766 UNK C CA 1 
ATOM 1011 C CA . UNK C 1 291 ? -12.508 -17.320 43.740  1.00 20.00 ? 767 UNK C CA 1 
ATOM 1012 C CA . UNK C 1 292 ? -10.240 -14.859 45.540  1.00 20.00 ? 768 UNK C CA 1 
ATOM 1013 C CA . UNK C 1 293 ? -9.854  -15.733 49.240  1.00 20.00 ? 769 UNK C CA 1 
ATOM 1014 C CA . UNK C 1 294 ? -9.231  -13.224 52.002  1.00 20.00 ? 770 UNK C CA 1 
ATOM 1015 C CA . UNK C 1 295 ? -11.019 -10.948 54.449  1.00 20.00 ? 771 UNK C CA 1 
ATOM 1016 C CA . UNK C 1 296 ? -14.565 -9.733  53.789  1.00 20.00 ? 772 UNK C CA 1 
ATOM 1017 C CA . UNK C 1 297 ? -14.472 -6.605  51.593  1.00 20.00 ? 773 UNK C CA 1 
ATOM 1018 C CA . UNK C 1 298 ? -15.495 -3.342  53.296  1.00 20.00 ? 774 UNK C CA 1 
ATOM 1019 C CA . UNK C 1 299 ? -17.183 -2.166  50.085  1.00 20.00 ? 775 UNK C CA 1 
ATOM 1020 C CA . UNK C 1 300 ? -20.177 -4.314  49.187  1.00 20.00 ? 776 UNK C CA 1 
ATOM 1021 C CA . UNK C 1 301 ? -21.790 -4.850  45.831  1.00 20.00 ? 777 UNK C CA 1 
ATOM 1022 C CA . UNK C 1 302 ? -25.373 -5.361  47.031  1.00 20.00 ? 778 UNK C CA 1 
ATOM 1023 C CA . UNK C 1 303 ? -26.273 -9.052  46.822  1.00 20.00 ? 779 UNK C CA 1 
ATOM 1024 C CA . UNK C 1 304 ? -22.642 -9.916  46.243  1.00 20.00 ? 780 UNK C CA 1 
ATOM 1025 C CA . UNK C 1 305 ? -21.895 -13.422 47.517  1.00 20.00 ? 781 UNK C CA 1 
ATOM 1026 C CA . UNK C 1 306 ? -19.061 -15.049 49.465  1.00 20.00 ? 782 UNK C CA 1 
ATOM 1027 C CA . UNK C 1 307 ? -18.400 -18.612 50.610  1.00 20.00 ? 783 UNK C CA 1 
ATOM 1028 C CA . UNK C 1 308 ? -17.559 -19.278 54.261  1.00 20.00 ? 784 UNK C CA 1 
ATOM 1029 C CA . UNK C 1 309 ? -15.712 -22.501 55.050  1.00 20.00 ? 785 UNK C CA 1 
ATOM 1030 C CA . UNK C 1 310 ? -15.954 -24.359 58.336  1.00 20.00 ? 786 UNK C CA 1 
ATOM 1031 C CA . UNK C 1 311 ? -13.701 -27.160 59.541  1.00 20.00 ? 787 UNK C CA 1 
ATOM 1032 C CA . UNK C 1 312 ? -13.705 -29.477 62.521  1.00 20.00 ? 788 UNK C CA 1 
ATOM 1033 C CA . UNK C 1 313 ? -16.585 -31.053 64.388  1.00 20.00 ? 789 UNK C CA 1 
ATOM 1034 C CA . UNK C 1 314 ? -18.061 -34.133 62.723  1.00 20.00 ? 790 UNK C CA 1 
ATOM 1035 C CA . UNK C 1 315 ? -18.130 -32.386 59.356  1.00 20.00 ? 791 UNK C CA 1 
ATOM 1036 C CA . UNK C 1 316 ? -21.925 -32.028 59.125  1.00 20.00 ? 792 UNK C CA 1 
ATOM 1037 C CA . UNK C 1 317 ? -22.684 -28.287 59.161  1.00 20.00 ? 793 UNK C CA 1 
ATOM 1038 C CA . UNK C 1 318 ? -25.776 -26.071 59.407  1.00 20.00 ? 794 UNK C CA 1 
ATOM 1039 C CA . UNK C 1 319 ? -25.468 -22.289 58.951  1.00 20.00 ? 795 UNK C CA 1 
ATOM 1040 C CA . UNK C 1 320 ? -27.525 -19.329 60.136  1.00 20.00 ? 796 UNK C CA 1 
ATOM 1041 C CA . UNK C 1 321 ? -27.432 -15.546 60.255  1.00 20.00 ? 797 UNK C CA 1 
ATOM 1042 C CA . UNK C 1 322 ? -28.354 -13.534 63.331  1.00 20.00 ? 798 UNK C CA 1 
ATOM 1043 C CA . UNK C 1 323 ? -29.897 -10.949 60.985  1.00 20.00 ? 799 UNK C CA 1 
ATOM 1044 C CA . UNK C 1 324 ? -30.846 -12.064 57.427  1.00 20.00 ? 800 UNK C CA 1 
ATOM 1045 C CA . UNK C 1 325 ? -31.783 -8.452  56.615  1.00 20.00 ? 801 UNK C CA 1 
ATOM 1046 C CA . UNK C 1 326 ? -28.105 -7.509  56.729  1.00 20.00 ? 802 UNK C CA 1 
ATOM 1047 C CA . UNK C 1 327 ? -26.763 -10.739 55.284  1.00 20.00 ? 803 UNK C CA 1 
ATOM 1048 C CA . UNK C 1 328 ? -28.376 -14.113 54.637  1.00 20.00 ? 804 UNK C CA 1 
ATOM 1049 C CA . UNK C 1 329 ? -26.702 -17.516 54.460  1.00 20.00 ? 805 UNK C CA 1 
ATOM 1050 C CA . UNK C 1 330 ? -27.583 -20.788 52.732  1.00 20.00 ? 806 UNK C CA 1 
ATOM 1051 C CA . UNK C 1 331 ? -28.195 -23.145 55.667  1.00 20.00 ? 807 UNK C CA 1 
ATOM 1052 C CA . UNK C 1 332 ? -26.391 -26.004 53.912  1.00 20.00 ? 808 UNK C CA 1 
ATOM 1053 C CA . UNK C 1 333 ? -23.613 -24.462 51.779  1.00 20.00 ? 809 UNK C CA 1 
ATOM 1054 C CA . UNK C 1 334 ? -22.358 -21.634 53.961  1.00 20.00 ? 810 UNK C CA 1 
ATOM 1055 C CA . UNK C 1 335 ? -22.704 -19.218 51.070  1.00 20.00 ? 811 UNK C CA 1 
ATOM 1056 C CA . UNK C 1 336 ? -23.496 -15.720 52.311  1.00 20.00 ? 812 UNK C CA 1 
ATOM 1057 C CA . UNK C 1 337 ? -25.345 -12.993 50.427  1.00 20.00 ? 813 UNK C CA 1 
ATOM 1058 C CA . UNK C 1 338 ? -24.684 -9.418  51.562  1.00 20.00 ? 814 UNK C CA 1 
ATOM 1059 C CA . UNK C 1 339 ? -27.843 -7.290  51.560  1.00 20.00 ? 815 UNK C CA 1 
ATOM 1060 C CA . UNK C 1 340 ? -27.734 -4.123  53.688  1.00 20.00 ? 816 UNK C CA 1 
ATOM 1061 C CA . UNK C 1 341 ? -25.202 -2.024  55.573  1.00 20.00 ? 817 UNK C CA 1 
ATOM 1062 C CA . UNK C 1 342 ? -24.861 -3.262  59.125  1.00 20.00 ? 818 UNK C CA 1 
ATOM 1063 C CA . UNK C 1 343 ? -23.130 -5.752  61.367  1.00 20.00 ? 819 UNK C CA 1 
ATOM 1064 C CA . UNK C 1 344 ? -24.336 -9.244  62.193  1.00 20.00 ? 820 UNK C CA 1 
ATOM 1065 C CA . UNK C 1 345 ? -22.924 -12.693 62.820  1.00 20.00 ? 821 UNK C CA 1 
ATOM 1066 C CA . UNK C 1 346 ? -22.919 -15.879 60.748  1.00 20.00 ? 822 UNK C CA 1 
ATOM 1067 C CA . UNK C 1 347 ? -22.852 -19.040 62.834  1.00 20.00 ? 823 UNK C CA 1 
ATOM 1068 C CA . UNK C 1 348 ? -22.213 -22.645 61.892  1.00 20.00 ? 824 UNK C CA 1 
ATOM 1069 C CA . UNK C 1 349 ? -23.069 -25.658 64.026  1.00 20.00 ? 825 UNK C CA 1 
ATOM 1070 C CA . UNK C 1 350 ? -21.904 -29.252 63.595  1.00 20.00 ? 826 UNK C CA 1 
ATOM 1071 C CA . UNK C 1 351 ? -24.108 -32.204 64.546  1.00 20.00 ? 827 UNK C CA 1 
ATOM 1072 C CA . UNK C 1 352 ? -21.635 -33.379 67.193  1.00 20.00 ? 828 UNK C CA 1 
ATOM 1073 C CA . UNK C 1 353 ? -22.873 -30.261 68.994  1.00 20.00 ? 829 UNK C CA 1 
ATOM 1074 C CA . UNK C 1 354 ? -20.434 -27.388 68.462  1.00 20.00 ? 830 UNK C CA 1 
ATOM 1075 C CA . UNK C 1 355 ? -20.808 -23.783 67.342  1.00 20.00 ? 831 UNK C CA 1 
ATOM 1076 C CA . UNK C 1 356 ? -18.398 -21.398 65.588  1.00 20.00 ? 832 UNK C CA 1 
ATOM 1077 C CA . UNK C 1 357 ? -19.231 -17.830 64.582  1.00 20.00 ? 833 UNK C CA 1 
ATOM 1078 C CA . UNK C 1 358 ? -17.974 -15.097 62.270  1.00 20.00 ? 834 UNK C CA 1 
ATOM 1079 C CA . UNK C 1 359 ? -18.942 -11.452 62.693  1.00 20.00 ? 835 UNK C CA 1 
ATOM 1080 C CA . UNK C 1 360 ? -19.679 -9.395  59.601  1.00 20.00 ? 836 UNK C CA 1 
# 
